data_3BZW
#
_entry.id   3BZW
#
_cell.length_a   104.225
_cell.length_b   107.548
_cell.length_c   144.919
_cell.angle_alpha   90.00
_cell.angle_beta   90.00
_cell.angle_gamma   90.00
#
_symmetry.space_group_name_H-M   'P 21 21 21'
#
loop_
_entity.id
_entity.type
_entity.pdbx_description
1 polymer 'Putative lipase'
2 non-polymer 'ACETATE ION'
3 non-polymer 'SULFATE ION'
4 water water
#
_entity_poly.entity_id   1
_entity_poly.type   'polypeptide(L)'
_entity_poly.pdbx_seq_one_letter_code
;(MSE)SLEQASVTNDFSENKQGCIQHPWQGKKVGYIGDSITDPNCYGDNIKKYWDFLKEWLGITPFVYGISGRQWDDVPR
QAEKLKKEHGGEVDAILVF(MSE)GTNDYNSSVPIGEWFTEQEEQVLSAHGE(MSE)KK(MSE)VTRKKRTPV(MSE)TQ
DTYRGRINIGITQLKKLFPDKQIVLLTPLHRSLANFGDKNVQPDESYQNGCGEYIDAYVQAIKEAGNIWGIPVIDFNAVT
G(MSE)NP(MSE)VEEQLIYFYDAGYDRLHPDTKGQER(MSE)ARTL(MSE)YQLLALPVAFEGHHHHHH
;
_entity_poly.pdbx_strand_id   A,B,C,D,E,F
#
# COMPACT_ATOMS: atom_id res chain seq x y z
N CYS A 19 25.06 39.94 -11.56
CA CYS A 19 25.00 39.37 -12.95
C CYS A 19 25.81 38.07 -13.03
N ILE A 20 25.10 36.95 -13.10
CA ILE A 20 25.76 35.65 -13.19
C ILE A 20 25.98 35.27 -14.65
N GLN A 21 27.15 34.73 -14.94
CA GLN A 21 27.47 34.32 -16.31
C GLN A 21 27.32 32.81 -16.40
N HIS A 22 26.85 32.33 -17.54
CA HIS A 22 26.67 30.89 -17.72
C HIS A 22 28.02 30.20 -17.55
N PRO A 23 28.11 29.24 -16.61
CA PRO A 23 29.34 28.49 -16.33
C PRO A 23 29.95 27.69 -17.47
N TRP A 24 29.17 27.46 -18.54
CA TRP A 24 29.67 26.70 -19.68
C TRP A 24 30.09 27.61 -20.84
N GLN A 25 29.85 28.91 -20.67
CA GLN A 25 30.20 29.89 -21.69
C GLN A 25 31.67 29.81 -22.08
N GLY A 26 31.92 29.67 -23.39
CA GLY A 26 33.28 29.61 -23.90
C GLY A 26 34.09 28.37 -23.59
N LYS A 27 33.48 27.37 -22.98
CA LYS A 27 34.19 26.15 -22.62
C LYS A 27 34.29 25.15 -23.77
N LYS A 28 35.18 24.17 -23.61
CA LYS A 28 35.36 23.14 -24.63
C LYS A 28 34.76 21.87 -24.07
N VAL A 29 33.80 21.31 -24.81
CA VAL A 29 33.09 20.11 -24.36
C VAL A 29 33.20 18.90 -25.26
N GLY A 30 33.38 17.74 -24.64
CA GLY A 30 33.46 16.51 -25.41
C GLY A 30 32.07 15.89 -25.39
N TYR A 31 31.57 15.50 -26.57
CA TYR A 31 30.24 14.90 -26.64
C TYR A 31 30.31 13.43 -27.05
N ILE A 32 29.98 12.56 -26.10
CA ILE A 32 30.01 11.11 -26.30
C ILE A 32 28.60 10.57 -26.50
N GLY A 33 28.43 9.69 -27.49
CA GLY A 33 27.11 9.12 -27.71
C GLY A 33 26.88 8.32 -28.99
N ASP A 34 25.67 8.43 -29.53
CA ASP A 34 25.29 7.70 -30.73
C ASP A 34 24.89 8.59 -31.90
N SER A 35 24.00 8.11 -32.75
CA SER A 35 23.58 8.87 -33.93
C SER A 35 22.94 10.22 -33.63
N ILE A 36 22.28 10.33 -32.49
CA ILE A 36 21.63 11.59 -32.14
C ILE A 36 22.68 12.67 -31.86
N THR A 37 23.92 12.24 -31.68
CA THR A 37 25.04 13.15 -31.44
C THR A 37 25.97 13.21 -32.67
N ASP A 38 26.00 12.11 -33.43
CA ASP A 38 26.82 11.97 -34.64
C ASP A 38 26.56 13.10 -35.65
N PRO A 39 27.61 13.81 -36.07
CA PRO A 39 27.44 14.90 -37.04
C PRO A 39 26.88 14.39 -38.37
N ASN A 40 27.13 13.11 -38.65
CA ASN A 40 26.69 12.48 -39.89
C ASN A 40 25.23 12.04 -39.96
N CYS A 41 24.50 12.15 -38.86
CA CYS A 41 23.10 11.74 -38.86
C CYS A 41 22.30 12.55 -39.87
N TYR A 42 21.96 11.92 -40.99
CA TYR A 42 21.23 12.56 -42.09
C TYR A 42 22.03 13.74 -42.65
N GLY A 43 23.35 13.65 -42.51
CA GLY A 43 24.24 14.69 -43.00
C GLY A 43 23.89 16.08 -42.54
N ASP A 44 23.83 17.02 -43.48
CA ASP A 44 23.52 18.40 -43.18
C ASP A 44 22.03 18.67 -43.07
N ASN A 45 21.21 17.62 -43.13
CA ASN A 45 19.77 17.80 -43.00
C ASN A 45 19.38 18.08 -41.56
N ILE A 46 20.30 17.79 -40.64
CA ILE A 46 20.06 18.01 -39.22
C ILE A 46 21.18 18.80 -38.56
N LYS A 47 20.82 19.87 -37.87
CA LYS A 47 21.79 20.68 -37.14
C LYS A 47 21.70 20.11 -35.72
N LYS A 48 22.82 19.60 -35.22
CA LYS A 48 22.84 18.97 -33.89
C LYS A 48 22.91 19.92 -32.69
N TYR A 49 22.45 19.40 -31.54
CA TYR A 49 22.41 20.19 -30.32
C TYR A 49 23.73 20.87 -29.94
N TRP A 50 24.85 20.19 -30.14
CA TRP A 50 26.13 20.78 -29.81
C TRP A 50 26.50 21.93 -30.74
N ASP A 51 25.88 21.95 -31.92
CA ASP A 51 26.14 23.00 -32.90
C ASP A 51 25.42 24.28 -32.43
N PHE A 52 24.25 24.10 -31.82
CA PHE A 52 23.50 25.23 -31.30
C PHE A 52 24.20 25.80 -30.07
N LEU A 53 24.76 24.91 -29.25
CA LEU A 53 25.46 25.35 -28.05
C LEU A 53 26.74 26.08 -28.44
N LYS A 54 27.34 25.68 -29.55
CA LYS A 54 28.54 26.33 -30.04
C LYS A 54 28.18 27.77 -30.37
N GLU A 55 27.05 27.92 -31.04
CA GLU A 55 26.51 29.21 -31.47
C GLU A 55 26.05 30.11 -30.32
N TRP A 56 25.28 29.55 -29.40
CA TRP A 56 24.73 30.31 -28.29
C TRP A 56 25.66 30.59 -27.12
N LEU A 57 26.53 29.64 -26.80
CA LEU A 57 27.44 29.80 -25.66
C LEU A 57 28.92 29.80 -26.02
N GLY A 58 29.23 29.72 -27.30
CA GLY A 58 30.63 29.71 -27.72
C GLY A 58 31.37 28.49 -27.23
N ILE A 59 30.67 27.37 -27.15
CA ILE A 59 31.25 26.12 -26.69
C ILE A 59 31.86 25.31 -27.83
N THR A 60 33.17 25.05 -27.73
CA THR A 60 33.87 24.27 -28.76
C THR A 60 33.52 22.80 -28.57
N PRO A 61 32.95 22.17 -29.60
CA PRO A 61 32.59 20.75 -29.49
C PRO A 61 33.59 19.75 -30.03
N PHE A 62 33.89 18.74 -29.21
CA PHE A 62 34.77 17.65 -29.62
C PHE A 62 33.78 16.49 -29.62
N VAL A 63 33.25 16.18 -30.80
CA VAL A 63 32.23 15.14 -30.94
C VAL A 63 32.73 13.75 -31.30
N TYR A 64 32.34 12.77 -30.51
CA TYR A 64 32.75 11.39 -30.74
C TYR A 64 31.59 10.44 -30.95
N GLY A 65 30.37 10.93 -30.79
CA GLY A 65 29.21 10.09 -30.99
C GLY A 65 29.15 9.52 -32.39
N ILE A 66 28.80 8.25 -32.49
CA ILE A 66 28.71 7.57 -33.79
C ILE A 66 27.42 6.77 -33.88
N SER A 67 26.79 6.81 -35.04
CA SER A 67 25.54 6.09 -35.27
C SER A 67 25.60 4.64 -34.84
N GLY A 68 24.58 4.22 -34.08
CA GLY A 68 24.47 2.85 -33.63
C GLY A 68 25.30 2.39 -32.43
N ARG A 69 26.14 3.26 -31.89
CA ARG A 69 26.95 2.85 -30.75
C ARG A 69 26.16 2.69 -29.46
N GLN A 70 26.67 1.84 -28.57
CA GLN A 70 26.03 1.55 -27.29
C GLN A 70 26.95 1.93 -26.14
N TRP A 71 26.49 1.73 -24.90
CA TRP A 71 27.29 2.08 -23.75
C TRP A 71 28.64 1.36 -23.68
N ASP A 72 28.81 0.29 -24.46
CA ASP A 72 30.08 -0.44 -24.43
C ASP A 72 31.16 0.33 -25.20
N ASP A 73 30.75 1.37 -25.92
CA ASP A 73 31.67 2.17 -26.71
C ASP A 73 32.11 3.45 -25.98
N VAL A 74 31.61 3.66 -24.77
CA VAL A 74 31.97 4.86 -24.01
C VAL A 74 33.47 4.97 -23.70
N PRO A 75 34.11 3.86 -23.26
CA PRO A 75 35.54 3.92 -22.97
C PRO A 75 36.37 4.32 -24.21
N ARG A 76 36.04 3.72 -25.35
CA ARG A 76 36.77 4.01 -26.59
C ARG A 76 36.63 5.47 -26.99
N GLN A 77 35.41 6.00 -26.87
CA GLN A 77 35.18 7.40 -27.22
C GLN A 77 35.90 8.32 -26.22
N ALA A 78 35.89 7.94 -24.94
CA ALA A 78 36.55 8.74 -23.92
C ALA A 78 38.06 8.73 -24.15
N GLU A 79 38.58 7.56 -24.52
CA GLU A 79 40.01 7.42 -24.79
C GLU A 79 40.44 8.26 -25.98
N LYS A 80 39.61 8.29 -27.02
CA LYS A 80 39.93 9.06 -28.21
C LYS A 80 39.90 10.55 -27.88
N LEU A 81 38.93 10.94 -27.05
CA LEU A 81 38.81 12.33 -26.64
C LEU A 81 40.07 12.74 -25.88
N LYS A 82 40.52 11.89 -24.96
CA LYS A 82 41.71 12.16 -24.16
C LYS A 82 42.92 12.31 -25.08
N LYS A 83 43.06 11.36 -26.00
CA LYS A 83 44.18 11.36 -26.94
C LYS A 83 44.24 12.61 -27.81
N GLU A 84 43.12 12.95 -28.44
CA GLU A 84 43.09 14.10 -29.34
C GLU A 84 42.91 15.47 -28.70
N HIS A 85 42.23 15.55 -27.55
CA HIS A 85 41.99 16.84 -26.92
C HIS A 85 42.12 16.86 -25.40
N GLY A 86 42.84 15.89 -24.85
CA GLY A 86 43.02 15.80 -23.42
C GLY A 86 43.36 17.11 -22.72
N GLY A 87 44.29 17.87 -23.28
CA GLY A 87 44.67 19.13 -22.65
C GLY A 87 43.79 20.32 -22.94
N GLU A 88 42.77 20.13 -23.77
CA GLU A 88 41.86 21.22 -24.12
C GLU A 88 40.47 21.09 -23.50
N VAL A 89 39.97 19.87 -23.41
CA VAL A 89 38.62 19.64 -22.90
C VAL A 89 38.37 20.10 -21.46
N ASP A 90 37.20 20.72 -21.25
CA ASP A 90 36.80 21.24 -19.94
C ASP A 90 35.71 20.41 -19.29
N ALA A 91 34.79 19.90 -20.11
CA ALA A 91 33.69 19.10 -19.59
C ALA A 91 33.31 18.01 -20.59
N ILE A 92 32.54 17.04 -20.12
CA ILE A 92 32.12 15.93 -20.96
C ILE A 92 30.67 15.55 -20.75
N LEU A 93 29.94 15.39 -21.85
CA LEU A 93 28.54 14.99 -21.80
C LEU A 93 28.44 13.59 -22.42
N VAL A 94 27.72 12.70 -21.74
CA VAL A 94 27.54 11.34 -22.22
C VAL A 94 26.04 11.13 -22.43
N PHE A 95 25.66 10.99 -23.70
CA PHE A 95 24.26 10.83 -24.11
C PHE A 95 24.22 9.48 -24.82
N GLY A 97 22.71 5.02 -24.71
CA GLY A 97 21.84 4.01 -24.14
C GLY A 97 20.64 3.55 -24.94
N THR A 98 20.13 4.40 -25.82
CA THR A 98 18.97 4.00 -26.60
C THR A 98 19.25 2.78 -27.48
N ASN A 99 20.50 2.63 -27.91
CA ASN A 99 20.85 1.48 -28.75
C ASN A 99 21.01 0.20 -27.92
N ASP A 100 21.33 0.35 -26.63
CA ASP A 100 21.45 -0.82 -25.77
C ASP A 100 20.04 -1.41 -25.66
N TYR A 101 19.06 -0.53 -25.59
CA TYR A 101 17.67 -0.98 -25.51
C TYR A 101 17.30 -1.71 -26.80
N ASN A 102 17.54 -1.05 -27.92
CA ASN A 102 17.21 -1.63 -29.22
C ASN A 102 17.93 -2.96 -29.50
N SER A 103 19.15 -3.07 -29.00
CA SER A 103 19.94 -4.28 -29.23
C SER A 103 19.75 -5.36 -28.16
N SER A 104 18.71 -5.20 -27.35
CA SER A 104 18.38 -6.14 -26.29
C SER A 104 19.52 -6.52 -25.36
N VAL A 105 20.25 -5.51 -24.88
CA VAL A 105 21.36 -5.74 -23.95
C VAL A 105 20.76 -5.99 -22.57
N PRO A 106 20.98 -7.17 -22.00
CA PRO A 106 20.43 -7.46 -20.66
C PRO A 106 20.87 -6.41 -19.65
N ILE A 107 19.95 -6.01 -18.77
CA ILE A 107 20.23 -5.01 -17.75
C ILE A 107 21.32 -5.46 -16.80
N GLY A 108 21.23 -6.70 -16.34
CA GLY A 108 22.23 -7.25 -15.45
C GLY A 108 22.14 -6.81 -14.00
N GLU A 109 23.31 -6.75 -13.35
CA GLU A 109 23.40 -6.37 -11.94
C GLU A 109 24.54 -5.38 -11.72
N TRP A 110 24.38 -4.52 -10.71
CA TRP A 110 25.40 -3.51 -10.41
C TRP A 110 26.62 -4.08 -9.69
N PHE A 111 26.38 -4.92 -8.70
CA PHE A 111 27.45 -5.51 -7.89
C PHE A 111 27.25 -6.99 -7.62
N THR A 112 28.27 -7.58 -7.01
CA THR A 112 28.23 -8.96 -6.54
C THR A 112 28.56 -8.72 -5.06
N GLU A 113 28.13 -9.59 -4.17
CA GLU A 113 28.42 -9.39 -2.75
C GLU A 113 28.85 -10.68 -2.06
N GLN A 114 29.61 -10.54 -0.98
CA GLN A 114 30.07 -11.69 -0.20
C GLN A 114 30.59 -11.23 1.14
N GLU A 115 30.46 -12.08 2.16
CA GLU A 115 30.95 -11.74 3.48
C GLU A 115 32.47 -11.69 3.43
N GLU A 116 33.05 -10.68 4.05
CA GLU A 116 34.50 -10.52 4.06
C GLU A 116 34.98 -10.13 5.46
N GLN A 117 36.25 -10.41 5.72
CA GLN A 117 36.86 -10.05 6.99
C GLN A 117 37.55 -8.72 6.72
N VAL A 118 37.36 -7.75 7.62
CA VAL A 118 37.98 -6.45 7.46
C VAL A 118 38.29 -5.80 8.80
N LEU A 119 39.37 -5.04 8.86
CA LEU A 119 39.74 -4.35 10.09
C LEU A 119 38.82 -3.17 10.30
N SER A 120 38.30 -3.05 11.52
CA SER A 120 37.41 -1.95 11.86
C SER A 120 37.63 -1.58 13.32
N ALA A 121 37.47 -0.28 13.62
CA ALA A 121 37.66 0.19 14.98
C ALA A 121 36.81 1.43 15.22
N HIS A 122 36.09 1.43 16.34
CA HIS A 122 35.23 2.55 16.70
C HIS A 122 35.32 2.84 18.19
N GLY A 123 36.54 3.09 18.67
CA GLY A 123 36.74 3.40 20.07
C GLY A 123 37.68 2.43 20.77
N GLU A 124 37.69 1.18 20.32
CA GLU A 124 38.56 0.18 20.91
C GLU A 124 39.56 -0.29 19.86
N LYS A 126 41.50 -1.81 17.01
CA LYS A 126 41.01 -2.39 15.78
C LYS A 126 41.11 -3.90 15.79
N LYS A 127 40.14 -4.55 15.16
CA LYS A 127 40.13 -6.00 15.08
C LYS A 127 39.37 -6.42 13.84
N VAL A 129 36.62 -7.95 11.63
CA VAL A 129 35.17 -8.12 11.77
C VAL A 129 34.57 -8.59 10.45
N THR A 130 33.43 -9.24 10.51
CA THR A 130 32.76 -9.74 9.32
C THR A 130 31.77 -8.72 8.79
N ARG A 131 31.96 -8.30 7.54
CA ARG A 131 31.08 -7.33 6.90
C ARG A 131 30.82 -7.70 5.46
N LYS A 132 29.59 -7.51 5.00
CA LYS A 132 29.26 -7.81 3.62
C LYS A 132 29.96 -6.76 2.76
N LYS A 133 30.68 -7.21 1.73
CA LYS A 133 31.40 -6.30 0.84
C LYS A 133 30.87 -6.47 -0.57
N ARG A 134 30.71 -5.36 -1.28
CA ARG A 134 30.21 -5.40 -2.65
C ARG A 134 31.32 -5.04 -3.63
N THR A 135 31.26 -5.65 -4.81
CA THR A 135 32.22 -5.42 -5.88
C THR A 135 31.47 -5.15 -7.16
N PRO A 136 31.76 -4.03 -7.83
CA PRO A 136 31.05 -3.74 -9.08
C PRO A 136 31.30 -4.80 -10.16
N VAL A 137 30.27 -5.08 -10.94
CA VAL A 137 30.38 -6.06 -12.01
C VAL A 137 30.94 -5.33 -13.23
N THR A 139 31.58 -5.86 -16.70
CA THR A 139 31.37 -6.71 -17.87
C THR A 139 30.64 -5.95 -18.96
N GLN A 140 30.93 -6.30 -20.21
CA GLN A 140 30.28 -5.66 -21.34
C GLN A 140 29.06 -6.48 -21.74
N ASP A 141 28.82 -7.57 -21.03
CA ASP A 141 27.69 -8.44 -21.32
C ASP A 141 26.36 -7.84 -20.89
N THR A 142 26.41 -6.88 -19.96
CA THR A 142 25.17 -6.28 -19.46
C THR A 142 25.22 -4.75 -19.49
N TYR A 143 24.04 -4.14 -19.42
CA TYR A 143 23.93 -2.69 -19.44
C TYR A 143 24.54 -2.05 -18.19
N ARG A 144 24.19 -2.59 -17.02
CA ARG A 144 24.74 -2.07 -15.77
C ARG A 144 26.24 -2.28 -15.75
N GLY A 145 26.67 -3.40 -16.31
CA GLY A 145 28.10 -3.69 -16.37
C GLY A 145 28.81 -2.68 -17.25
N ARG A 146 28.18 -2.31 -18.36
CA ARG A 146 28.76 -1.34 -19.28
C ARG A 146 28.84 0.04 -18.64
N ILE A 147 27.84 0.38 -17.84
CA ILE A 147 27.85 1.68 -17.18
C ILE A 147 28.96 1.70 -16.14
N ASN A 148 29.15 0.59 -15.43
CA ASN A 148 30.21 0.51 -14.43
C ASN A 148 31.56 0.72 -15.09
N ILE A 149 31.79 0.02 -16.20
CA ILE A 149 33.04 0.13 -16.95
C ILE A 149 33.20 1.55 -17.52
N GLY A 150 32.13 2.06 -18.10
CA GLY A 150 32.16 3.40 -18.69
C GLY A 150 32.44 4.54 -17.74
N ILE A 151 31.72 4.59 -16.63
CA ILE A 151 31.94 5.65 -15.66
C ILE A 151 33.32 5.53 -15.02
N THR A 152 33.78 4.29 -14.82
CA THR A 152 35.10 4.08 -14.24
C THR A 152 36.16 4.71 -15.14
N GLN A 153 36.10 4.40 -16.44
CA GLN A 153 37.06 4.94 -17.40
C GLN A 153 36.95 6.45 -17.53
N LEU A 154 35.72 6.97 -17.49
CA LEU A 154 35.54 8.42 -17.60
C LEU A 154 36.22 9.12 -16.42
N LYS A 155 36.04 8.57 -15.22
CA LYS A 155 36.64 9.17 -14.03
C LYS A 155 38.14 8.96 -13.98
N LYS A 156 38.61 7.83 -14.50
CA LYS A 156 40.04 7.54 -14.52
C LYS A 156 40.78 8.47 -15.48
N LEU A 157 40.16 8.74 -16.63
CA LEU A 157 40.76 9.60 -17.64
C LEU A 157 40.58 11.10 -17.38
N PHE A 158 39.44 11.46 -16.80
CA PHE A 158 39.13 12.87 -16.54
C PHE A 158 38.65 13.07 -15.11
N PRO A 159 39.47 12.68 -14.11
CA PRO A 159 39.09 12.81 -12.70
C PRO A 159 38.81 14.22 -12.18
N ASP A 160 39.36 15.23 -12.82
CA ASP A 160 39.17 16.62 -12.37
C ASP A 160 38.23 17.43 -13.25
N LYS A 161 37.47 16.75 -14.11
CA LYS A 161 36.56 17.44 -15.01
C LYS A 161 35.09 17.25 -14.64
N GLN A 162 34.26 18.12 -15.20
CA GLN A 162 32.82 18.06 -14.99
C GLN A 162 32.31 17.05 -16.03
N ILE A 163 31.80 15.91 -15.57
CA ILE A 163 31.28 14.89 -16.47
C ILE A 163 29.80 14.67 -16.14
N VAL A 164 28.95 14.81 -17.15
CA VAL A 164 27.51 14.69 -16.92
C VAL A 164 26.86 13.64 -17.83
N LEU A 165 25.93 12.88 -17.28
CA LEU A 165 25.22 11.86 -18.04
C LEU A 165 23.83 12.36 -18.42
N LEU A 166 23.40 12.03 -19.64
CA LEU A 166 22.07 12.43 -20.11
C LEU A 166 21.29 11.15 -20.38
N THR A 167 20.04 11.10 -19.91
CA THR A 167 19.21 9.93 -20.13
C THR A 167 18.68 9.93 -21.57
N PRO A 168 18.47 8.74 -22.14
CA PRO A 168 17.97 8.57 -23.51
C PRO A 168 16.59 9.21 -23.69
N LEU A 169 16.32 9.68 -24.90
CA LEU A 169 15.04 10.32 -25.21
C LEU A 169 13.94 9.29 -25.48
N HIS A 170 12.69 9.71 -25.32
CA HIS A 170 11.57 8.81 -25.61
C HIS A 170 11.73 8.51 -27.10
N ARG A 171 11.24 7.36 -27.54
CA ARG A 171 11.42 6.96 -28.92
C ARG A 171 10.24 6.20 -29.49
N SER A 172 10.02 6.34 -30.79
CA SER A 172 8.93 5.63 -31.45
C SER A 172 9.48 4.78 -32.58
N LEU A 173 8.61 4.36 -33.49
CA LEU A 173 9.03 3.48 -34.59
C LEU A 173 10.12 4.01 -35.50
N ALA A 174 10.91 3.08 -36.03
CA ALA A 174 11.99 3.41 -36.96
C ALA A 174 12.17 2.25 -37.92
N ASN A 175 12.19 2.56 -39.22
CA ASN A 175 12.35 1.55 -40.24
C ASN A 175 13.45 2.00 -41.19
N PHE A 176 14.61 1.36 -41.11
CA PHE A 176 15.75 1.73 -41.95
C PHE A 176 16.16 0.63 -42.93
N GLY A 177 15.19 -0.15 -43.39
CA GLY A 177 15.50 -1.21 -44.33
C GLY A 177 15.05 -2.58 -43.84
N ASP A 178 15.14 -3.57 -44.72
CA ASP A 178 14.73 -4.93 -44.40
C ASP A 178 15.38 -5.55 -43.18
N LYS A 179 16.60 -5.12 -42.86
CA LYS A 179 17.30 -5.70 -41.71
C LYS A 179 17.41 -4.79 -40.49
N ASN A 180 16.75 -3.64 -40.52
CA ASN A 180 16.80 -2.70 -39.41
C ASN A 180 15.41 -2.11 -39.16
N VAL A 181 14.62 -2.79 -38.34
CA VAL A 181 13.26 -2.35 -38.02
C VAL A 181 13.13 -2.32 -36.51
N GLN A 182 12.79 -1.14 -35.99
CA GLN A 182 12.67 -0.96 -34.54
C GLN A 182 11.27 -0.57 -34.06
N PRO A 183 10.59 -1.48 -33.35
CA PRO A 183 9.24 -1.20 -32.84
C PRO A 183 9.28 0.02 -31.91
N ASP A 184 8.14 0.70 -31.73
CA ASP A 184 8.12 1.87 -30.85
C ASP A 184 8.31 1.46 -29.39
N GLU A 185 8.45 2.45 -28.50
CA GLU A 185 8.71 2.16 -27.10
C GLU A 185 7.56 1.55 -26.28
N SER A 186 6.44 1.23 -26.91
CA SER A 186 5.35 0.61 -26.16
C SER A 186 5.64 -0.89 -26.09
N TYR A 187 6.68 -1.33 -26.81
CA TYR A 187 7.06 -2.73 -26.84
C TYR A 187 8.35 -3.01 -26.06
N GLN A 188 8.42 -4.19 -25.43
CA GLN A 188 9.64 -4.57 -24.73
C GLN A 188 10.59 -4.98 -25.85
N ASN A 189 11.89 -4.98 -25.58
CA ASN A 189 12.86 -5.39 -26.58
C ASN A 189 12.98 -6.91 -26.55
N GLY A 190 14.04 -7.42 -27.16
CA GLY A 190 14.26 -8.85 -27.22
C GLY A 190 14.59 -9.56 -25.92
N CYS A 191 14.94 -8.81 -24.87
CA CYS A 191 15.24 -9.47 -23.61
C CYS A 191 14.21 -9.14 -22.53
N GLY A 192 13.00 -8.78 -22.97
CA GLY A 192 11.91 -8.47 -22.06
C GLY A 192 11.98 -7.21 -21.24
N GLU A 193 12.59 -6.18 -21.78
CA GLU A 193 12.72 -4.91 -21.07
C GLU A 193 12.13 -3.75 -21.86
N TYR A 194 11.56 -2.78 -21.15
CA TYR A 194 11.02 -1.60 -21.79
C TYR A 194 12.16 -0.60 -21.78
N ILE A 195 12.08 0.43 -22.61
CA ILE A 195 13.11 1.45 -22.67
C ILE A 195 13.36 2.02 -21.27
N ASP A 196 12.32 1.98 -20.44
CA ASP A 196 12.36 2.47 -19.05
C ASP A 196 13.58 1.99 -18.26
N ALA A 197 13.87 0.70 -18.36
CA ALA A 197 14.99 0.11 -17.64
C ALA A 197 16.33 0.75 -18.00
N TYR A 198 16.48 1.13 -19.27
CA TYR A 198 17.71 1.74 -19.74
C TYR A 198 17.82 3.21 -19.34
N VAL A 199 16.67 3.84 -19.11
CA VAL A 199 16.63 5.23 -18.69
C VAL A 199 16.93 5.27 -17.18
N GLN A 200 16.25 4.41 -16.44
CA GLN A 200 16.41 4.36 -14.98
C GLN A 200 17.81 3.98 -14.51
N ALA A 201 18.47 3.06 -15.21
CA ALA A 201 19.81 2.62 -14.82
C ALA A 201 20.77 3.81 -14.84
N ILE A 202 20.60 4.70 -15.82
CA ILE A 202 21.47 5.87 -15.90
C ILE A 202 21.17 6.79 -14.71
N LYS A 203 19.89 7.02 -14.42
CA LYS A 203 19.53 7.88 -13.30
C LYS A 203 20.11 7.34 -11.99
N GLU A 204 20.03 6.03 -11.81
CA GLU A 204 20.54 5.37 -10.61
C GLU A 204 22.05 5.48 -10.48
N ALA A 205 22.74 5.52 -11.61
CA ALA A 205 24.19 5.63 -11.60
C ALA A 205 24.68 6.90 -10.92
N GLY A 206 23.83 7.92 -10.90
CA GLY A 206 24.21 9.17 -10.26
C GLY A 206 24.71 8.98 -8.83
N ASN A 207 23.93 8.27 -8.02
CA ASN A 207 24.31 8.01 -6.63
C ASN A 207 25.28 6.84 -6.52
N ILE A 208 25.09 5.83 -7.35
CA ILE A 208 25.97 4.67 -7.31
C ILE A 208 27.42 5.05 -7.59
N TRP A 209 27.64 5.92 -8.58
CA TRP A 209 29.00 6.33 -8.93
C TRP A 209 29.42 7.74 -8.55
N GLY A 210 28.47 8.58 -8.14
CA GLY A 210 28.81 9.94 -7.76
C GLY A 210 29.03 10.77 -9.02
N ILE A 211 27.97 10.95 -9.79
CA ILE A 211 28.08 11.72 -11.01
C ILE A 211 26.74 12.38 -11.31
N PRO A 212 26.76 13.64 -11.78
CA PRO A 212 25.49 14.31 -12.07
C PRO A 212 24.78 13.72 -13.29
N VAL A 213 23.46 13.69 -13.24
CA VAL A 213 22.68 13.17 -14.35
C VAL A 213 21.56 14.15 -14.65
N ILE A 214 21.42 14.51 -15.93
CA ILE A 214 20.36 15.40 -16.36
C ILE A 214 19.34 14.46 -16.99
N ASP A 215 18.13 14.41 -16.44
CA ASP A 215 17.10 13.52 -16.92
C ASP A 215 16.46 14.05 -18.20
N PHE A 216 17.25 14.04 -19.27
CA PHE A 216 16.85 14.52 -20.59
C PHE A 216 15.54 13.88 -21.05
N ASN A 217 15.39 12.60 -20.72
CA ASN A 217 14.18 11.83 -21.08
C ASN A 217 12.92 12.59 -20.69
N ALA A 218 12.96 13.26 -19.54
CA ALA A 218 11.80 14.02 -19.10
C ALA A 218 11.85 15.52 -19.41
N VAL A 219 12.96 16.19 -19.07
CA VAL A 219 13.05 17.63 -19.27
C VAL A 219 12.95 18.20 -20.69
N THR A 220 13.29 17.41 -21.70
CA THR A 220 13.19 17.91 -23.08
C THR A 220 11.71 18.06 -23.43
N GLY A 221 10.87 17.28 -22.76
CA GLY A 221 9.44 17.34 -23.02
C GLY A 221 9.08 16.82 -24.39
N ASN A 223 8.15 13.70 -26.67
CA ASN A 223 7.68 12.31 -26.70
C ASN A 223 7.09 11.97 -28.07
N PRO A 224 7.84 11.23 -28.91
CA PRO A 224 7.33 10.85 -30.22
C PRO A 224 6.12 9.91 -30.18
N VAL A 226 3.49 10.69 -28.84
CA VAL A 226 2.38 11.62 -28.97
C VAL A 226 2.56 12.19 -30.37
N GLU A 227 1.72 11.75 -31.30
CA GLU A 227 1.79 12.16 -32.70
C GLU A 227 2.05 13.64 -32.96
N GLU A 228 1.38 14.51 -32.22
CA GLU A 228 1.56 15.95 -32.39
C GLU A 228 3.00 16.42 -32.14
N GLN A 229 3.76 15.66 -31.37
CA GLN A 229 5.15 16.05 -31.11
C GLN A 229 6.16 15.48 -32.10
N LEU A 230 5.67 14.81 -33.13
CA LEU A 230 6.57 14.24 -34.14
C LEU A 230 7.20 15.35 -34.96
N ILE A 231 6.77 16.58 -34.71
CA ILE A 231 7.34 17.74 -35.40
C ILE A 231 8.80 17.87 -35.00
N TYR A 232 9.18 17.19 -33.92
CA TYR A 232 10.55 17.21 -33.42
C TYR A 232 11.41 16.05 -33.92
N PHE A 233 10.82 15.18 -34.72
CA PHE A 233 11.53 14.01 -35.24
C PHE A 233 11.62 14.02 -36.77
N TYR A 234 12.67 13.40 -37.30
CA TYR A 234 12.95 13.41 -38.73
C TYR A 234 11.96 12.94 -39.78
N ASP A 235 11.39 11.75 -39.61
CA ASP A 235 10.49 11.23 -40.64
C ASP A 235 9.24 10.59 -40.04
N ALA A 236 8.11 11.29 -40.17
CA ALA A 236 6.84 10.82 -39.65
C ALA A 236 6.51 9.38 -40.05
N GLY A 237 6.92 8.98 -41.24
CA GLY A 237 6.60 7.63 -41.68
C GLY A 237 7.63 6.54 -41.43
N TYR A 238 8.91 6.92 -41.37
CA TYR A 238 9.96 5.93 -41.20
C TYR A 238 10.97 6.14 -40.07
N ASP A 239 10.99 7.33 -39.48
CA ASP A 239 11.95 7.59 -38.41
C ASP A 239 11.42 8.49 -37.30
N ARG A 240 10.89 7.85 -36.26
CA ARG A 240 10.36 8.56 -35.11
C ARG A 240 11.32 8.34 -33.95
N LEU A 241 12.58 8.09 -34.29
CA LEU A 241 13.65 7.85 -33.32
C LEU A 241 14.61 9.03 -33.27
N HIS A 242 15.11 9.45 -34.43
CA HIS A 242 16.05 10.56 -34.49
C HIS A 242 15.37 11.93 -34.59
N PRO A 243 15.72 12.85 -33.69
CA PRO A 243 15.14 14.19 -33.71
C PRO A 243 15.57 14.94 -34.97
N ASP A 244 14.73 15.85 -35.45
CA ASP A 244 15.11 16.65 -36.60
C ASP A 244 15.75 17.90 -36.02
N THR A 245 16.10 18.87 -36.87
CA THR A 245 16.72 20.08 -36.38
C THR A 245 15.87 20.77 -35.31
N LYS A 246 14.56 20.82 -35.53
CA LYS A 246 13.67 21.45 -34.54
C LYS A 246 13.81 20.76 -33.19
N GLY A 247 13.93 19.43 -33.21
CA GLY A 247 14.08 18.68 -31.97
C GLY A 247 15.44 18.90 -31.34
N GLN A 248 16.46 18.98 -32.19
CA GLN A 248 17.84 19.21 -31.72
C GLN A 248 17.94 20.58 -31.06
N GLU A 249 17.18 21.55 -31.57
CA GLU A 249 17.22 22.89 -31.00
C GLU A 249 16.50 22.94 -29.65
N ARG A 250 15.40 22.21 -29.53
CA ARG A 250 14.68 22.19 -28.25
C ARG A 250 15.59 21.49 -27.23
N ALA A 252 18.91 21.36 -27.27
CA ALA A 252 20.01 22.27 -26.96
C ALA A 252 19.57 23.38 -26.01
N ARG A 253 18.40 23.96 -26.27
CA ARG A 253 17.91 25.02 -25.41
C ARG A 253 17.62 24.48 -24.01
N THR A 254 17.14 23.25 -23.94
CA THR A 254 16.86 22.62 -22.67
C THR A 254 18.18 22.44 -21.93
N LEU A 255 19.15 21.89 -22.65
CA LEU A 255 20.47 21.63 -22.10
C LEU A 255 21.11 22.94 -21.59
N TYR A 257 19.81 25.61 -20.23
CA TYR A 257 19.36 26.00 -18.91
C TYR A 257 19.53 24.95 -17.83
N GLN A 258 19.57 23.68 -18.23
CA GLN A 258 19.77 22.59 -17.28
C GLN A 258 21.22 22.58 -16.80
N LEU A 259 22.14 22.96 -17.68
CA LEU A 259 23.57 23.00 -17.36
C LEU A 259 23.96 24.20 -16.51
N LEU A 260 23.03 25.15 -16.36
CA LEU A 260 23.26 26.34 -15.57
C LEU A 260 23.52 25.96 -14.12
N ALA A 261 23.03 24.79 -13.72
CA ALA A 261 23.17 24.30 -12.36
C ALA A 261 24.50 23.61 -12.07
N LEU A 262 25.34 23.43 -13.09
CA LEU A 262 26.62 22.76 -12.91
C LEU A 262 27.80 23.60 -13.36
N PRO A 263 28.84 23.72 -12.51
CA PRO A 263 30.00 24.51 -12.88
C PRO A 263 30.91 23.71 -13.83
N VAL A 264 31.81 24.41 -14.50
CA VAL A 264 32.76 23.74 -15.38
C VAL A 264 34.13 24.02 -14.78
N ALA A 265 34.43 25.29 -14.55
CA ALA A 265 35.69 25.69 -13.95
C ALA A 265 35.53 25.57 -12.44
N PHE A 266 36.38 24.76 -11.82
CA PHE A 266 36.32 24.57 -10.37
C PHE A 266 37.29 25.51 -9.63
N ILE B 20 19.89 38.55 -14.30
CA ILE B 20 19.47 37.96 -13.00
C ILE B 20 20.66 37.83 -12.04
N GLN B 21 20.41 38.12 -10.77
CA GLN B 21 21.44 38.05 -9.74
C GLN B 21 21.30 36.78 -8.92
N HIS B 22 22.42 36.27 -8.40
CA HIS B 22 22.40 35.05 -7.60
C HIS B 22 21.58 35.32 -6.34
N PRO B 23 20.53 34.51 -6.10
CA PRO B 23 19.67 34.67 -4.92
C PRO B 23 20.36 34.57 -3.56
N TRP B 24 21.53 33.94 -3.51
CA TRP B 24 22.24 33.79 -2.24
C TRP B 24 23.34 34.82 -2.02
N GLN B 25 23.56 35.67 -3.02
CA GLN B 25 24.60 36.70 -2.92
C GLN B 25 24.34 37.68 -1.78
N GLY B 26 25.35 37.88 -0.94
CA GLY B 26 25.24 38.80 0.17
C GLY B 26 24.37 38.35 1.33
N LYS B 27 23.97 37.08 1.34
CA LYS B 27 23.12 36.59 2.43
C LYS B 27 23.94 36.00 3.59
N LYS B 28 23.28 35.80 4.72
CA LYS B 28 23.91 35.23 5.90
C LYS B 28 23.43 33.80 6.04
N VAL B 29 24.36 32.86 6.01
CA VAL B 29 23.99 31.45 6.06
C VAL B 29 24.55 30.63 7.22
N GLY B 30 23.68 29.80 7.80
CA GLY B 30 24.09 28.93 8.87
C GLY B 30 24.50 27.61 8.25
N TYR B 31 25.65 27.08 8.67
CA TYR B 31 26.14 25.82 8.14
C TYR B 31 26.20 24.77 9.25
N ILE B 32 25.32 23.79 9.14
CA ILE B 32 25.21 22.71 10.11
C ILE B 32 25.82 21.43 9.51
N GLY B 33 26.66 20.74 10.29
CA GLY B 33 27.27 19.53 9.77
C GLY B 33 28.31 18.88 10.66
N ASP B 34 29.29 18.24 10.01
CA ASP B 34 30.36 17.55 10.72
C ASP B 34 31.75 18.08 10.36
N SER B 35 32.75 17.21 10.41
CA SER B 35 34.12 17.61 10.14
C SER B 35 34.34 18.26 8.77
N ILE B 36 33.58 17.83 7.77
CA ILE B 36 33.73 18.39 6.43
C ILE B 36 33.29 19.85 6.40
N THR B 37 32.57 20.27 7.45
CA THR B 37 32.10 21.64 7.57
C THR B 37 32.91 22.38 8.65
N ASP B 38 33.31 21.64 9.67
CA ASP B 38 34.09 22.16 10.80
C ASP B 38 35.34 22.90 10.33
N PRO B 39 35.45 24.19 10.69
CA PRO B 39 36.63 24.98 10.28
C PRO B 39 37.96 24.44 10.82
N ASN B 40 37.88 23.68 11.91
CA ASN B 40 39.07 23.12 12.54
C ASN B 40 39.56 21.81 11.93
N CYS B 41 38.84 21.29 10.94
CA CYS B 41 39.25 20.03 10.31
C CYS B 41 40.63 20.22 9.66
N TYR B 42 41.64 19.63 10.29
CA TYR B 42 43.02 19.73 9.83
C TYR B 42 43.47 21.19 9.82
N GLY B 43 42.88 21.97 10.72
CA GLY B 43 43.22 23.38 10.83
C GLY B 43 43.16 24.12 9.51
N ASP B 44 44.15 24.99 9.29
CA ASP B 44 44.20 25.77 8.06
C ASP B 44 44.79 25.01 6.88
N ASN B 45 44.98 23.70 7.04
CA ASN B 45 45.50 22.87 5.96
C ASN B 45 44.41 22.68 4.92
N ILE B 46 43.17 22.97 5.30
CA ILE B 46 42.04 22.84 4.40
C ILE B 46 41.15 24.06 4.45
N LYS B 47 40.86 24.62 3.28
CA LYS B 47 39.99 25.78 3.17
C LYS B 47 38.60 25.18 2.89
N LYS B 48 37.63 25.51 3.72
CA LYS B 48 36.28 24.95 3.57
C LYS B 48 35.39 25.62 2.53
N TYR B 49 34.39 24.88 2.08
CA TYR B 49 33.46 25.34 1.04
C TYR B 49 32.75 26.65 1.37
N TRP B 50 32.31 26.82 2.61
CA TRP B 50 31.63 28.05 2.99
C TRP B 50 32.59 29.23 2.94
N ASP B 51 33.88 28.94 3.03
CA ASP B 51 34.89 29.99 2.99
C ASP B 51 34.98 30.51 1.55
N PHE B 52 34.93 29.59 0.59
CA PHE B 52 34.97 29.95 -0.82
C PHE B 52 33.70 30.72 -1.20
N LEU B 53 32.57 30.31 -0.64
CA LEU B 53 31.29 30.96 -0.91
C LEU B 53 31.26 32.38 -0.34
N LYS B 54 31.96 32.57 0.77
CA LYS B 54 32.02 33.88 1.41
C LYS B 54 32.74 34.82 0.45
N GLU B 55 33.84 34.33 -0.13
CA GLU B 55 34.64 35.10 -1.07
C GLU B 55 33.93 35.38 -2.40
N TRP B 56 33.39 34.33 -3.00
CA TRP B 56 32.71 34.44 -4.29
C TRP B 56 31.36 35.17 -4.29
N LEU B 57 30.53 34.89 -3.30
CA LEU B 57 29.19 35.50 -3.24
C LEU B 57 28.91 36.41 -2.05
N GLY B 58 29.94 36.69 -1.24
CA GLY B 58 29.74 37.55 -0.10
C GLY B 58 28.76 36.99 0.92
N ILE B 59 28.74 35.67 1.04
CA ILE B 59 27.86 35.00 1.99
C ILE B 59 28.57 34.89 3.33
N THR B 60 28.05 35.59 4.34
CA THR B 60 28.65 35.53 5.67
C THR B 60 28.29 34.18 6.28
N PRO B 61 29.29 33.39 6.68
CA PRO B 61 28.99 32.09 7.27
C PRO B 61 28.92 32.01 8.79
N PHE B 62 27.89 31.34 9.29
CA PHE B 62 27.72 31.10 10.73
C PHE B 62 27.88 29.59 10.77
N VAL B 63 29.11 29.13 11.01
CA VAL B 63 29.41 27.71 11.02
C VAL B 63 29.29 27.00 12.36
N TYR B 64 28.54 25.90 12.37
CA TYR B 64 28.31 25.12 13.58
C TYR B 64 28.70 23.65 13.44
N GLY B 65 29.15 23.25 12.25
CA GLY B 65 29.55 21.87 12.05
C GLY B 65 30.76 21.53 12.90
N ILE B 66 30.76 20.34 13.48
CA ILE B 66 31.87 19.90 14.33
C ILE B 66 32.25 18.46 14.00
N SER B 67 33.55 18.21 13.91
CA SER B 67 34.05 16.87 13.59
C SER B 67 33.40 15.78 14.44
N GLY B 68 32.95 14.72 13.75
CA GLY B 68 32.33 13.61 14.44
C GLY B 68 30.84 13.69 14.72
N ARG B 69 30.24 14.85 14.51
CA ARG B 69 28.81 15.00 14.78
C ARG B 69 27.92 14.20 13.84
N GLN B 70 26.74 13.82 14.33
CA GLN B 70 25.79 13.04 13.58
C GLN B 70 24.44 13.75 13.52
N TRP B 71 23.48 13.18 12.80
CA TRP B 71 22.17 13.81 12.68
C TRP B 71 21.47 14.05 14.01
N ASP B 72 21.89 13.37 15.07
CA ASP B 72 21.26 13.59 16.37
C ASP B 72 21.67 14.94 16.94
N ASP B 73 22.68 15.57 16.33
CA ASP B 73 23.18 16.86 16.78
C ASP B 73 22.57 18.05 16.02
N VAL B 74 21.74 17.77 15.02
CA VAL B 74 21.13 18.85 14.24
C VAL B 74 20.33 19.82 15.11
N PRO B 75 19.46 19.29 16.00
CA PRO B 75 18.67 20.19 16.85
C PRO B 75 19.56 21.13 17.66
N ARG B 76 20.63 20.59 18.25
CA ARG B 76 21.56 21.37 19.04
C ARG B 76 22.19 22.48 18.23
N GLN B 77 22.72 22.13 17.05
CA GLN B 77 23.35 23.13 16.21
C GLN B 77 22.36 24.20 15.76
N ALA B 78 21.13 23.78 15.48
CA ALA B 78 20.09 24.73 15.05
C ALA B 78 19.76 25.71 16.16
N GLU B 79 19.64 25.20 17.37
CA GLU B 79 19.32 26.03 18.53
C GLU B 79 20.42 27.05 18.80
N LYS B 80 21.68 26.62 18.68
CA LYS B 80 22.79 27.53 18.93
C LYS B 80 22.79 28.63 17.86
N LEU B 81 22.52 28.24 16.62
CA LEU B 81 22.46 29.20 15.53
C LEU B 81 21.37 30.23 15.82
N LYS B 82 20.22 29.73 16.27
CA LYS B 82 19.08 30.59 16.61
C LYS B 82 19.48 31.55 17.72
N LYS B 83 20.05 30.99 18.77
CA LYS B 83 20.49 31.75 19.94
C LYS B 83 21.49 32.85 19.63
N GLU B 84 22.43 32.58 18.74
CA GLU B 84 23.47 33.56 18.42
C GLU B 84 23.22 34.44 17.19
N HIS B 85 22.48 33.95 16.20
CA HIS B 85 22.25 34.74 14.99
C HIS B 85 20.82 34.66 14.46
N GLY B 86 19.89 34.26 15.33
CA GLY B 86 18.50 34.13 14.92
C GLY B 86 17.94 35.30 14.11
N GLY B 87 18.19 36.52 14.56
CA GLY B 87 17.68 37.67 13.86
C GLY B 87 18.53 38.15 12.70
N GLU B 88 19.56 37.37 12.34
CA GLU B 88 20.45 37.74 11.25
C GLU B 88 20.51 36.73 10.11
N VAL B 89 20.47 35.44 10.47
CA VAL B 89 20.56 34.37 9.48
C VAL B 89 19.43 34.42 8.44
N ASP B 90 19.80 34.23 7.18
CA ASP B 90 18.84 34.27 6.07
C ASP B 90 18.47 32.87 5.61
N ALA B 91 19.44 31.96 5.59
CA ALA B 91 19.20 30.59 5.15
C ALA B 91 20.06 29.60 5.94
N ILE B 92 19.74 28.32 5.79
CA ILE B 92 20.46 27.27 6.49
C ILE B 92 20.72 26.05 5.61
N LEU B 93 21.95 25.53 5.68
CA LEU B 93 22.34 24.35 4.93
C LEU B 93 22.69 23.27 5.95
N VAL B 94 22.18 22.06 5.73
CA VAL B 94 22.45 20.92 6.61
C VAL B 94 23.16 19.85 5.80
N PHE B 95 24.42 19.61 6.14
CA PHE B 95 25.28 18.65 5.45
C PHE B 95 25.72 17.64 6.50
N GLY B 97 25.34 13.22 8.09
CA GLY B 97 24.95 11.83 7.89
C GLY B 97 26.04 10.80 7.71
N THR B 98 27.20 11.21 7.19
CA THR B 98 28.27 10.24 6.97
C THR B 98 28.71 9.58 8.27
N ASN B 99 28.65 10.30 9.39
CA ASN B 99 29.04 9.73 10.67
C ASN B 99 27.97 8.79 11.23
N ASP B 100 26.71 8.98 10.81
CA ASP B 100 25.63 8.11 11.27
C ASP B 100 25.91 6.75 10.64
N TYR B 101 26.43 6.78 9.42
CA TYR B 101 26.77 5.55 8.72
C TYR B 101 27.94 4.87 9.46
N ASN B 102 29.01 5.63 9.70
CA ASN B 102 30.18 5.07 10.36
C ASN B 102 29.90 4.57 11.78
N SER B 103 28.93 5.18 12.44
CA SER B 103 28.59 4.80 13.81
C SER B 103 27.49 3.73 13.87
N SER B 104 27.18 3.13 12.73
CA SER B 104 26.18 2.08 12.65
C SER B 104 24.83 2.43 13.29
N VAL B 105 24.27 3.56 12.88
CA VAL B 105 22.98 4.00 13.39
C VAL B 105 21.89 3.33 12.55
N PRO B 106 21.05 2.48 13.18
CA PRO B 106 19.99 1.79 12.45
C PRO B 106 19.07 2.78 11.72
N ILE B 107 18.70 2.44 10.49
CA ILE B 107 17.83 3.31 9.70
C ILE B 107 16.49 3.52 10.38
N GLY B 108 15.88 2.45 10.88
CA GLY B 108 14.60 2.59 11.56
C GLY B 108 13.39 2.78 10.67
N GLU B 109 12.36 3.44 11.22
CA GLU B 109 11.11 3.68 10.50
C GLU B 109 10.70 5.16 10.52
N TRP B 110 10.04 5.61 9.46
CA TRP B 110 9.60 7.00 9.38
C TRP B 110 8.39 7.26 10.29
N PHE B 111 7.37 6.41 10.18
CA PHE B 111 6.14 6.56 10.97
C PHE B 111 5.65 5.28 11.62
N THR B 112 4.64 5.43 12.46
CA THR B 112 3.94 4.32 13.10
C THR B 112 2.51 4.61 12.65
N GLU B 113 1.69 3.58 12.48
CA GLU B 113 0.32 3.81 12.02
C GLU B 113 -0.71 3.04 12.83
N GLN B 114 -1.95 3.48 12.74
CA GLN B 114 -3.07 2.84 13.42
C GLN B 114 -4.38 3.52 13.06
N GLU B 115 -5.46 2.75 13.13
CA GLU B 115 -6.79 3.26 12.82
C GLU B 115 -7.25 4.24 13.89
N GLU B 116 -7.67 5.43 13.47
CA GLU B 116 -8.14 6.45 14.40
C GLU B 116 -9.45 7.04 13.92
N GLN B 117 -10.15 7.72 14.82
CA GLN B 117 -11.41 8.36 14.48
C GLN B 117 -11.09 9.83 14.18
N VAL B 118 -11.66 10.35 13.09
CA VAL B 118 -11.43 11.74 12.71
C VAL B 118 -12.65 12.33 12.01
N LEU B 119 -12.92 13.61 12.26
CA LEU B 119 -14.05 14.28 11.65
C LEU B 119 -13.79 14.44 10.16
N SER B 120 -14.79 14.07 9.36
CA SER B 120 -14.66 14.14 7.90
C SER B 120 -16.00 14.33 7.22
N ALA B 121 -16.00 14.97 6.06
CA ALA B 121 -17.23 15.18 5.31
C ALA B 121 -16.93 15.49 3.86
N HIS B 122 -17.61 14.76 2.97
CA HIS B 122 -17.42 14.94 1.54
C HIS B 122 -18.77 14.82 0.83
N GLY B 123 -19.69 15.73 1.19
CA GLY B 123 -21.01 15.71 0.57
C GLY B 123 -22.15 15.45 1.53
N GLU B 124 -21.88 14.71 2.61
CA GLU B 124 -22.89 14.40 3.61
C GLU B 124 -22.50 15.04 4.93
N LYS B 126 -21.04 15.98 8.33
CA LYS B 126 -19.76 15.62 8.93
C LYS B 126 -19.96 14.68 10.11
N LYS B 127 -19.01 13.78 10.32
CA LYS B 127 -19.07 12.84 11.44
C LYS B 127 -17.71 12.18 11.62
N VAL B 129 -15.13 9.39 11.37
CA VAL B 129 -14.95 8.24 10.49
C VAL B 129 -13.61 7.60 10.84
N THR B 130 -13.44 6.32 10.51
CA THR B 130 -12.20 5.63 10.81
C THR B 130 -11.25 5.73 9.64
N ARG B 131 -10.04 6.21 9.92
CA ARG B 131 -9.01 6.35 8.90
C ARG B 131 -7.66 5.99 9.50
N LYS B 132 -6.80 5.36 8.71
CA LYS B 132 -5.48 5.01 9.20
C LYS B 132 -4.70 6.31 9.33
N LYS B 133 -4.09 6.53 10.49
CA LYS B 133 -3.32 7.75 10.76
C LYS B 133 -1.86 7.39 11.02
N ARG B 134 -0.95 8.18 10.46
CA ARG B 134 0.47 7.95 10.67
C ARG B 134 1.00 9.01 11.62
N THR B 135 2.00 8.62 12.41
CA THR B 135 2.61 9.52 13.38
C THR B 135 4.12 9.40 13.26
N PRO B 136 4.83 10.53 13.13
CA PRO B 136 6.29 10.50 13.00
C PRO B 136 6.96 9.84 14.21
N VAL B 137 7.94 8.99 13.95
CA VAL B 137 8.69 8.34 15.02
C VAL B 137 9.76 9.36 15.43
N THR B 139 12.72 9.76 17.59
CA THR B 139 13.71 9.10 18.43
C THR B 139 15.11 9.31 17.91
N GLN B 140 16.07 9.38 18.82
CA GLN B 140 17.46 9.54 18.43
C GLN B 140 18.10 8.17 18.21
N ASP B 141 17.32 7.12 18.46
CA ASP B 141 17.82 5.76 18.31
C ASP B 141 17.95 5.28 16.86
N THR B 142 17.26 5.95 15.95
CA THR B 142 17.31 5.57 14.54
C THR B 142 17.66 6.77 13.66
N TYR B 143 18.12 6.49 12.44
CA TYR B 143 18.50 7.54 11.50
C TYR B 143 17.28 8.32 11.04
N ARG B 144 16.22 7.61 10.67
CA ARG B 144 14.99 8.26 10.23
C ARG B 144 14.39 9.03 11.40
N GLY B 145 14.57 8.51 12.61
CA GLY B 145 14.06 9.18 13.79
C GLY B 145 14.79 10.50 13.99
N ARG B 146 16.09 10.49 13.81
CA ARG B 146 16.91 11.69 13.96
C ARG B 146 16.54 12.74 12.93
N ILE B 147 16.30 12.29 11.70
CA ILE B 147 15.91 13.21 10.63
C ILE B 147 14.56 13.83 10.97
N ASN B 148 13.64 13.02 11.52
CA ASN B 148 12.32 13.51 11.91
C ASN B 148 12.48 14.61 12.96
N ILE B 149 13.27 14.34 13.98
CA ILE B 149 13.49 15.30 15.06
C ILE B 149 14.23 16.54 14.56
N GLY B 150 15.24 16.32 13.73
CA GLY B 150 16.03 17.42 13.20
C GLY B 150 15.26 18.40 12.34
N ILE B 151 14.56 17.88 11.34
CA ILE B 151 13.79 18.75 10.45
C ILE B 151 12.66 19.45 11.20
N THR B 152 12.04 18.73 12.12
CA THR B 152 10.95 19.32 12.92
C THR B 152 11.50 20.54 13.65
N GLN B 153 12.65 20.37 14.30
CA GLN B 153 13.28 21.45 15.05
C GLN B 153 13.70 22.61 14.15
N LEU B 154 14.23 22.29 12.97
CA LEU B 154 14.65 23.30 12.01
C LEU B 154 13.47 24.17 11.59
N LYS B 155 12.35 23.52 11.27
CA LYS B 155 11.16 24.25 10.85
C LYS B 155 10.52 25.01 12.02
N LYS B 156 10.60 24.45 13.21
CA LYS B 156 10.05 25.12 14.39
C LYS B 156 10.84 26.39 14.70
N LEU B 157 12.16 26.31 14.60
CA LEU B 157 13.03 27.43 14.89
C LEU B 157 13.14 28.47 13.78
N PHE B 158 13.09 28.02 12.53
CA PHE B 158 13.21 28.92 11.38
C PHE B 158 12.11 28.62 10.37
N PRO B 159 10.85 28.77 10.76
CA PRO B 159 9.72 28.50 9.87
C PRO B 159 9.64 29.33 8.57
N ASP B 160 10.24 30.51 8.58
CA ASP B 160 10.19 31.39 7.42
C ASP B 160 11.51 31.53 6.65
N LYS B 161 12.42 30.60 6.87
CA LYS B 161 13.72 30.64 6.20
C LYS B 161 13.91 29.56 5.15
N GLN B 162 14.90 29.75 4.29
CA GLN B 162 15.23 28.76 3.27
C GLN B 162 16.15 27.77 3.96
N ILE B 163 15.71 26.52 4.07
CA ILE B 163 16.51 25.48 4.71
C ILE B 163 16.74 24.37 3.69
N VAL B 164 18.00 24.04 3.43
CA VAL B 164 18.32 23.02 2.44
C VAL B 164 19.18 21.88 3.01
N LEU B 165 18.85 20.65 2.62
CA LEU B 165 19.61 19.48 3.05
C LEU B 165 20.55 19.03 1.94
N LEU B 166 21.76 18.62 2.31
CA LEU B 166 22.74 18.13 1.35
C LEU B 166 23.06 16.69 1.72
N THR B 167 23.03 15.79 0.72
CA THR B 167 23.33 14.39 0.98
C THR B 167 24.84 14.19 1.19
N PRO B 168 25.22 13.17 1.97
CA PRO B 168 26.64 12.91 2.22
C PRO B 168 27.43 12.46 0.99
N LEU B 169 28.72 12.79 0.98
CA LEU B 169 29.61 12.46 -0.12
C LEU B 169 30.05 11.00 -0.11
N HIS B 170 30.46 10.53 -1.29
CA HIS B 170 30.97 9.18 -1.40
C HIS B 170 32.20 9.15 -0.50
N ARG B 171 32.54 7.97 0.01
CA ARG B 171 33.66 7.86 0.92
C ARG B 171 34.43 6.56 0.82
N SER B 172 35.72 6.62 1.14
CA SER B 172 36.57 5.44 1.11
C SER B 172 37.23 5.27 2.47
N LEU B 173 38.29 4.47 2.53
CA LEU B 173 38.98 4.19 3.79
C LEU B 173 39.41 5.42 4.58
N ALA B 174 39.36 5.31 5.91
CA ALA B 174 39.75 6.39 6.80
C ALA B 174 40.36 5.77 8.06
N ASN B 175 41.67 5.91 8.22
CA ASN B 175 42.36 5.34 9.37
C ASN B 175 43.04 6.43 10.20
N PHE B 176 42.53 6.65 11.41
CA PHE B 176 43.10 7.66 12.30
C PHE B 176 43.49 7.02 13.63
N GLY B 177 44.51 6.19 13.61
CA GLY B 177 44.94 5.52 14.83
C GLY B 177 44.34 4.14 14.94
N ASP B 178 44.88 3.33 15.85
CA ASP B 178 44.41 1.96 16.05
C ASP B 178 42.99 1.81 16.58
N LYS B 179 42.39 2.91 17.04
CA LYS B 179 41.04 2.84 17.57
C LYS B 179 40.00 3.57 16.71
N ASN B 180 40.41 3.99 15.52
CA ASN B 180 39.51 4.68 14.60
C ASN B 180 39.84 4.22 13.19
N VAL B 181 39.27 3.09 12.80
CA VAL B 181 39.49 2.49 11.49
C VAL B 181 38.15 2.33 10.78
N GLN B 182 37.99 3.05 9.69
CA GLN B 182 36.73 3.04 8.93
C GLN B 182 36.89 2.42 7.54
N PRO B 183 36.31 1.24 7.31
CA PRO B 183 36.40 0.59 6.00
C PRO B 183 35.75 1.46 4.92
N ASP B 184 36.14 1.27 3.66
CA ASP B 184 35.56 2.07 2.59
C ASP B 184 34.08 1.73 2.38
N GLU B 185 33.40 2.52 1.55
CA GLU B 185 31.96 2.33 1.32
C GLU B 185 31.52 1.08 0.57
N SER B 186 32.44 0.19 0.22
CA SER B 186 32.03 -1.04 -0.45
C SER B 186 31.61 -2.03 0.64
N TYR B 187 31.78 -1.62 1.89
CA TYR B 187 31.42 -2.45 3.05
C TYR B 187 30.19 -1.90 3.76
N GLN B 188 29.36 -2.80 4.30
CA GLN B 188 28.22 -2.35 5.07
C GLN B 188 28.81 -2.00 6.43
N ASN B 189 28.08 -1.20 7.21
CA ASN B 189 28.56 -0.82 8.54
C ASN B 189 28.20 -1.92 9.54
N GLY B 190 28.29 -1.58 10.82
CA GLY B 190 27.99 -2.53 11.88
C GLY B 190 26.55 -2.95 12.03
N CYS B 191 25.62 -2.23 11.39
CA CYS B 191 24.21 -2.61 11.50
C CYS B 191 23.66 -3.09 10.16
N GLY B 192 24.56 -3.59 9.32
CA GLY B 192 24.19 -4.13 8.02
C GLY B 192 23.69 -3.18 6.94
N GLU B 193 24.17 -1.94 6.95
CA GLU B 193 23.72 -0.98 5.94
C GLU B 193 24.89 -0.37 5.16
N TYR B 194 24.67 -0.12 3.87
CA TYR B 194 25.68 0.53 3.04
C TYR B 194 25.43 2.03 3.21
N ILE B 195 26.42 2.84 2.84
CA ILE B 195 26.28 4.29 2.96
C ILE B 195 25.03 4.75 2.19
N ASP B 196 24.65 3.99 1.18
CA ASP B 196 23.49 4.30 0.35
C ASP B 196 22.25 4.64 1.16
N ALA B 197 21.96 3.81 2.16
CA ALA B 197 20.79 3.99 3.02
C ALA B 197 20.73 5.36 3.69
N TYR B 198 21.88 5.87 4.09
CA TYR B 198 21.96 7.16 4.76
C TYR B 198 21.83 8.33 3.79
N VAL B 199 22.15 8.07 2.53
CA VAL B 199 22.03 9.07 1.48
C VAL B 199 20.55 9.16 1.07
N GLN B 200 19.98 8.01 0.74
CA GLN B 200 18.59 7.93 0.31
C GLN B 200 17.57 8.41 1.33
N ALA B 201 17.84 8.17 2.61
CA ALA B 201 16.91 8.61 3.65
C ALA B 201 16.76 10.12 3.59
N ILE B 202 17.86 10.81 3.36
CA ILE B 202 17.84 12.27 3.26
C ILE B 202 17.07 12.70 2.01
N LYS B 203 17.28 12.02 0.89
CA LYS B 203 16.58 12.36 -0.34
C LYS B 203 15.07 12.18 -0.15
N GLU B 204 14.70 11.09 0.52
CA GLU B 204 13.30 10.78 0.78
C GLU B 204 12.63 11.80 1.70
N ALA B 205 13.42 12.40 2.58
CA ALA B 205 12.91 13.38 3.52
C ALA B 205 12.38 14.62 2.79
N GLY B 206 12.84 14.83 1.56
CA GLY B 206 12.39 15.98 0.81
C GLY B 206 10.87 16.05 0.72
N ASN B 207 10.26 14.95 0.28
CA ASN B 207 8.81 14.88 0.16
C ASN B 207 8.11 14.59 1.48
N ILE B 208 8.73 13.76 2.31
CA ILE B 208 8.14 13.41 3.60
C ILE B 208 7.92 14.64 4.47
N TRP B 209 8.91 15.52 4.53
CA TRP B 209 8.83 16.72 5.34
C TRP B 209 8.60 18.03 4.61
N GLY B 210 8.76 18.03 3.30
CA GLY B 210 8.57 19.26 2.53
C GLY B 210 9.76 20.18 2.68
N ILE B 211 10.90 19.76 2.15
CA ILE B 211 12.12 20.54 2.24
C ILE B 211 13.01 20.24 1.02
N PRO B 212 13.67 21.27 0.47
CA PRO B 212 14.52 21.01 -0.70
C PRO B 212 15.78 20.25 -0.32
N VAL B 213 16.23 19.39 -1.23
CA VAL B 213 17.43 18.58 -1.01
C VAL B 213 18.34 18.65 -2.23
N ILE B 214 19.61 18.93 -2.00
CA ILE B 214 20.59 18.96 -3.08
C ILE B 214 21.36 17.65 -2.97
N ASP B 215 21.30 16.82 -4.01
CA ASP B 215 21.98 15.53 -3.98
C ASP B 215 23.48 15.67 -4.23
N PHE B 216 24.15 16.26 -3.24
CA PHE B 216 25.59 16.48 -3.28
C PHE B 216 26.35 15.18 -3.56
N ASN B 217 25.82 14.08 -3.05
CA ASN B 217 26.44 12.77 -3.25
C ASN B 217 26.70 12.52 -4.74
N ALA B 218 25.77 12.94 -5.58
CA ALA B 218 25.92 12.77 -7.02
C ALA B 218 26.49 13.96 -7.76
N VAL B 219 25.90 15.14 -7.56
CA VAL B 219 26.33 16.33 -8.29
C VAL B 219 27.77 16.84 -8.12
N THR B 220 28.42 16.52 -7.00
CA THR B 220 29.80 16.97 -6.83
C THR B 220 30.72 16.23 -7.79
N GLY B 221 30.30 15.03 -8.21
CA GLY B 221 31.10 14.22 -9.12
C GLY B 221 32.36 13.67 -8.46
N ASN B 223 34.14 10.88 -6.22
CA ASN B 223 34.07 9.53 -5.69
C ASN B 223 35.46 8.99 -5.37
N PRO B 224 35.84 8.97 -4.09
CA PRO B 224 37.16 8.47 -3.68
C PRO B 224 37.37 6.99 -3.97
N VAL B 226 37.28 5.80 -6.75
CA VAL B 226 38.05 5.79 -7.99
C VAL B 226 39.32 6.55 -7.60
N GLU B 227 40.43 5.82 -7.47
CA GLU B 227 41.69 6.41 -7.04
C GLU B 227 42.16 7.68 -7.74
N GLU B 228 41.88 7.82 -9.02
CA GLU B 228 42.31 9.01 -9.75
C GLU B 228 41.62 10.25 -9.17
N GLN B 229 40.47 10.06 -8.54
CA GLN B 229 39.76 11.18 -7.95
C GLN B 229 40.18 11.49 -6.51
N LEU B 230 41.19 10.78 -6.02
CA LEU B 230 41.67 11.03 -4.68
C LEU B 230 42.39 12.37 -4.60
N ILE B 231 42.50 13.04 -5.74
CA ILE B 231 43.13 14.36 -5.77
C ILE B 231 42.25 15.33 -5.00
N TYR B 232 41.01 14.91 -4.72
CA TYR B 232 40.05 15.74 -3.99
C TYR B 232 39.95 15.40 -2.52
N PHE B 233 40.75 14.45 -2.05
CA PHE B 233 40.70 14.05 -0.67
C PHE B 233 42.04 14.26 0.04
N TYR B 234 41.99 14.42 1.36
CA TYR B 234 43.16 14.73 2.16
C TYR B 234 44.43 13.90 2.04
N ASP B 235 44.33 12.57 2.16
CA ASP B 235 45.52 11.73 2.07
C ASP B 235 45.19 10.33 1.58
N ALA B 236 45.69 9.98 0.40
CA ALA B 236 45.43 8.68 -0.19
C ALA B 236 45.87 7.52 0.70
N GLY B 237 46.82 7.80 1.59
CA GLY B 237 47.33 6.77 2.48
C GLY B 237 46.47 6.42 3.67
N TYR B 238 45.77 7.40 4.24
CA TYR B 238 44.95 7.12 5.43
C TYR B 238 43.66 7.92 5.53
N ASP B 239 43.42 8.86 4.62
CA ASP B 239 42.20 9.65 4.69
C ASP B 239 41.55 9.88 3.33
N ARG B 240 40.68 8.96 2.95
CA ARG B 240 39.96 9.05 1.68
C ARG B 240 38.51 9.36 2.04
N LEU B 241 38.35 10.05 3.17
CA LEU B 241 37.03 10.43 3.67
C LEU B 241 36.85 11.94 3.63
N HIS B 242 37.81 12.68 4.19
CA HIS B 242 37.73 14.13 4.22
C HIS B 242 38.33 14.79 2.97
N PRO B 243 37.55 15.64 2.30
CA PRO B 243 38.05 16.31 1.09
C PRO B 243 39.17 17.28 1.45
N ASP B 244 40.10 17.49 0.54
CA ASP B 244 41.17 18.44 0.77
C ASP B 244 40.65 19.76 0.22
N THR B 245 41.48 20.80 0.22
CA THR B 245 41.05 22.09 -0.28
C THR B 245 40.50 22.01 -1.71
N LYS B 246 41.17 21.25 -2.57
CA LYS B 246 40.73 21.12 -3.96
C LYS B 246 39.31 20.56 -4.02
N GLY B 247 39.04 19.56 -3.18
CA GLY B 247 37.71 18.96 -3.14
C GLY B 247 36.69 19.92 -2.56
N GLN B 248 37.11 20.68 -1.56
CA GLN B 248 36.24 21.67 -0.92
C GLN B 248 35.86 22.73 -1.95
N GLU B 249 36.82 23.13 -2.77
CA GLU B 249 36.54 24.15 -3.78
C GLU B 249 35.61 23.61 -4.87
N ARG B 250 35.77 22.34 -5.23
CA ARG B 250 34.88 21.75 -6.23
C ARG B 250 33.48 21.68 -5.62
N ALA B 252 32.28 23.69 -3.28
CA ALA B 252 31.78 25.06 -3.19
C ALA B 252 31.25 25.56 -4.54
N ARG B 253 31.99 25.27 -5.61
CA ARG B 253 31.56 25.71 -6.94
C ARG B 253 30.28 24.97 -7.36
N THR B 254 30.19 23.70 -7.00
CA THR B 254 29.00 22.90 -7.33
C THR B 254 27.81 23.52 -6.60
N LEU B 255 28.01 23.80 -5.32
CA LEU B 255 26.98 24.39 -4.47
C LEU B 255 26.54 25.74 -5.02
N TYR B 257 26.29 26.86 -8.07
CA TYR B 257 25.32 26.78 -9.16
C TYR B 257 24.07 25.97 -8.83
N GLN B 258 24.19 25.05 -7.87
CA GLN B 258 23.03 24.27 -7.46
C GLN B 258 22.05 25.13 -6.67
N LEU B 259 22.59 26.07 -5.88
CA LEU B 259 21.75 26.96 -5.08
C LEU B 259 21.05 28.03 -5.90
N LEU B 260 21.42 28.15 -7.16
CA LEU B 260 20.83 29.15 -8.04
C LEU B 260 19.33 28.90 -8.21
N ALA B 261 18.92 27.66 -8.03
CA ALA B 261 17.52 27.26 -8.19
C ALA B 261 16.63 27.51 -6.97
N LEU B 262 17.20 28.06 -5.90
CA LEU B 262 16.44 28.30 -4.68
C LEU B 262 16.56 29.74 -4.17
N PRO B 263 15.42 30.38 -3.88
CA PRO B 263 15.48 31.75 -3.38
C PRO B 263 15.88 31.77 -1.90
N VAL B 264 16.29 32.92 -1.42
CA VAL B 264 16.65 33.08 -0.01
C VAL B 264 15.65 34.08 0.54
N ALA B 265 15.59 35.25 -0.09
CA ALA B 265 14.64 36.29 0.32
C ALA B 265 13.33 36.00 -0.40
N PHE B 266 12.28 35.71 0.35
CA PHE B 266 10.99 35.42 -0.25
C PHE B 266 10.18 36.70 -0.47
N ILE C 20 23.13 36.18 -17.86
CA ILE C 20 21.98 35.44 -18.45
C ILE C 20 20.64 36.05 -18.02
N GLN C 21 19.69 36.04 -18.95
CA GLN C 21 18.36 36.58 -18.69
C GLN C 21 17.43 35.42 -18.33
N HIS C 22 16.44 35.69 -17.48
CA HIS C 22 15.49 34.66 -17.07
C HIS C 22 14.71 34.24 -18.31
N PRO C 23 14.71 32.94 -18.62
CA PRO C 23 13.99 32.44 -19.79
C PRO C 23 12.48 32.67 -19.80
N TRP C 24 11.90 32.94 -18.64
CA TRP C 24 10.46 33.15 -18.54
C TRP C 24 10.06 34.62 -18.50
N GLN C 25 11.06 35.50 -18.51
CA GLN C 25 10.81 36.94 -18.47
C GLN C 25 10.00 37.42 -19.67
N GLY C 26 8.94 38.18 -19.39
CA GLY C 26 8.11 38.72 -20.44
C GLY C 26 7.30 37.73 -21.26
N LYS C 27 7.18 36.50 -20.77
CA LYS C 27 6.43 35.49 -21.49
C LYS C 27 4.97 35.46 -21.05
N LYS C 28 4.14 34.76 -21.81
CA LYS C 28 2.72 34.63 -21.49
C LYS C 28 2.54 33.18 -21.07
N VAL C 29 2.02 32.98 -19.86
CA VAL C 29 1.86 31.65 -19.31
C VAL C 29 0.46 31.26 -18.87
N GLY C 30 0.09 30.02 -19.18
CA GLY C 30 -1.21 29.51 -18.79
C GLY C 30 -1.04 28.76 -17.47
N TYR C 31 -1.93 29.02 -16.53
CA TYR C 31 -1.85 28.35 -15.24
C TYR C 31 -3.07 27.46 -15.01
N ILE C 32 -2.84 26.15 -15.02
CA ILE C 32 -3.90 25.17 -14.84
C ILE C 32 -3.87 24.58 -13.43
N GLY C 33 -5.04 24.50 -12.78
CA GLY C 33 -5.08 23.97 -11.43
C GLY C 33 -6.38 24.07 -10.67
N ASP C 34 -6.26 24.18 -9.35
CA ASP C 34 -7.41 24.26 -8.45
C ASP C 34 -7.49 25.60 -7.71
N SER C 35 -8.11 25.61 -6.53
CA SER C 35 -8.28 26.85 -5.78
C SER C 35 -6.98 27.56 -5.43
N ILE C 36 -5.90 26.81 -5.26
CA ILE C 36 -4.63 27.43 -4.93
C ILE C 36 -4.15 28.32 -6.07
N THR C 37 -4.69 28.09 -7.26
CA THR C 37 -4.35 28.87 -8.44
C THR C 37 -5.50 29.83 -8.78
N ASP C 38 -6.74 29.38 -8.54
CA ASP C 38 -7.95 30.15 -8.81
C ASP C 38 -7.90 31.56 -8.21
N PRO C 39 -8.07 32.60 -9.04
CA PRO C 39 -8.03 33.97 -8.51
C PRO C 39 -9.19 34.25 -7.56
N ASN C 40 -10.25 33.45 -7.64
CA ASN C 40 -11.43 33.63 -6.78
C ASN C 40 -11.24 33.12 -5.36
N CYS C 41 -10.18 32.36 -5.12
CA CYS C 41 -9.94 31.79 -3.79
C CYS C 41 -9.80 32.88 -2.73
N TYR C 42 -10.84 33.06 -1.93
CA TYR C 42 -10.88 34.10 -0.90
C TYR C 42 -10.71 35.47 -1.53
N GLY C 43 -10.97 35.54 -2.83
CA GLY C 43 -10.87 36.81 -3.56
C GLY C 43 -9.62 37.62 -3.30
N ASP C 44 -9.81 38.91 -3.02
CA ASP C 44 -8.73 39.84 -2.77
C ASP C 44 -7.98 39.61 -1.45
N ASN C 45 -8.46 38.67 -0.64
CA ASN C 45 -7.81 38.38 0.64
C ASN C 45 -6.51 37.61 0.44
N ILE C 46 -6.32 37.09 -0.77
CA ILE C 46 -5.11 36.34 -1.11
C ILE C 46 -4.58 36.77 -2.47
N LYS C 47 -3.30 37.16 -2.50
CA LYS C 47 -2.65 37.53 -3.76
C LYS C 47 -1.94 36.24 -4.18
N LYS C 48 -2.26 35.75 -5.38
CA LYS C 48 -1.70 34.49 -5.87
C LYS C 48 -0.30 34.53 -6.50
N TYR C 49 0.36 33.37 -6.50
CA TYR C 49 1.70 33.24 -7.02
C TYR C 49 1.90 33.80 -8.43
N TRP C 50 0.98 33.52 -9.35
CA TRP C 50 1.13 34.03 -10.73
C TRP C 50 1.04 35.55 -10.81
N ASP C 51 0.46 36.17 -9.79
CA ASP C 51 0.33 37.62 -9.75
C ASP C 51 1.70 38.21 -9.40
N PHE C 52 2.41 37.54 -8.49
CA PHE C 52 3.75 37.99 -8.12
C PHE C 52 4.69 37.83 -9.31
N LEU C 53 4.54 36.72 -10.02
CA LEU C 53 5.39 36.45 -11.19
C LEU C 53 5.14 37.49 -12.27
N LYS C 54 3.90 37.95 -12.37
CA LYS C 54 3.57 38.97 -13.37
C LYS C 54 4.36 40.23 -13.06
N GLU C 55 4.36 40.63 -11.79
CA GLU C 55 5.06 41.82 -11.37
C GLU C 55 6.58 41.69 -11.45
N TRP C 56 7.11 40.56 -10.99
CA TRP C 56 8.55 40.34 -10.99
C TRP C 56 9.18 40.05 -12.34
N LEU C 57 8.52 39.21 -13.14
CA LEU C 57 9.09 38.83 -14.42
C LEU C 57 8.32 39.28 -15.66
N GLY C 58 7.29 40.10 -15.46
CA GLY C 58 6.50 40.57 -16.59
C GLY C 58 5.78 39.44 -17.30
N ILE C 59 5.45 38.39 -16.56
CA ILE C 59 4.76 37.24 -17.13
C ILE C 59 3.26 37.47 -17.12
N THR C 60 2.66 37.53 -18.31
CA THR C 60 1.22 37.72 -18.43
C THR C 60 0.53 36.41 -18.07
N PRO C 61 -0.37 36.43 -17.08
CA PRO C 61 -1.06 35.21 -16.67
C PRO C 61 -2.41 34.94 -17.32
N PHE C 62 -2.60 33.71 -17.78
CA PHE C 62 -3.84 33.24 -18.38
C PHE C 62 -4.21 32.15 -17.37
N VAL C 63 -4.99 32.51 -16.36
CA VAL C 63 -5.36 31.58 -15.29
C VAL C 63 -6.65 30.79 -15.49
N TYR C 64 -6.55 29.47 -15.37
CA TYR C 64 -7.70 28.59 -15.55
C TYR C 64 -8.02 27.72 -14.35
N GLY C 65 -7.16 27.74 -13.34
CA GLY C 65 -7.41 26.94 -12.15
C GLY C 65 -8.73 27.34 -11.50
N ILE C 66 -9.50 26.35 -11.08
CA ILE C 66 -10.78 26.60 -10.42
C ILE C 66 -10.92 25.78 -9.15
N SER C 67 -11.44 26.41 -8.11
CA SER C 67 -11.63 25.77 -6.81
C SER C 67 -12.34 24.42 -6.87
N GLY C 68 -11.77 23.43 -6.18
CA GLY C 68 -12.35 22.11 -6.14
C GLY C 68 -12.04 21.18 -7.30
N ARG C 69 -11.45 21.72 -8.37
CA ARG C 69 -11.15 20.89 -9.54
C ARG C 69 -10.04 19.86 -9.31
N GLN C 70 -10.13 18.77 -10.08
CA GLN C 70 -9.21 17.64 -10.02
C GLN C 70 -8.51 17.40 -11.36
N TRP C 71 -7.65 16.38 -11.41
CA TRP C 71 -6.93 16.10 -12.66
C TRP C 71 -7.85 15.76 -13.83
N ASP C 72 -9.08 15.36 -13.54
CA ASP C 72 -10.00 15.03 -14.63
C ASP C 72 -10.44 16.31 -15.36
N ASP C 73 -10.12 17.47 -14.79
CA ASP C 73 -10.47 18.76 -15.39
C ASP C 73 -9.34 19.35 -16.22
N VAL C 74 -8.17 18.71 -16.22
CA VAL C 74 -7.03 19.22 -16.98
C VAL C 74 -7.31 19.34 -18.48
N PRO C 75 -7.97 18.34 -19.07
CA PRO C 75 -8.25 18.45 -20.50
C PRO C 75 -9.12 19.68 -20.84
N ARG C 76 -10.14 19.92 -20.02
CA ARG C 76 -11.05 21.04 -20.22
C ARG C 76 -10.32 22.37 -20.09
N GLN C 77 -9.52 22.51 -19.03
CA GLN C 77 -8.78 23.74 -18.82
C GLN C 77 -7.76 23.96 -19.94
N ALA C 78 -7.12 22.89 -20.40
CA ALA C 78 -6.14 23.00 -21.48
C ALA C 78 -6.83 23.47 -22.77
N GLU C 79 -8.00 22.92 -23.07
CA GLU C 79 -8.74 23.30 -24.27
C GLU C 79 -9.27 24.73 -24.19
N LYS C 80 -9.65 25.18 -23.00
CA LYS C 80 -10.16 26.54 -22.87
C LYS C 80 -8.99 27.51 -23.08
N LEU C 81 -7.81 27.15 -22.58
CA LEU C 81 -6.62 27.97 -22.76
C LEU C 81 -6.29 28.05 -24.24
N LYS C 82 -6.37 26.90 -24.91
CA LYS C 82 -6.09 26.81 -26.35
C LYS C 82 -7.05 27.71 -27.13
N LYS C 83 -8.34 27.58 -26.82
CA LYS C 83 -9.37 28.34 -27.49
C LYS C 83 -9.19 29.85 -27.29
N GLU C 84 -9.04 30.26 -26.04
CA GLU C 84 -8.92 31.68 -25.71
C GLU C 84 -7.54 32.34 -25.91
N HIS C 85 -6.47 31.56 -25.83
CA HIS C 85 -5.12 32.13 -25.97
C HIS C 85 -4.12 31.25 -26.71
N GLY C 86 -4.64 30.29 -27.48
CA GLY C 86 -3.78 29.37 -28.21
C GLY C 86 -2.72 30.01 -29.09
N GLY C 87 -3.02 31.16 -29.67
CA GLY C 87 -2.02 31.81 -30.51
C GLY C 87 -1.18 32.82 -29.76
N GLU C 88 -1.31 32.87 -28.43
CA GLU C 88 -0.56 33.85 -27.63
C GLU C 88 0.25 33.25 -26.50
N VAL C 89 -0.18 32.11 -25.99
CA VAL C 89 0.53 31.48 -24.87
C VAL C 89 1.89 30.90 -25.26
N ASP C 90 2.87 31.06 -24.37
CA ASP C 90 4.23 30.57 -24.58
C ASP C 90 4.54 29.31 -23.76
N ALA C 91 4.00 29.23 -22.56
CA ALA C 91 4.26 28.10 -21.69
C ALA C 91 3.08 27.79 -20.79
N ILE C 92 3.11 26.61 -20.17
CA ILE C 92 2.02 26.17 -19.32
C ILE C 92 2.50 25.47 -18.06
N LEU C 93 1.88 25.82 -16.94
CA LEU C 93 2.19 25.18 -15.66
C LEU C 93 0.91 24.49 -15.22
N VAL C 94 1.05 23.23 -14.77
CA VAL C 94 -0.09 22.44 -14.30
C VAL C 94 0.19 22.14 -12.83
N PHE C 95 -0.67 22.65 -11.96
CA PHE C 95 -0.54 22.50 -10.50
C PHE C 95 -1.85 21.88 -10.03
N GLY C 97 -4.01 18.07 -8.32
CA GLY C 97 -3.92 16.78 -7.65
C GLY C 97 -4.36 16.68 -6.21
N THR C 98 -4.26 17.77 -5.44
CA THR C 98 -4.63 17.71 -4.04
C THR C 98 -6.10 17.37 -3.84
N ASN C 99 -6.97 17.77 -4.79
CA ASN C 99 -8.38 17.46 -4.66
C ASN C 99 -8.66 16.01 -5.06
N ASP C 100 -7.76 15.42 -5.85
CA ASP C 100 -7.94 14.03 -6.23
C ASP C 100 -7.75 13.22 -4.96
N TYR C 101 -6.80 13.65 -4.14
CA TYR C 101 -6.52 12.98 -2.86
C TYR C 101 -7.75 13.12 -1.96
N ASN C 102 -8.23 14.36 -1.81
CA ASN C 102 -9.38 14.63 -0.96
C ASN C 102 -10.64 13.90 -1.41
N SER C 103 -10.81 13.73 -2.71
CA SER C 103 -11.99 13.06 -3.24
C SER C 103 -11.85 11.54 -3.36
N SER C 104 -10.80 11.00 -2.75
CA SER C 104 -10.55 9.57 -2.74
C SER C 104 -10.55 8.91 -4.12
N VAL C 105 -9.82 9.51 -5.05
CA VAL C 105 -9.72 8.94 -6.40
C VAL C 105 -8.65 7.84 -6.37
N PRO C 106 -9.04 6.60 -6.70
CA PRO C 106 -8.05 5.51 -6.70
C PRO C 106 -6.88 5.78 -7.64
N ILE C 107 -5.68 5.41 -7.22
CA ILE C 107 -4.48 5.62 -8.02
C ILE C 107 -4.52 4.87 -9.35
N GLY C 108 -4.81 3.58 -9.29
CA GLY C 108 -4.88 2.77 -10.50
C GLY C 108 -3.55 2.37 -11.09
N GLU C 109 -3.54 2.08 -12.38
CA GLU C 109 -2.33 1.67 -13.10
C GLU C 109 -2.07 2.57 -14.30
N TRP C 110 -0.79 2.67 -14.67
CA TRP C 110 -0.39 3.48 -15.81
C TRP C 110 -0.74 2.83 -17.15
N PHE C 111 -0.41 1.54 -17.29
CA PHE C 111 -0.68 0.81 -18.53
C PHE C 111 -1.34 -0.55 -18.32
N THR C 112 -1.78 -1.12 -19.43
CA THR C 112 -2.31 -2.48 -19.45
C THR C 112 -1.29 -3.13 -20.39
N GLU C 113 -1.16 -4.45 -20.34
CA GLU C 113 -0.19 -5.14 -21.18
C GLU C 113 -0.79 -6.35 -21.88
N GLN C 114 -0.24 -6.66 -23.06
CA GLN C 114 -0.71 -7.81 -23.84
C GLN C 114 0.39 -8.24 -24.81
N GLU C 115 0.50 -9.55 -25.03
CA GLU C 115 1.50 -10.08 -25.96
C GLU C 115 1.01 -9.74 -27.36
N GLU C 116 1.88 -9.17 -28.18
CA GLU C 116 1.52 -8.80 -29.54
C GLU C 116 2.57 -9.20 -30.57
N GLN C 117 2.14 -9.31 -31.82
CA GLN C 117 3.03 -9.66 -32.91
C GLN C 117 3.45 -8.34 -33.55
N VAL C 118 4.75 -8.16 -33.75
CA VAL C 118 5.24 -6.92 -34.33
C VAL C 118 6.46 -7.17 -35.22
N LEU C 119 6.57 -6.38 -36.27
CA LEU C 119 7.66 -6.48 -37.22
C LEU C 119 8.96 -5.96 -36.57
N SER C 120 10.00 -6.79 -36.56
CA SER C 120 11.28 -6.40 -35.95
C SER C 120 12.46 -6.97 -36.74
N ALA C 121 13.54 -6.18 -36.81
CA ALA C 121 14.74 -6.61 -37.53
C ALA C 121 15.98 -6.01 -36.88
N HIS C 122 16.97 -6.85 -36.63
CA HIS C 122 18.20 -6.41 -35.98
C HIS C 122 19.43 -7.11 -36.56
N GLY C 123 19.63 -6.98 -37.87
CA GLY C 123 20.77 -7.60 -38.51
C GLY C 123 20.38 -8.60 -39.58
N GLU C 124 19.21 -9.23 -39.40
CA GLU C 124 18.71 -10.22 -40.36
C GLU C 124 17.38 -9.76 -40.94
N LYS C 126 13.74 -8.93 -41.68
CA LYS C 126 12.65 -8.63 -40.77
C LYS C 126 11.56 -9.70 -40.79
N LYS C 127 10.87 -9.84 -39.67
CA LYS C 127 9.77 -10.79 -39.55
C LYS C 127 8.99 -10.53 -38.27
N VAL C 129 7.62 -10.96 -34.67
CA VAL C 129 8.09 -11.54 -33.43
C VAL C 129 7.07 -11.23 -32.35
N THR C 130 7.10 -12.01 -31.27
CA THR C 130 6.18 -11.80 -30.16
C THR C 130 6.83 -10.92 -29.10
N ARG C 131 6.20 -9.79 -28.80
CA ARG C 131 6.71 -8.88 -27.79
C ARG C 131 5.55 -8.35 -26.96
N LYS C 132 5.80 -8.17 -25.67
CA LYS C 132 4.79 -7.64 -24.79
C LYS C 132 4.62 -6.15 -25.12
N LYS C 133 3.37 -5.73 -25.35
CA LYS C 133 3.10 -4.34 -25.69
C LYS C 133 2.21 -3.71 -24.63
N ARG C 134 2.55 -2.48 -24.22
CA ARG C 134 1.76 -1.79 -23.21
C ARG C 134 0.93 -0.69 -23.85
N THR C 135 -0.21 -0.40 -23.22
CA THR C 135 -1.13 0.61 -23.70
C THR C 135 -1.56 1.46 -22.50
N PRO C 136 -1.40 2.78 -22.60
CA PRO C 136 -1.80 3.64 -21.48
C PRO C 136 -3.29 3.54 -21.13
N VAL C 137 -3.58 3.54 -19.84
CA VAL C 137 -4.97 3.50 -19.39
C VAL C 137 -5.52 4.91 -19.60
N THR C 139 -8.66 6.38 -18.80
CA THR C 139 -9.93 6.46 -18.09
C THR C 139 -9.86 7.53 -17.01
N GLN C 140 -11.00 8.16 -16.70
CA GLN C 140 -11.02 9.18 -15.67
C GLN C 140 -11.37 8.56 -14.32
N ASP C 141 -11.49 7.24 -14.29
CA ASP C 141 -11.85 6.55 -13.06
C ASP C 141 -10.69 6.42 -12.08
N THR C 142 -9.47 6.63 -12.54
CA THR C 142 -8.31 6.53 -11.68
C THR C 142 -7.41 7.76 -11.85
N TYR C 143 -6.54 7.98 -10.86
CA TYR C 143 -5.63 9.12 -10.87
C TYR C 143 -4.63 8.99 -12.02
N ARG C 144 -3.99 7.84 -12.14
CA ARG C 144 -3.03 7.63 -13.21
C ARG C 144 -3.70 7.74 -14.58
N GLY C 145 -4.95 7.30 -14.65
CA GLY C 145 -5.68 7.38 -15.91
C GLY C 145 -5.94 8.83 -16.26
N ARG C 146 -6.28 9.63 -15.25
CA ARG C 146 -6.54 11.05 -15.45
C ARG C 146 -5.27 11.77 -15.91
N ILE C 147 -4.14 11.40 -15.32
CA ILE C 147 -2.87 12.00 -15.69
C ILE C 147 -2.54 11.64 -17.14
N ASN C 148 -2.80 10.38 -17.51
CA ASN C 148 -2.54 9.93 -18.87
C ASN C 148 -3.36 10.78 -19.84
N ILE C 149 -4.65 10.90 -19.55
CA ILE C 149 -5.55 11.67 -20.39
C ILE C 149 -5.19 13.14 -20.45
N GLY C 150 -4.84 13.71 -19.28
CA GLY C 150 -4.49 15.11 -19.19
C GLY C 150 -3.21 15.50 -19.92
N ILE C 151 -2.17 14.69 -19.77
CA ILE C 151 -0.92 14.97 -20.43
C ILE C 151 -1.05 14.75 -21.94
N THR C 152 -1.87 13.78 -22.34
CA THR C 152 -2.09 13.55 -23.76
C THR C 152 -2.71 14.80 -24.36
N GLN C 153 -3.74 15.32 -23.70
CA GLN C 153 -4.42 16.53 -24.19
C GLN C 153 -3.47 17.71 -24.26
N LEU C 154 -2.65 17.88 -23.23
CA LEU C 154 -1.69 18.99 -23.18
C LEU C 154 -0.70 18.95 -24.34
N LYS C 155 -0.08 17.81 -24.57
CA LYS C 155 0.88 17.67 -25.66
C LYS C 155 0.20 17.72 -27.02
N LYS C 156 -1.07 17.30 -27.07
CA LYS C 156 -1.81 17.31 -28.32
C LYS C 156 -2.12 18.74 -28.77
N LEU C 157 -2.55 19.58 -27.84
CA LEU C 157 -2.90 20.95 -28.17
C LEU C 157 -1.72 21.93 -28.16
N PHE C 158 -0.70 21.60 -27.38
CA PHE C 158 0.48 22.46 -27.27
C PHE C 158 1.76 21.62 -27.41
N PRO C 159 1.91 20.91 -28.54
CA PRO C 159 3.09 20.06 -28.78
C PRO C 159 4.43 20.77 -28.82
N ASP C 160 4.43 22.05 -29.16
CA ASP C 160 5.66 22.82 -29.27
C ASP C 160 5.92 23.79 -28.12
N LYS C 161 5.22 23.62 -27.01
CA LYS C 161 5.39 24.51 -25.87
C LYS C 161 6.07 23.86 -24.68
N GLN C 162 6.57 24.70 -23.78
CA GLN C 162 7.20 24.23 -22.56
C GLN C 162 6.02 23.99 -21.61
N ILE C 163 5.83 22.75 -21.20
CA ILE C 163 4.74 22.42 -20.28
C ILE C 163 5.38 21.80 -19.04
N VAL C 164 5.04 22.33 -17.86
CA VAL C 164 5.63 21.82 -16.63
C VAL C 164 4.61 21.45 -15.57
N LEU C 165 4.84 20.32 -14.91
CA LEU C 165 3.95 19.87 -13.86
C LEU C 165 4.55 20.22 -12.50
N LEU C 166 3.68 20.63 -11.56
CA LEU C 166 4.09 20.96 -10.20
C LEU C 166 3.38 19.98 -9.26
N THR C 167 4.11 19.38 -8.33
CA THR C 167 3.51 18.44 -7.40
C THR C 167 2.70 19.19 -6.32
N PRO C 168 1.61 18.59 -5.84
CA PRO C 168 0.79 19.25 -4.81
C PRO C 168 1.54 19.52 -3.50
N LEU C 169 1.15 20.59 -2.83
CA LEU C 169 1.78 21.01 -1.58
C LEU C 169 1.33 20.21 -0.38
N HIS C 170 2.13 20.24 0.68
CA HIS C 170 1.77 19.55 1.91
C HIS C 170 0.49 20.24 2.36
N ARG C 171 -0.34 19.52 3.11
CA ARG C 171 -1.62 20.06 3.54
C ARG C 171 -2.04 19.58 4.92
N SER C 172 -2.84 20.38 5.62
CA SER C 172 -3.33 20.02 6.94
C SER C 172 -4.85 20.17 6.92
N LEU C 173 -5.50 20.11 8.08
CA LEU C 173 -6.96 20.17 8.13
C LEU C 173 -7.61 21.41 7.53
N ALA C 174 -8.84 21.21 7.06
CA ALA C 174 -9.64 22.26 6.47
C ALA C 174 -11.10 21.93 6.82
N ASN C 175 -11.85 22.93 7.26
CA ASN C 175 -13.24 22.72 7.62
C ASN C 175 -14.06 23.84 6.98
N PHE C 176 -14.85 23.48 5.96
CA PHE C 176 -15.67 24.47 5.25
C PHE C 176 -17.16 24.17 5.34
N GLY C 177 -17.68 24.02 6.56
CA GLY C 177 -19.10 23.75 6.70
C GLY C 177 -19.41 22.31 7.01
N ASP C 178 -20.66 22.05 7.35
CA ASP C 178 -21.16 20.72 7.71
C ASP C 178 -20.87 19.58 6.74
N LYS C 179 -20.72 19.88 5.45
CA LYS C 179 -20.50 18.83 4.47
C LYS C 179 -19.16 18.85 3.74
N ASN C 180 -18.22 19.63 4.25
CA ASN C 180 -16.89 19.74 3.64
C ASN C 180 -15.83 19.86 4.73
N VAL C 181 -15.37 18.72 5.24
CA VAL C 181 -14.35 18.69 6.28
C VAL C 181 -13.25 17.76 5.81
N GLN C 182 -12.03 18.30 5.73
CA GLN C 182 -10.88 17.55 5.24
C GLN C 182 -9.78 17.32 6.29
N PRO C 183 -9.62 16.07 6.75
CA PRO C 183 -8.59 15.72 7.74
C PRO C 183 -7.20 16.09 7.24
N ASP C 184 -6.25 16.31 8.14
CA ASP C 184 -4.89 16.65 7.72
C ASP C 184 -4.22 15.48 7.02
N GLU C 185 -3.05 15.71 6.42
CA GLU C 185 -2.36 14.67 5.67
C GLU C 185 -1.77 13.50 6.45
N SER C 186 -2.00 13.44 7.74
CA SER C 186 -1.48 12.31 8.52
C SER C 186 -2.47 11.15 8.34
N TYR C 187 -3.63 11.46 7.76
CA TYR C 187 -4.67 10.46 7.52
C TYR C 187 -4.76 10.03 6.06
N GLN C 188 -5.08 8.76 5.83
CA GLN C 188 -5.27 8.26 4.48
C GLN C 188 -6.64 8.79 4.09
N ASN C 189 -6.92 8.88 2.80
CA ASN C 189 -8.22 9.38 2.35
C ASN C 189 -9.24 8.24 2.34
N GLY C 190 -10.38 8.49 1.69
CA GLY C 190 -11.45 7.50 1.61
C GLY C 190 -11.13 6.21 0.91
N CYS C 191 -10.09 6.19 0.06
CA CYS C 191 -9.73 4.95 -0.62
C CYS C 191 -8.41 4.37 -0.14
N GLY C 192 -8.05 4.68 1.11
CA GLY C 192 -6.83 4.15 1.72
C GLY C 192 -5.49 4.62 1.18
N GLU C 193 -5.41 5.86 0.71
CA GLU C 193 -4.15 6.39 0.19
C GLU C 193 -3.77 7.66 0.94
N TYR C 194 -2.47 7.84 1.17
CA TYR C 194 -1.99 9.07 1.80
C TYR C 194 -1.80 10.05 0.64
N ILE C 195 -1.60 11.32 0.95
CA ILE C 195 -1.40 12.33 -0.08
C ILE C 195 -0.17 11.96 -0.93
N ASP C 196 0.77 11.28 -0.29
CA ASP C 196 2.02 10.84 -0.93
C ASP C 196 1.82 10.23 -2.31
N ALA C 197 0.85 9.32 -2.42
CA ALA C 197 0.57 8.64 -3.67
C ALA C 197 0.26 9.58 -4.83
N TYR C 198 -0.45 10.66 -4.53
CA TYR C 198 -0.85 11.63 -5.54
C TYR C 198 0.31 12.56 -5.88
N VAL C 199 1.29 12.64 -4.98
CA VAL C 199 2.47 13.46 -5.21
C VAL C 199 3.44 12.64 -6.07
N GLN C 200 3.66 11.39 -5.66
CA GLN C 200 4.57 10.51 -6.37
C GLN C 200 4.16 10.15 -7.79
N ALA C 201 2.86 9.99 -8.04
CA ALA C 201 2.38 9.64 -9.37
C ALA C 201 2.74 10.76 -10.36
N ILE C 202 2.63 12.00 -9.92
CA ILE C 202 2.97 13.12 -10.78
C ILE C 202 4.47 13.10 -11.07
N LYS C 203 5.28 12.82 -10.04
CA LYS C 203 6.72 12.75 -10.24
C LYS C 203 7.05 11.66 -11.25
N GLU C 204 6.37 10.52 -11.16
CA GLU C 204 6.60 9.40 -12.08
C GLU C 204 6.21 9.73 -13.51
N ALA C 205 5.23 10.61 -13.66
CA ALA C 205 4.76 11.01 -14.99
C ALA C 205 5.88 11.63 -15.82
N GLY C 206 6.86 12.24 -15.16
CA GLY C 206 7.97 12.84 -15.88
C GLY C 206 8.62 11.93 -16.90
N ASN C 207 9.05 10.75 -16.48
CA ASN C 207 9.69 9.80 -17.39
C ASN C 207 8.66 9.01 -18.18
N ILE C 208 7.50 8.76 -17.59
CA ILE C 208 6.47 8.00 -18.30
C ILE C 208 5.99 8.74 -19.55
N TRP C 209 5.79 10.05 -19.41
CA TRP C 209 5.29 10.85 -20.53
C TRP C 209 6.31 11.77 -21.20
N GLY C 210 7.47 11.97 -20.56
CA GLY C 210 8.47 12.85 -21.13
C GLY C 210 8.05 14.29 -20.92
N ILE C 211 8.01 14.70 -19.66
CA ILE C 211 7.61 16.06 -19.30
C ILE C 211 8.32 16.47 -18.02
N PRO C 212 8.76 17.73 -17.95
CA PRO C 212 9.46 18.21 -16.74
C PRO C 212 8.53 18.33 -15.55
N VAL C 213 9.04 18.00 -14.37
CA VAL C 213 8.27 18.09 -13.15
C VAL C 213 9.05 18.83 -12.07
N ILE C 214 8.44 19.86 -11.51
CA ILE C 214 9.06 20.63 -10.43
C ILE C 214 8.41 20.12 -9.16
N ASP C 215 9.23 19.53 -8.28
CA ASP C 215 8.73 18.96 -7.03
C ASP C 215 8.44 20.04 -5.99
N PHE C 216 7.38 20.80 -6.27
CA PHE C 216 6.91 21.88 -5.44
C PHE C 216 6.62 21.42 -4.01
N ASN C 217 6.13 20.20 -3.89
CA ASN C 217 5.81 19.60 -2.60
C ASN C 217 7.01 19.70 -1.66
N ALA C 218 8.21 19.61 -2.21
CA ALA C 218 9.42 19.69 -1.41
C ALA C 218 10.14 21.04 -1.46
N VAL C 219 10.43 21.52 -2.66
CA VAL C 219 11.18 22.76 -2.82
C VAL C 219 10.59 24.03 -2.21
N THR C 220 9.28 24.08 -1.97
CA THR C 220 8.68 25.27 -1.36
C THR C 220 9.04 25.33 0.11
N GLY C 221 9.36 24.17 0.69
CA GLY C 221 9.72 24.11 2.10
C GLY C 221 8.54 24.43 3.01
N ASN C 223 5.30 23.25 4.97
CA ASN C 223 4.60 22.08 5.52
C ASN C 223 3.71 22.51 6.68
N PRO C 224 2.40 22.65 6.44
CA PRO C 224 1.46 23.05 7.49
C PRO C 224 1.38 22.08 8.67
N VAL C 226 3.75 21.33 10.47
CA VAL C 226 4.63 21.92 11.49
C VAL C 226 3.91 23.24 11.74
N GLU C 227 3.21 23.31 12.86
CA GLU C 227 2.42 24.49 13.21
C GLU C 227 3.10 25.84 13.01
N GLU C 228 4.40 25.91 13.27
CA GLU C 228 5.11 27.17 13.10
C GLU C 228 5.06 27.67 11.65
N GLN C 229 4.88 26.76 10.70
CA GLN C 229 4.83 27.16 9.30
C GLN C 229 3.43 27.53 8.82
N LEU C 230 2.47 27.57 9.75
CA LEU C 230 1.11 27.94 9.39
C LEU C 230 1.02 29.42 9.07
N ILE C 231 2.15 30.11 9.20
CA ILE C 231 2.21 31.53 8.86
C ILE C 231 1.99 31.65 7.36
N TYR C 232 2.14 30.52 6.65
CA TYR C 232 1.97 30.48 5.21
C TYR C 232 0.59 30.01 4.76
N PHE C 233 -0.30 29.73 5.71
CA PHE C 233 -1.64 29.27 5.36
C PHE C 233 -2.74 30.20 5.87
N TYR C 234 -3.87 30.18 5.18
CA TYR C 234 -4.99 31.08 5.48
C TYR C 234 -5.50 31.21 6.91
N ASP C 235 -5.90 30.12 7.54
CA ASP C 235 -6.42 30.21 8.91
C ASP C 235 -6.13 28.95 9.72
N ALA C 236 -5.33 29.09 10.76
CA ALA C 236 -4.97 27.96 11.61
C ALA C 236 -6.21 27.28 12.17
N GLY C 237 -7.27 28.04 12.31
CA GLY C 237 -8.51 27.50 12.85
C GLY C 237 -9.32 26.60 11.95
N TYR C 238 -9.47 26.98 10.67
CA TYR C 238 -10.28 26.17 9.77
C TYR C 238 -9.72 25.95 8.37
N ASP C 239 -8.56 26.52 8.07
CA ASP C 239 -7.99 26.33 6.74
C ASP C 239 -6.48 26.23 6.73
N ARG C 240 -5.97 25.02 6.91
CA ARG C 240 -4.54 24.77 6.89
C ARG C 240 -4.22 24.06 5.58
N LEU C 241 -5.05 24.34 4.57
CA LEU C 241 -4.91 23.76 3.24
C LEU C 241 -4.49 24.79 2.22
N HIS C 242 -5.20 25.92 2.21
CA HIS C 242 -4.91 26.99 1.26
C HIS C 242 -3.87 27.98 1.76
N PRO C 243 -2.80 28.20 0.99
CA PRO C 243 -1.75 29.14 1.38
C PRO C 243 -2.29 30.57 1.43
N ASP C 244 -1.79 31.38 2.35
CA ASP C 244 -2.23 32.78 2.40
C ASP C 244 -1.29 33.55 1.47
N THR C 245 -1.41 34.87 1.43
CA THR C 245 -0.56 35.67 0.56
C THR C 245 0.93 35.43 0.82
N LYS C 246 1.32 35.30 2.08
CA LYS C 246 2.72 35.07 2.41
C LYS C 246 3.18 33.74 1.82
N GLY C 247 2.27 32.76 1.86
CA GLY C 247 2.59 31.45 1.29
C GLY C 247 2.66 31.52 -0.22
N GLN C 248 1.76 32.29 -0.83
CA GLN C 248 1.76 32.43 -2.28
C GLN C 248 3.05 33.11 -2.73
N GLU C 249 3.54 34.07 -1.95
CA GLU C 249 4.76 34.76 -2.34
C GLU C 249 5.97 33.84 -2.25
N ARG C 250 6.03 33.02 -1.21
CA ARG C 250 7.15 32.07 -1.08
C ARG C 250 7.09 31.08 -2.24
N ALA C 252 5.79 31.67 -5.21
CA ALA C 252 6.16 32.40 -6.41
C ALA C 252 7.68 32.57 -6.48
N ARG C 253 8.29 32.90 -5.35
CA ARG C 253 9.73 33.10 -5.32
C ARG C 253 10.44 31.77 -5.61
N THR C 254 9.87 30.67 -5.13
CA THR C 254 10.44 29.35 -5.36
C THR C 254 10.36 29.04 -6.85
N LEU C 255 9.21 29.30 -7.46
CA LEU C 255 9.03 29.05 -8.89
C LEU C 255 9.98 29.87 -9.74
N TYR C 257 13.05 30.86 -9.32
CA TYR C 257 14.37 30.28 -9.50
C TYR C 257 14.35 28.84 -9.99
N GLN C 258 13.28 28.11 -9.71
CA GLN C 258 13.17 26.73 -10.18
C GLN C 258 12.94 26.71 -11.69
N LEU C 259 12.24 27.71 -12.19
CA LEU C 259 11.95 27.79 -13.63
C LEU C 259 13.16 28.25 -14.44
N LEU C 260 14.18 28.71 -13.73
CA LEU C 260 15.40 29.18 -14.39
C LEU C 260 16.06 28.06 -15.18
N ALA C 261 15.81 26.81 -14.78
CA ALA C 261 16.40 25.64 -15.44
C ALA C 261 15.64 25.18 -16.69
N LEU C 262 14.54 25.86 -17.02
CA LEU C 262 13.74 25.48 -18.17
C LEU C 262 13.51 26.62 -19.14
N PRO C 263 13.82 26.40 -20.43
CA PRO C 263 13.62 27.45 -21.43
C PRO C 263 12.16 27.57 -21.81
N VAL C 264 11.78 28.69 -22.41
CA VAL C 264 10.40 28.88 -22.86
C VAL C 264 10.49 29.02 -24.37
N ALA C 265 11.30 29.97 -24.81
CA ALA C 265 11.50 30.18 -26.24
C ALA C 265 12.56 29.18 -26.68
N PHE C 266 12.19 28.25 -27.54
CA PHE C 266 13.13 27.23 -28.01
C PHE C 266 13.96 27.72 -29.21
N ILE D 20 -22.78 -38.57 10.58
CA ILE D 20 -21.36 -38.16 10.78
C ILE D 20 -21.03 -38.01 12.27
N GLN D 21 -19.80 -38.36 12.62
CA GLN D 21 -19.33 -38.28 14.01
C GLN D 21 -18.55 -36.99 14.24
N HIS D 22 -18.60 -36.48 15.47
CA HIS D 22 -17.87 -35.27 15.81
C HIS D 22 -16.37 -35.53 15.66
N PRO D 23 -15.69 -34.76 14.81
CA PRO D 23 -14.25 -34.94 14.58
C PRO D 23 -13.34 -34.84 15.81
N TRP D 24 -13.83 -34.25 16.90
CA TRP D 24 -13.02 -34.12 18.11
C TRP D 24 -13.33 -35.16 19.18
N GLN D 25 -14.35 -35.98 18.93
CA GLN D 25 -14.73 -37.01 19.88
C GLN D 25 -13.58 -37.98 20.16
N GLY D 26 -13.33 -38.22 21.44
CA GLY D 26 -12.28 -39.15 21.86
C GLY D 26 -10.85 -38.70 21.63
N LYS D 27 -10.65 -37.42 21.32
CA LYS D 27 -9.31 -36.92 21.06
C LYS D 27 -8.65 -36.34 22.30
N LYS D 28 -7.33 -36.17 22.24
CA LYS D 28 -6.56 -35.61 23.33
C LYS D 28 -6.18 -34.19 22.93
N VAL D 29 -6.62 -33.22 23.71
CA VAL D 29 -6.39 -31.81 23.40
C VAL D 29 -5.63 -30.99 24.43
N GLY D 30 -4.70 -30.17 23.93
CA GLY D 30 -3.94 -29.29 24.79
C GLY D 30 -4.67 -27.98 24.86
N TYR D 31 -4.84 -27.45 26.07
CA TYR D 31 -5.53 -26.19 26.26
C TYR D 31 -4.55 -25.16 26.82
N ILE D 32 -4.30 -24.12 26.03
CA ILE D 32 -3.37 -23.08 26.39
C ILE D 32 -4.13 -21.78 26.68
N GLY D 33 -3.82 -21.14 27.80
CA GLY D 33 -4.52 -19.90 28.13
C GLY D 33 -4.19 -19.28 29.46
N ASP D 34 -5.19 -18.59 30.01
CA ASP D 34 -5.05 -17.88 31.28
C ASP D 34 -6.00 -18.44 32.33
N SER D 35 -6.43 -17.59 33.26
CA SER D 35 -7.32 -18.01 34.33
C SER D 35 -8.63 -18.65 33.86
N ILE D 36 -9.15 -18.19 32.73
CA ILE D 36 -10.39 -18.74 32.21
C ILE D 36 -10.24 -20.19 31.75
N THR D 37 -8.98 -20.64 31.66
CA THR D 37 -8.68 -22.02 31.27
C THR D 37 -8.04 -22.77 32.45
N ASP D 38 -7.44 -22.01 33.35
CA ASP D 38 -6.78 -22.56 34.53
C ASP D 38 -7.74 -23.39 35.40
N PRO D 39 -7.37 -24.64 35.69
CA PRO D 39 -8.25 -25.48 36.51
C PRO D 39 -8.40 -24.96 37.95
N ASN D 40 -7.44 -24.14 38.39
CA ASN D 40 -7.46 -23.60 39.75
C ASN D 40 -8.25 -22.30 39.95
N CYS D 41 -8.71 -21.70 38.86
CA CYS D 41 -9.47 -20.44 38.96
C CYS D 41 -10.67 -20.63 39.90
N TYR D 42 -10.61 -20.01 41.07
CA TYR D 42 -11.67 -20.11 42.07
C TYR D 42 -11.89 -21.56 42.49
N GLY D 43 -10.83 -22.37 42.41
CA GLY D 43 -10.91 -23.77 42.79
C GLY D 43 -12.01 -24.54 42.11
N ASP D 44 -12.69 -25.39 42.88
CA ASP D 44 -13.79 -26.21 42.37
C ASP D 44 -15.10 -25.44 42.25
N ASN D 45 -15.05 -24.13 42.45
CA ASN D 45 -16.27 -23.33 42.38
C ASN D 45 -16.58 -22.87 40.96
N ILE D 46 -15.75 -23.31 40.01
CA ILE D 46 -15.93 -23.00 38.61
C ILE D 46 -15.49 -24.21 37.81
N LYS D 47 -16.44 -24.85 37.12
CA LYS D 47 -16.14 -26.00 36.29
C LYS D 47 -15.76 -25.43 34.93
N LYS D 48 -14.59 -25.79 34.42
CA LYS D 48 -14.11 -25.26 33.15
C LYS D 48 -14.68 -25.91 31.89
N TYR D 49 -14.69 -25.14 30.81
CA TYR D 49 -15.21 -25.60 29.53
C TYR D 49 -14.59 -26.91 29.06
N TRP D 50 -13.29 -27.10 29.26
CA TRP D 50 -12.64 -28.33 28.83
C TRP D 50 -13.09 -29.51 29.66
N ASP D 51 -13.66 -29.24 30.82
CA ASP D 51 -14.15 -30.30 31.68
C ASP D 51 -15.45 -30.82 31.08
N PHE D 52 -16.30 -29.91 30.63
CA PHE D 52 -17.56 -30.32 30.00
C PHE D 52 -17.28 -31.08 28.71
N LEU D 53 -16.29 -30.61 27.94
CA LEU D 53 -15.95 -31.27 26.68
C LEU D 53 -15.47 -32.68 26.93
N LYS D 54 -14.78 -32.88 28.06
CA LYS D 54 -14.28 -34.20 28.42
C LYS D 54 -15.47 -35.13 28.65
N GLU D 55 -16.46 -34.63 29.38
CA GLU D 55 -17.65 -35.41 29.69
C GLU D 55 -18.51 -35.67 28.45
N TRP D 56 -18.74 -34.62 27.66
CA TRP D 56 -19.58 -34.74 26.48
C TRP D 56 -18.98 -35.45 25.26
N LEU D 57 -17.73 -35.14 24.95
CA LEU D 57 -17.09 -35.72 23.78
C LEU D 57 -15.93 -36.66 24.04
N GLY D 58 -15.70 -36.98 25.31
CA GLY D 58 -14.62 -37.89 25.65
C GLY D 58 -13.24 -37.33 25.29
N ILE D 59 -13.11 -36.01 25.36
CA ILE D 59 -11.84 -35.36 25.05
C ILE D 59 -10.95 -35.27 26.28
N THR D 60 -9.81 -35.95 26.23
CA THR D 60 -8.86 -35.92 27.34
C THR D 60 -8.19 -34.55 27.33
N PRO D 61 -8.27 -33.82 28.45
CA PRO D 61 -7.64 -32.50 28.49
C PRO D 61 -6.25 -32.42 29.12
N PHE D 62 -5.34 -31.75 28.42
CA PHE D 62 -3.99 -31.52 28.93
C PHE D 62 -4.01 -29.99 29.07
N VAL D 63 -4.30 -29.53 30.28
CA VAL D 63 -4.44 -28.10 30.54
C VAL D 63 -3.20 -27.35 31.03
N TYR D 64 -2.85 -26.28 30.32
CA TYR D 64 -1.68 -25.48 30.66
C TYR D 64 -1.99 -24.01 31.00
N GLY D 65 -3.25 -23.61 30.85
CA GLY D 65 -3.62 -22.25 31.17
C GLY D 65 -3.33 -21.93 32.63
N ILE D 66 -2.85 -20.72 32.88
CA ILE D 66 -2.52 -20.28 34.23
C ILE D 66 -3.01 -18.84 34.45
N SER D 67 -3.61 -18.60 35.62
CA SER D 67 -4.13 -17.29 35.95
C SER D 67 -3.14 -16.15 35.71
N GLY D 68 -3.63 -15.08 35.08
CA GLY D 68 -2.79 -13.93 34.81
C GLY D 68 -1.83 -13.99 33.65
N ARG D 69 -1.66 -15.15 33.02
CA ARG D 69 -0.73 -15.27 31.90
C ARG D 69 -1.16 -14.52 30.64
N GLN D 70 -0.18 -14.12 29.83
CA GLN D 70 -0.42 -13.37 28.60
C GLN D 70 0.16 -14.09 27.39
N TRP D 71 -0.03 -13.55 26.19
CA TRP D 71 0.47 -14.19 24.98
C TRP D 71 1.98 -14.46 25.01
N ASP D 72 2.71 -13.75 25.85
CA ASP D 72 4.15 -13.99 25.94
C ASP D 72 4.43 -15.35 26.58
N ASP D 73 3.41 -15.95 27.18
CA ASP D 73 3.58 -17.26 27.83
C ASP D 73 3.17 -18.45 26.95
N VAL D 74 2.75 -18.17 25.72
CA VAL D 74 2.34 -19.25 24.84
C VAL D 74 3.48 -20.20 24.47
N PRO D 75 4.67 -19.66 24.17
CA PRO D 75 5.80 -20.53 23.82
C PRO D 75 6.11 -21.52 24.95
N ARG D 76 6.09 -21.03 26.20
CA ARG D 76 6.39 -21.88 27.36
C ARG D 76 5.33 -22.96 27.56
N GLN D 77 4.07 -22.58 27.47
CA GLN D 77 2.98 -23.54 27.64
C GLN D 77 3.02 -24.57 26.51
N ALA D 78 3.34 -24.12 25.29
CA ALA D 78 3.40 -25.03 24.15
C ALA D 78 4.53 -26.04 24.35
N GLU D 79 5.68 -25.56 24.83
CA GLU D 79 6.82 -26.45 25.05
C GLU D 79 6.58 -27.41 26.20
N LYS D 80 5.86 -26.96 27.22
CA LYS D 80 5.57 -27.83 28.35
C LYS D 80 4.59 -28.92 27.89
N LEU D 81 3.68 -28.55 27.00
CA LEU D 81 2.72 -29.53 26.45
C LEU D 81 3.49 -30.55 25.61
N LYS D 82 4.44 -30.07 24.83
CA LYS D 82 5.27 -30.93 23.97
C LYS D 82 6.03 -31.94 24.82
N LYS D 83 6.69 -31.42 25.85
CA LYS D 83 7.48 -32.26 26.75
C LYS D 83 6.66 -33.33 27.46
N GLU D 84 5.54 -32.94 28.05
CA GLU D 84 4.71 -33.87 28.80
C GLU D 84 3.75 -34.75 28.01
N HIS D 85 3.27 -34.27 26.87
CA HIS D 85 2.30 -35.04 26.09
C HIS D 85 2.48 -34.95 24.58
N GLY D 86 3.66 -34.54 24.13
CA GLY D 86 3.92 -34.41 22.71
C GLY D 86 3.62 -35.63 21.87
N GLY D 87 3.78 -36.82 22.43
CA GLY D 87 3.53 -38.04 21.69
C GLY D 87 2.10 -38.52 21.71
N GLU D 88 1.22 -37.82 22.43
CA GLU D 88 -0.17 -38.26 22.49
C GLU D 88 -1.22 -37.19 22.20
N VAL D 89 -0.82 -35.92 22.23
CA VAL D 89 -1.78 -34.86 21.96
C VAL D 89 -2.23 -34.85 20.49
N ASP D 90 -3.52 -34.62 20.27
CA ASP D 90 -4.08 -34.61 18.92
C ASP D 90 -4.33 -33.21 18.38
N ALA D 91 -4.78 -32.32 19.25
CA ALA D 91 -5.07 -30.95 18.85
C ALA D 91 -4.77 -29.97 19.98
N ILE D 92 -4.73 -28.68 19.63
CA ILE D 92 -4.43 -27.64 20.60
C ILE D 92 -5.29 -26.40 20.41
N LEU D 93 -5.86 -25.91 21.51
CA LEU D 93 -6.67 -24.70 21.48
C LEU D 93 -5.91 -23.64 22.26
N VAL D 94 -5.81 -22.44 21.69
CA VAL D 94 -5.11 -21.33 22.32
C VAL D 94 -6.16 -20.25 22.61
N PHE D 95 -6.38 -19.98 23.89
CA PHE D 95 -7.38 -19.02 24.37
C PHE D 95 -6.61 -18.00 25.23
N GLY D 97 -4.97 -13.62 25.62
CA GLY D 97 -5.02 -12.24 25.19
C GLY D 97 -5.71 -11.22 26.08
N THR D 98 -6.67 -11.65 26.90
CA THR D 98 -7.37 -10.69 27.73
C THR D 98 -6.44 -10.01 28.73
N ASN D 99 -5.40 -10.72 29.17
CA ASN D 99 -4.45 -10.13 30.12
C ASN D 99 -3.46 -9.20 29.44
N ASP D 100 -3.23 -9.40 28.15
CA ASP D 100 -2.35 -8.52 27.41
C ASP D 100 -3.05 -7.16 27.39
N TYR D 101 -4.36 -7.18 27.24
CA TYR D 101 -5.14 -5.95 27.24
C TYR D 101 -5.01 -5.28 28.60
N ASN D 102 -5.31 -6.02 29.65
CA ASN D 102 -5.25 -5.50 31.01
C ASN D 102 -3.87 -4.99 31.41
N SER D 103 -2.83 -5.63 30.89
CA SER D 103 -1.46 -5.23 31.23
C SER D 103 -0.87 -4.15 30.34
N SER D 104 -1.71 -3.56 29.49
CA SER D 104 -1.31 -2.48 28.60
C SER D 104 -0.15 -2.81 27.66
N VAL D 105 -0.23 -3.97 27.02
CA VAL D 105 0.82 -4.40 26.08
C VAL D 105 0.57 -3.70 24.74
N PRO D 106 1.51 -2.84 24.31
CA PRO D 106 1.36 -2.13 23.03
C PRO D 106 1.11 -3.12 21.89
N ILE D 107 0.20 -2.76 20.98
CA ILE D 107 -0.13 -3.63 19.86
C ILE D 107 1.05 -3.87 18.92
N GLY D 108 1.72 -2.78 18.53
CA GLY D 108 2.88 -2.89 17.65
C GLY D 108 2.50 -3.15 16.21
N GLU D 109 3.38 -3.81 15.47
CA GLU D 109 3.13 -4.13 14.07
C GLU D 109 3.53 -5.57 13.75
N TRP D 110 2.95 -6.12 12.70
CA TRP D 110 3.23 -7.49 12.30
C TRP D 110 4.60 -7.70 11.67
N PHE D 111 4.95 -6.84 10.73
CA PHE D 111 6.21 -6.92 10.01
C PHE D 111 6.95 -5.60 9.93
N THR D 112 8.17 -5.67 9.41
CA THR D 112 8.99 -4.49 9.15
C THR D 112 9.30 -4.77 7.68
N GLU D 113 9.41 -3.72 6.86
CA GLU D 113 9.67 -3.91 5.44
C GLU D 113 10.95 -3.24 4.99
N GLN D 114 11.46 -3.70 3.85
CA GLN D 114 12.68 -3.15 3.28
C GLN D 114 12.92 -3.74 1.90
N GLU D 115 13.45 -2.92 1.00
CA GLU D 115 13.76 -3.38 -0.34
C GLU D 115 14.94 -4.33 -0.25
N GLU D 116 14.77 -5.52 -0.83
CA GLU D 116 15.81 -6.55 -0.80
C GLU D 116 15.91 -7.20 -2.18
N GLN D 117 17.00 -7.93 -2.42
CA GLN D 117 17.16 -8.63 -3.69
C GLN D 117 16.85 -10.11 -3.49
N VAL D 118 16.20 -10.71 -4.49
CA VAL D 118 15.85 -12.12 -4.43
C VAL D 118 15.87 -12.73 -5.82
N LEU D 119 16.26 -14.00 -5.90
CA LEU D 119 16.30 -14.71 -7.18
C LEU D 119 14.88 -14.82 -7.71
N SER D 120 14.67 -14.38 -8.95
CA SER D 120 13.34 -14.42 -9.53
C SER D 120 13.36 -14.54 -11.05
N ALA D 121 12.36 -15.21 -11.60
CA ALA D 121 12.26 -15.39 -13.06
C ALA D 121 10.83 -15.61 -13.49
N HIS D 122 10.41 -14.89 -14.53
CA HIS D 122 9.06 -15.01 -15.07
C HIS D 122 9.10 -14.81 -16.58
N GLY D 123 9.93 -15.61 -17.26
CA GLY D 123 10.02 -15.49 -18.70
C GLY D 123 11.44 -15.27 -19.20
N GLU D 124 12.29 -14.67 -18.36
CA GLU D 124 13.68 -14.43 -18.72
C GLU D 124 14.57 -15.16 -17.73
N LYS D 126 16.76 -16.35 -14.80
CA LYS D 126 16.70 -16.05 -13.37
C LYS D 126 17.85 -15.12 -12.95
N LYS D 127 17.55 -14.21 -12.02
CA LYS D 127 18.57 -13.29 -11.51
C LYS D 127 18.04 -12.57 -10.28
N VAL D 129 16.58 -9.79 -8.25
CA VAL D 129 15.76 -8.63 -8.57
C VAL D 129 15.35 -8.00 -7.24
N THR D 130 15.06 -6.70 -7.26
CA THR D 130 14.67 -6.02 -6.03
C THR D 130 13.16 -6.03 -5.83
N ARG D 131 12.75 -6.46 -4.64
CA ARG D 131 11.34 -6.52 -4.29
C ARG D 131 11.24 -6.16 -2.83
N LYS D 132 10.14 -5.53 -2.44
CA LYS D 132 9.96 -5.18 -1.04
C LYS D 132 9.73 -6.49 -0.31
N LYS D 133 10.49 -6.70 0.76
CA LYS D 133 10.36 -7.93 1.55
C LYS D 133 9.95 -7.59 2.96
N ARG D 134 9.03 -8.38 3.51
CA ARG D 134 8.57 -8.16 4.86
C ARG D 134 9.15 -9.25 5.76
N THR D 135 9.45 -8.87 6.99
CA THR D 135 10.00 -9.78 7.97
C THR D 135 9.16 -9.62 9.23
N PRO D 136 8.65 -10.74 9.78
CA PRO D 136 7.83 -10.63 10.99
C PRO D 136 8.62 -10.09 12.18
N VAL D 137 7.95 -9.28 12.99
CA VAL D 137 8.59 -8.73 14.18
C VAL D 137 8.54 -9.78 15.28
N THR D 139 9.33 -10.03 18.73
CA THR D 139 9.62 -9.36 20.00
C THR D 139 8.45 -9.57 20.95
N GLN D 140 8.72 -9.71 22.24
CA GLN D 140 7.65 -9.88 23.19
C GLN D 140 7.26 -8.54 23.81
N ASP D 141 7.78 -7.46 23.23
CA ASP D 141 7.49 -6.11 23.71
C ASP D 141 6.14 -5.63 23.16
N THR D 142 5.62 -6.32 22.15
CA THR D 142 4.33 -5.95 21.56
C THR D 142 3.39 -7.14 21.45
N TYR D 143 2.10 -6.87 21.35
CA TYR D 143 1.09 -7.92 21.25
C TYR D 143 1.25 -8.70 19.94
N ARG D 144 1.44 -7.98 18.84
CA ARG D 144 1.61 -8.62 17.55
C ARG D 144 2.91 -9.41 17.52
N GLY D 145 3.92 -8.89 18.21
CA GLY D 145 5.20 -9.58 18.26
C GLY D 145 5.04 -10.89 19.03
N ARG D 146 4.29 -10.83 20.13
CA ARG D 146 4.05 -12.01 20.95
C ARG D 146 3.28 -13.05 20.16
N ILE D 147 2.34 -12.60 19.33
CA ILE D 147 1.57 -13.53 18.52
C ILE D 147 2.49 -14.16 17.48
N ASN D 148 3.35 -13.37 16.86
CA ASN D 148 4.29 -13.91 15.86
C ASN D 148 5.16 -14.99 16.48
N ILE D 149 5.66 -14.71 17.68
CA ILE D 149 6.51 -15.65 18.38
C ILE D 149 5.74 -16.88 18.82
N GLY D 150 4.55 -16.66 19.38
CA GLY D 150 3.73 -17.75 19.86
C GLY D 150 3.28 -18.71 18.77
N ILE D 151 2.76 -18.19 17.66
CA ILE D 151 2.31 -19.05 16.57
C ILE D 151 3.50 -19.77 15.93
N THR D 152 4.64 -19.11 15.87
CA THR D 152 5.86 -19.71 15.31
C THR D 152 6.23 -20.95 16.13
N GLN D 153 6.24 -20.80 17.45
CA GLN D 153 6.57 -21.92 18.33
C GLN D 153 5.54 -23.04 18.19
N LEU D 154 4.26 -22.67 18.09
CA LEU D 154 3.19 -23.66 17.97
C LEU D 154 3.34 -24.52 16.70
N LYS D 155 3.53 -23.87 15.55
CA LYS D 155 3.70 -24.59 14.30
C LYS D 155 5.03 -25.34 14.24
N LYS D 156 6.03 -24.82 14.94
CA LYS D 156 7.35 -25.47 14.96
C LYS D 156 7.35 -26.76 15.76
N LEU D 157 6.66 -26.77 16.89
CA LEU D 157 6.61 -27.95 17.75
C LEU D 157 5.49 -28.91 17.38
N PHE D 158 4.42 -28.39 16.78
CA PHE D 158 3.27 -29.20 16.40
C PHE D 158 2.85 -28.92 14.97
N PRO D 159 3.77 -29.09 14.00
CA PRO D 159 3.49 -28.83 12.58
C PRO D 159 2.37 -29.64 11.93
N ASP D 160 2.13 -30.85 12.43
CA ASP D 160 1.11 -31.71 11.84
C ASP D 160 -0.18 -31.81 12.63
N LYS D 161 -0.39 -30.87 13.55
CA LYS D 161 -1.60 -30.91 14.38
C LYS D 161 -2.60 -29.80 14.06
N GLN D 162 -3.83 -30.02 14.52
CA GLN D 162 -4.89 -29.03 14.35
C GLN D 162 -4.69 -28.08 15.53
N ILE D 163 -4.38 -26.82 15.21
CA ILE D 163 -4.16 -25.79 16.23
C ILE D 163 -5.15 -24.67 15.92
N VAL D 164 -5.95 -24.30 16.92
CA VAL D 164 -6.97 -23.27 16.74
C VAL D 164 -6.87 -22.16 17.78
N LEU D 165 -7.04 -20.92 17.33
CA LEU D 165 -6.98 -19.78 18.23
C LEU D 165 -8.41 -19.35 18.58
N LEU D 166 -8.62 -18.95 19.82
CA LEU D 166 -9.93 -18.46 20.28
C LEU D 166 -9.77 -17.00 20.68
N THR D 167 -10.65 -16.12 20.20
CA THR D 167 -10.56 -14.72 20.54
C THR D 167 -11.05 -14.49 21.97
N PRO D 168 -10.46 -13.51 22.68
CA PRO D 168 -10.81 -13.16 24.06
C PRO D 168 -12.29 -12.79 24.22
N LEU D 169 -12.86 -13.10 25.38
CA LEU D 169 -14.27 -12.80 25.65
C LEU D 169 -14.48 -11.35 26.07
N HIS D 170 -15.71 -10.87 25.90
CA HIS D 170 -16.03 -9.51 26.34
C HIS D 170 -15.82 -9.53 27.86
N ARG D 171 -15.50 -8.38 28.43
CA ARG D 171 -15.21 -8.31 29.85
C ARG D 171 -15.64 -7.00 30.50
N SER D 172 -15.97 -7.07 31.79
CA SER D 172 -16.35 -5.87 32.51
C SER D 172 -15.43 -5.72 33.73
N LEU D 173 -15.86 -4.94 34.72
CA LEU D 173 -15.07 -4.67 35.91
C LEU D 173 -14.60 -5.88 36.71
N ALA D 174 -13.41 -5.76 37.29
CA ALA D 174 -12.82 -6.81 38.11
C ALA D 174 -11.95 -6.16 39.18
N ASN D 175 -12.30 -6.40 40.45
CA ASN D 175 -11.57 -5.83 41.56
C ASN D 175 -11.13 -6.92 42.53
N PHE D 176 -9.82 -7.18 42.56
CA PHE D 176 -9.26 -8.21 43.42
C PHE D 176 -8.25 -7.62 44.40
N GLY D 177 -8.64 -6.57 45.12
CA GLY D 177 -7.74 -5.96 46.07
C GLY D 177 -7.23 -4.62 45.59
N ASP D 178 -6.60 -3.86 46.49
CA ASP D 178 -6.07 -2.53 46.16
C ASP D 178 -4.98 -2.48 45.10
N LYS D 179 -4.38 -3.61 44.78
CA LYS D 179 -3.33 -3.62 43.78
C LYS D 179 -3.72 -4.31 42.48
N ASN D 180 -5.00 -4.70 42.38
CA ASN D 180 -5.51 -5.36 41.19
C ASN D 180 -6.93 -4.86 40.92
N VAL D 181 -7.02 -3.77 40.16
CA VAL D 181 -8.31 -3.18 39.82
C VAL D 181 -8.36 -2.97 38.32
N GLN D 182 -9.34 -3.63 37.69
CA GLN D 182 -9.49 -3.58 36.24
C GLN D 182 -10.80 -2.93 35.78
N PRO D 183 -10.72 -1.75 35.16
CA PRO D 183 -11.92 -1.05 34.68
C PRO D 183 -12.62 -1.87 33.60
N ASP D 184 -13.91 -1.66 33.39
CA ASP D 184 -14.65 -2.43 32.38
C ASP D 184 -14.15 -2.10 30.97
N GLU D 185 -14.58 -2.87 29.98
CA GLU D 185 -14.12 -2.67 28.61
C GLU D 185 -14.54 -1.41 27.87
N SER D 186 -15.22 -0.48 28.54
CA SER D 186 -15.61 0.76 27.86
C SER D 186 -14.41 1.70 27.94
N TYR D 187 -13.40 1.31 28.71
CA TYR D 187 -12.20 2.11 28.88
C TYR D 187 -11.01 1.54 28.11
N GLN D 188 -10.15 2.43 27.60
CA GLN D 188 -8.95 1.97 26.93
C GLN D 188 -8.03 1.59 28.07
N ASN D 189 -6.99 0.81 27.77
CA ASN D 189 -6.05 0.42 28.82
C ASN D 189 -4.96 1.49 28.93
N GLY D 190 -3.86 1.13 29.58
CA GLY D 190 -2.76 2.05 29.77
C GLY D 190 -1.99 2.50 28.55
N CYS D 191 -2.10 1.76 27.43
CA CYS D 191 -1.39 2.16 26.22
C CYS D 191 -2.34 2.69 25.15
N GLY D 192 -3.49 3.20 25.59
CA GLY D 192 -4.47 3.77 24.68
C GLY D 192 -5.18 2.84 23.73
N GLU D 193 -5.48 1.63 24.17
CA GLU D 193 -6.16 0.66 23.33
C GLU D 193 -7.38 0.04 24.01
N TYR D 194 -8.41 -0.25 23.22
CA TYR D 194 -9.60 -0.90 23.74
C TYR D 194 -9.35 -2.41 23.63
N ILE D 195 -10.16 -3.21 24.31
CA ILE D 195 -10.00 -4.66 24.24
C ILE D 195 -10.10 -5.10 22.77
N ASP D 196 -10.85 -4.33 21.99
CA ASP D 196 -11.05 -4.61 20.57
C ASP D 196 -9.75 -4.94 19.83
N ALA D 197 -8.73 -4.10 20.04
CA ALA D 197 -7.43 -4.28 19.38
C ALA D 197 -6.82 -5.66 19.59
N TYR D 198 -6.98 -6.19 20.78
CA TYR D 198 -6.44 -7.51 21.12
C TYR D 198 -7.28 -8.64 20.52
N VAL D 199 -8.57 -8.36 20.32
CA VAL D 199 -9.46 -9.36 19.73
C VAL D 199 -9.17 -9.43 18.21
N GLN D 200 -9.16 -8.27 17.57
CA GLN D 200 -8.92 -8.18 16.14
C GLN D 200 -7.55 -8.70 15.69
N ALA D 201 -6.55 -8.51 16.53
CA ALA D 201 -5.20 -8.99 16.20
C ALA D 201 -5.20 -10.50 16.04
N ILE D 202 -5.93 -11.19 16.91
CA ILE D 202 -6.02 -12.64 16.86
C ILE D 202 -6.76 -13.05 15.58
N LYS D 203 -7.85 -12.35 15.26
CA LYS D 203 -8.60 -12.66 14.06
C LYS D 203 -7.70 -12.48 12.83
N GLU D 204 -6.92 -11.41 12.83
CA GLU D 204 -6.01 -11.11 11.72
C GLU D 204 -4.92 -12.15 11.56
N ALA D 205 -4.54 -12.78 12.67
CA ALA D 205 -3.50 -13.79 12.65
C ALA D 205 -3.89 -14.98 11.78
N GLY D 206 -5.20 -15.21 11.64
CA GLY D 206 -5.66 -16.32 10.84
C GLY D 206 -5.02 -16.36 9.46
N ASN D 207 -5.19 -15.27 8.72
CA ASN D 207 -4.61 -15.17 7.38
C ASN D 207 -3.11 -14.86 7.40
N ILE D 208 -2.67 -14.06 8.36
CA ILE D 208 -1.25 -13.72 8.42
C ILE D 208 -0.39 -14.96 8.65
N TRP D 209 -0.83 -15.84 9.55
CA TRP D 209 -0.07 -17.05 9.84
C TRP D 209 -0.61 -18.35 9.27
N GLY D 210 -1.83 -18.32 8.73
CA GLY D 210 -2.41 -19.54 8.19
C GLY D 210 -2.82 -20.46 9.32
N ILE D 211 -3.82 -20.02 10.09
CA ILE D 211 -4.29 -20.80 11.23
C ILE D 211 -5.78 -20.49 11.47
N PRO D 212 -6.57 -21.52 11.80
CA PRO D 212 -8.00 -21.25 12.04
C PRO D 212 -8.26 -20.46 13.32
N VAL D 213 -9.27 -19.61 13.27
CA VAL D 213 -9.63 -18.80 14.43
C VAL D 213 -11.13 -18.90 14.68
N ILE D 214 -11.49 -19.17 15.92
CA ILE D 214 -12.89 -19.25 16.33
C ILE D 214 -13.15 -17.92 17.05
N ASP D 215 -14.03 -17.09 16.49
CA ASP D 215 -14.30 -15.79 17.10
C ASP D 215 -15.20 -15.92 18.32
N PHE D 216 -14.62 -16.50 19.36
CA PHE D 216 -15.30 -16.73 20.63
C PHE D 216 -15.91 -15.45 21.18
N ASN D 217 -15.19 -14.34 21.00
CA ASN D 217 -15.67 -13.04 21.46
C ASN D 217 -17.10 -12.79 21.02
N ALA D 218 -17.43 -13.25 19.82
CA ALA D 218 -18.77 -13.07 19.26
C ALA D 218 -19.72 -14.25 19.43
N VAL D 219 -19.32 -15.43 18.98
CA VAL D 219 -20.19 -16.60 19.02
C VAL D 219 -20.69 -17.10 20.37
N THR D 220 -19.97 -16.80 21.45
CA THR D 220 -20.43 -17.24 22.77
C THR D 220 -21.67 -16.44 23.15
N GLY D 221 -21.81 -15.25 22.58
CA GLY D 221 -22.95 -14.40 22.87
C GLY D 221 -22.96 -13.89 24.31
N ASN D 223 -21.81 -11.17 26.92
CA ASN D 223 -21.30 -9.82 27.09
C ASN D 223 -21.66 -9.27 28.46
N PRO D 224 -20.69 -9.26 29.39
CA PRO D 224 -20.94 -8.75 30.75
C PRO D 224 -21.27 -7.26 30.83
N VAL D 226 -23.70 -6.06 29.49
CA VAL D 226 -25.15 -6.04 29.61
C VAL D 226 -25.37 -6.80 30.91
N GLU D 227 -25.75 -6.08 31.95
CA GLU D 227 -25.90 -6.69 33.28
C GLU D 227 -26.76 -7.93 33.37
N GLU D 228 -27.77 -8.06 32.52
CA GLU D 228 -28.62 -9.24 32.56
C GLU D 228 -27.83 -10.51 32.21
N GLN D 229 -26.72 -10.36 31.49
CA GLN D 229 -25.91 -11.51 31.12
C GLN D 229 -24.82 -11.81 32.14
N LEU D 230 -24.84 -11.11 33.27
CA LEU D 230 -23.85 -11.34 34.32
C LEU D 230 -24.14 -12.68 34.99
N ILE D 231 -25.21 -13.33 34.55
CA ILE D 231 -25.55 -14.63 35.10
C ILE D 231 -24.45 -15.62 34.67
N TYR D 232 -23.68 -15.21 33.66
CA TYR D 232 -22.59 -16.05 33.14
C TYR D 232 -21.23 -15.67 33.71
N PHE D 233 -21.21 -14.73 34.64
CA PHE D 233 -19.94 -14.32 35.24
C PHE D 233 -19.95 -14.51 36.75
N TYR D 234 -18.75 -14.62 37.33
CA TYR D 234 -18.62 -14.92 38.74
C TYR D 234 -19.32 -14.06 39.79
N ASP D 235 -19.03 -12.77 39.83
CA ASP D 235 -19.65 -11.92 40.84
C ASP D 235 -19.91 -10.50 40.35
N ALA D 236 -21.18 -10.12 40.29
CA ALA D 236 -21.57 -8.79 39.82
C ALA D 236 -20.90 -7.69 40.61
N GLY D 237 -20.62 -7.95 41.87
CA GLY D 237 -19.98 -6.96 42.72
C GLY D 237 -18.51 -6.70 42.47
N TYR D 238 -17.73 -7.74 42.20
CA TYR D 238 -16.30 -7.55 42.00
C TYR D 238 -15.64 -8.35 40.88
N ASP D 239 -16.37 -9.24 40.23
CA ASP D 239 -15.77 -10.03 39.16
C ASP D 239 -16.70 -10.23 37.96
N ARG D 240 -16.59 -9.32 37.00
CA ARG D 240 -17.39 -9.38 35.78
C ARG D 240 -16.43 -9.71 34.66
N LEU D 241 -15.34 -10.37 35.01
CA LEU D 241 -14.31 -10.76 34.06
C LEU D 241 -14.29 -12.28 33.86
N HIS D 242 -14.28 -13.03 34.97
CA HIS D 242 -14.23 -14.47 34.87
C HIS D 242 -15.60 -15.13 34.79
N PRO D 243 -15.83 -15.94 33.74
CA PRO D 243 -17.12 -16.60 33.60
C PRO D 243 -17.31 -17.59 34.75
N ASP D 244 -18.55 -17.81 35.14
CA ASP D 244 -18.84 -18.77 36.19
C ASP D 244 -19.10 -20.09 35.50
N THR D 245 -19.42 -21.13 36.26
CA THR D 245 -19.69 -22.43 35.69
C THR D 245 -20.73 -22.36 34.59
N LYS D 246 -21.79 -21.59 34.82
CA LYS D 246 -22.84 -21.45 33.82
C LYS D 246 -22.26 -20.89 32.52
N GLY D 247 -21.38 -19.91 32.67
CA GLY D 247 -20.75 -19.30 31.51
C GLY D 247 -19.82 -20.28 30.82
N GLN D 248 -19.09 -21.04 31.63
CA GLN D 248 -18.16 -22.04 31.12
C GLN D 248 -18.91 -23.11 30.32
N GLU D 249 -20.10 -23.49 30.80
CA GLU D 249 -20.89 -24.49 30.11
C GLU D 249 -21.42 -23.94 28.80
N ARG D 250 -21.73 -22.64 28.76
CA ARG D 250 -22.21 -22.03 27.53
C ARG D 250 -21.05 -21.96 26.54
N ALA D 252 -18.50 -24.02 26.51
CA ALA D 252 -18.23 -25.39 26.11
C ALA D 252 -19.19 -25.82 25.00
N ARG D 253 -20.47 -25.54 25.18
CA ARG D 253 -21.46 -25.92 24.18
C ARG D 253 -21.20 -25.19 22.87
N THR D 254 -20.76 -23.93 22.97
CA THR D 254 -20.46 -23.14 21.78
C THR D 254 -19.29 -23.79 21.05
N LEU D 255 -18.24 -24.13 21.80
CA LEU D 255 -17.07 -24.77 21.23
C LEU D 255 -17.42 -26.09 20.55
N TYR D 257 -20.04 -27.11 18.90
CA TYR D 257 -20.53 -26.97 17.54
C TYR D 257 -19.64 -26.15 16.62
N GLN D 258 -18.84 -25.24 17.18
CA GLN D 258 -17.93 -24.44 16.35
C GLN D 258 -16.77 -25.33 15.89
N LEU D 259 -16.39 -26.29 16.73
CA LEU D 259 -15.28 -27.19 16.39
C LEU D 259 -15.68 -28.26 15.39
N LEU D 260 -16.99 -28.40 15.17
CA LEU D 260 -17.53 -29.37 14.23
C LEU D 260 -16.97 -29.11 12.82
N ALA D 261 -16.65 -27.85 12.53
CA ALA D 261 -16.13 -27.48 11.21
C ALA D 261 -14.64 -27.72 10.99
N LEU D 262 -13.94 -28.23 12.00
CA LEU D 262 -12.51 -28.49 11.90
C LEU D 262 -12.14 -29.93 12.26
N PRO D 263 -11.41 -30.61 11.37
CA PRO D 263 -11.01 -32.00 11.62
C PRO D 263 -9.85 -32.06 12.62
N VAL D 264 -9.63 -33.24 13.18
CA VAL D 264 -8.52 -33.43 14.10
C VAL D 264 -7.60 -34.45 13.44
N ALA D 265 -8.17 -35.59 13.07
CA ALA D 265 -7.41 -36.63 12.39
C ALA D 265 -7.46 -36.32 10.90
N PHE D 266 -6.31 -36.01 10.33
CA PHE D 266 -6.22 -35.70 8.91
C PHE D 266 -6.10 -36.98 8.08
N ILE E 20 -27.97 -36.37 11.29
CA ILE E 20 -27.67 -35.46 10.15
C ILE E 20 -26.60 -36.04 9.22
N GLN E 21 -26.92 -36.10 7.93
CA GLN E 21 -25.99 -36.61 6.94
C GLN E 21 -25.24 -35.47 6.28
N HIS E 22 -24.02 -35.73 5.83
CA HIS E 22 -23.22 -34.70 5.19
C HIS E 22 -23.93 -34.25 3.92
N PRO E 23 -24.26 -32.96 3.80
CA PRO E 23 -24.95 -32.42 2.62
C PRO E 23 -24.26 -32.66 1.27
N TRP E 24 -22.96 -32.90 1.30
CA TRP E 24 -22.22 -33.11 0.06
C TRP E 24 -22.06 -34.58 -0.27
N GLN E 25 -22.48 -35.44 0.65
CA GLN E 25 -22.39 -36.88 0.47
C GLN E 25 -23.06 -37.34 -0.83
N GLY E 26 -22.30 -38.07 -1.64
CA GLY E 26 -22.82 -38.60 -2.89
C GLY E 26 -23.17 -37.61 -3.98
N LYS E 27 -22.71 -36.36 -3.85
CA LYS E 27 -23.01 -35.36 -4.86
C LYS E 27 -21.95 -35.31 -5.97
N LYS E 28 -22.29 -34.65 -7.07
CA LYS E 28 -21.36 -34.51 -8.20
C LYS E 28 -20.85 -33.08 -8.14
N VAL E 29 -19.54 -32.94 -8.01
CA VAL E 29 -18.91 -31.62 -7.88
C VAL E 29 -17.91 -31.24 -8.96
N GLY E 30 -18.00 -29.98 -9.39
CA GLY E 30 -17.07 -29.46 -10.38
C GLY E 30 -15.95 -28.76 -9.64
N TYR E 31 -14.70 -29.06 -10.01
CA TYR E 31 -13.54 -28.46 -9.38
C TYR E 31 -12.78 -27.58 -10.37
N ILE E 32 -12.83 -26.27 -10.15
CA ILE E 32 -12.16 -25.31 -11.02
C ILE E 32 -10.92 -24.74 -10.33
N GLY E 33 -9.82 -24.66 -11.06
CA GLY E 33 -8.61 -24.12 -10.46
C GLY E 33 -7.33 -24.22 -11.27
N ASP E 34 -6.22 -24.40 -10.55
CA ASP E 34 -4.89 -24.49 -11.17
C ASP E 34 -4.19 -25.82 -10.90
N SER E 35 -2.87 -25.80 -10.83
CA SER E 35 -2.10 -27.02 -10.63
C SER E 35 -2.40 -27.75 -9.33
N ILE E 36 -2.80 -27.02 -8.30
CA ILE E 36 -3.11 -27.67 -7.03
C ILE E 36 -4.37 -28.52 -7.16
N THR E 37 -5.13 -28.28 -8.24
CA THR E 37 -6.36 -29.03 -8.53
C THR E 37 -6.13 -29.98 -9.71
N ASP E 38 -5.28 -29.56 -10.65
CA ASP E 38 -4.96 -30.33 -11.84
C ASP E 38 -4.52 -31.77 -11.52
N PRO E 39 -5.22 -32.76 -12.08
CA PRO E 39 -4.88 -34.18 -11.84
C PRO E 39 -3.44 -34.51 -12.24
N ASN E 40 -2.92 -33.76 -13.21
CA ASN E 40 -1.57 -34.00 -13.71
C ASN E 40 -0.42 -33.38 -12.93
N CYS E 41 -0.72 -32.66 -11.85
CA CYS E 41 0.34 -32.03 -11.06
C CYS E 41 1.25 -33.12 -10.49
N TYR E 42 2.46 -33.19 -11.04
CA TYR E 42 3.46 -34.20 -10.65
C TYR E 42 2.91 -35.60 -10.85
N GLY E 43 1.99 -35.73 -11.80
CA GLY E 43 1.39 -37.02 -12.11
C GLY E 43 0.83 -37.78 -10.92
N ASP E 44 1.20 -39.06 -10.82
CA ASP E 44 0.73 -39.92 -9.74
C ASP E 44 1.51 -39.78 -8.43
N ASN E 45 2.43 -38.81 -8.39
CA ASN E 45 3.22 -38.59 -7.18
C ASN E 45 2.38 -37.87 -6.13
N ILE E 46 1.26 -37.31 -6.56
CA ILE E 46 0.36 -36.60 -5.67
C ILE E 46 -1.09 -37.02 -5.84
N LYS E 47 -1.74 -37.37 -4.73
CA LYS E 47 -3.15 -37.74 -4.76
C LYS E 47 -3.85 -36.44 -4.36
N LYS E 48 -4.73 -35.95 -5.22
CA LYS E 48 -5.42 -34.68 -4.97
C LYS E 48 -6.61 -34.71 -4.01
N TYR E 49 -6.90 -33.55 -3.42
CA TYR E 49 -7.97 -33.41 -2.45
C TYR E 49 -9.33 -33.92 -2.90
N TRP E 50 -9.69 -33.70 -4.16
CA TRP E 50 -10.98 -34.16 -4.66
C TRP E 50 -11.07 -35.67 -4.78
N ASP E 51 -9.90 -36.31 -4.81
CA ASP E 51 -9.84 -37.76 -4.91
C ASP E 51 -10.14 -38.34 -3.53
N PHE E 52 -9.67 -37.65 -2.49
CA PHE E 52 -9.93 -38.07 -1.12
C PHE E 52 -11.41 -37.87 -0.82
N LEU E 53 -11.97 -36.78 -1.31
CA LEU E 53 -13.39 -36.51 -1.09
C LEU E 53 -14.25 -37.56 -1.79
N LYS E 54 -13.78 -38.01 -2.95
CA LYS E 54 -14.51 -39.04 -3.69
C LYS E 54 -14.59 -40.31 -2.86
N GLU E 55 -13.46 -40.67 -2.24
CA GLU E 55 -13.39 -41.88 -1.42
C GLU E 55 -14.17 -41.76 -0.11
N TRP E 56 -14.00 -40.64 0.59
CA TRP E 56 -14.66 -40.45 1.88
C TRP E 56 -16.16 -40.13 1.81
N LEU E 57 -16.56 -39.30 0.85
CA LEU E 57 -17.96 -38.91 0.75
C LEU E 57 -18.70 -39.35 -0.51
N GLY E 58 -18.02 -40.12 -1.36
CA GLY E 58 -18.66 -40.57 -2.59
C GLY E 58 -19.00 -39.41 -3.51
N ILE E 59 -18.16 -38.38 -3.50
CA ILE E 59 -18.39 -37.21 -4.35
C ILE E 59 -17.71 -37.44 -5.69
N THR E 60 -18.51 -37.51 -6.75
CA THR E 60 -17.98 -37.71 -8.09
C THR E 60 -17.36 -36.38 -8.55
N PRO E 61 -16.07 -36.41 -8.91
CA PRO E 61 -15.38 -35.20 -9.35
C PRO E 61 -15.29 -34.93 -10.84
N PHE E 62 -15.60 -33.70 -11.21
CA PHE E 62 -15.50 -33.23 -12.59
C PHE E 62 -14.43 -32.15 -12.45
N VAL E 63 -13.18 -32.55 -12.67
CA VAL E 63 -12.04 -31.66 -12.50
C VAL E 63 -11.61 -30.91 -13.76
N TYR E 64 -11.52 -29.59 -13.64
CA TYR E 64 -11.12 -28.75 -14.75
C TYR E 64 -9.89 -27.90 -14.46
N GLY E 65 -9.34 -28.04 -13.26
CA GLY E 65 -8.16 -27.28 -12.91
C GLY E 65 -6.98 -27.66 -13.79
N ILE E 66 -6.21 -26.66 -14.20
CA ILE E 66 -5.04 -26.87 -15.05
C ILE E 66 -3.86 -26.04 -14.60
N SER E 67 -2.71 -26.68 -14.53
CA SER E 67 -1.47 -26.04 -14.11
C SER E 67 -1.23 -24.67 -14.74
N GLY E 68 -0.89 -23.70 -13.88
CA GLY E 68 -0.60 -22.35 -14.36
C GLY E 68 -1.76 -21.40 -14.60
N ARG E 69 -2.98 -21.91 -14.62
CA ARG E 69 -4.13 -21.06 -14.86
C ARG E 69 -4.41 -20.01 -13.79
N GLN E 70 -5.04 -18.92 -14.22
CA GLN E 70 -5.36 -17.79 -13.37
C GLN E 70 -6.87 -17.51 -13.40
N TRP E 71 -7.31 -16.54 -12.61
CA TRP E 71 -8.73 -16.22 -12.54
C TRP E 71 -9.37 -15.86 -13.88
N ASP E 72 -8.56 -15.53 -14.87
CA ASP E 72 -9.10 -15.18 -16.17
C ASP E 72 -9.56 -16.44 -16.92
N ASP E 73 -9.22 -17.61 -16.38
CA ASP E 73 -9.59 -18.88 -17.00
C ASP E 73 -10.83 -19.49 -16.36
N VAL E 74 -11.38 -18.83 -15.35
CA VAL E 74 -12.56 -19.36 -14.68
C VAL E 74 -13.76 -19.51 -15.61
N PRO E 75 -14.06 -18.49 -16.44
CA PRO E 75 -15.22 -18.65 -17.32
C PRO E 75 -15.06 -19.86 -18.26
N ARG E 76 -13.86 -20.02 -18.83
CA ARG E 76 -13.61 -21.12 -19.75
C ARG E 76 -13.87 -22.46 -19.05
N GLN E 77 -13.31 -22.62 -17.86
CA GLN E 77 -13.50 -23.86 -17.11
C GLN E 77 -14.96 -24.09 -16.74
N ALA E 78 -15.65 -23.02 -16.35
CA ALA E 78 -17.06 -23.10 -15.99
C ALA E 78 -17.89 -23.53 -17.20
N GLU E 79 -17.55 -22.97 -18.35
CA GLU E 79 -18.27 -23.29 -19.58
C GLU E 79 -18.04 -24.73 -20.03
N LYS E 80 -16.83 -25.24 -19.85
CA LYS E 80 -16.52 -26.61 -20.24
C LYS E 80 -17.26 -27.59 -19.32
N LEU E 81 -17.36 -27.22 -18.03
CA LEU E 81 -18.08 -28.02 -17.05
C LEU E 81 -19.56 -28.07 -17.42
N LYS E 82 -20.10 -26.92 -17.82
CA LYS E 82 -21.51 -26.82 -18.22
C LYS E 82 -21.78 -27.70 -19.43
N LYS E 83 -20.89 -27.61 -20.43
CA LYS E 83 -21.01 -28.37 -21.67
C LYS E 83 -20.92 -29.88 -21.46
N GLU E 84 -20.00 -30.32 -20.62
CA GLU E 84 -19.81 -31.75 -20.40
C GLU E 84 -20.64 -32.38 -19.28
N HIS E 85 -21.04 -31.60 -18.27
CA HIS E 85 -21.81 -32.16 -17.15
C HIS E 85 -22.92 -31.24 -16.61
N GLY E 86 -23.33 -30.26 -17.41
CA GLY E 86 -24.35 -29.33 -16.97
C GLY E 86 -25.61 -29.96 -16.38
N GLY E 87 -26.04 -31.08 -16.96
CA GLY E 87 -27.24 -31.73 -16.46
C GLY E 87 -27.07 -32.62 -15.25
N GLU E 88 -25.84 -32.76 -14.76
CA GLU E 88 -25.61 -33.63 -13.60
C GLU E 88 -24.78 -33.03 -12.46
N VAL E 89 -24.06 -31.95 -12.72
CA VAL E 89 -23.25 -31.35 -11.66
C VAL E 89 -24.17 -30.75 -10.58
N ASP E 90 -23.83 -31.01 -9.32
CA ASP E 90 -24.62 -30.51 -8.19
C ASP E 90 -24.05 -29.25 -7.53
N ALA E 91 -22.73 -29.18 -7.44
CA ALA E 91 -22.08 -28.04 -6.81
C ALA E 91 -20.75 -27.73 -7.47
N ILE E 92 -20.23 -26.55 -7.19
CA ILE E 92 -18.97 -26.12 -7.79
C ILE E 92 -18.04 -25.44 -6.79
N LEU E 93 -16.76 -25.83 -6.83
CA LEU E 93 -15.76 -25.24 -5.96
C LEU E 93 -14.75 -24.53 -6.86
N VAL E 94 -14.40 -23.30 -6.50
CA VAL E 94 -13.43 -22.52 -7.27
C VAL E 94 -12.24 -22.24 -6.36
N PHE E 95 -11.09 -22.80 -6.71
CA PHE E 95 -9.86 -22.70 -5.92
C PHE E 95 -8.81 -22.10 -6.86
N GLY E 97 -6.25 -18.30 -8.01
CA GLY E 97 -5.69 -17.01 -7.65
C GLY E 97 -4.22 -16.92 -7.31
N THR E 98 -3.62 -18.01 -6.86
CA THR E 98 -2.20 -17.95 -6.51
C THR E 98 -1.35 -17.59 -7.73
N ASN E 99 -1.77 -18.02 -8.92
CA ASN E 99 -1.00 -17.69 -10.12
C ASN E 99 -1.18 -16.23 -10.54
N ASP E 100 -2.29 -15.63 -10.13
CA ASP E 100 -2.52 -14.22 -10.46
C ASP E 100 -1.47 -13.42 -9.70
N TYR E 101 -1.20 -13.84 -8.48
CA TYR E 101 -0.19 -13.20 -7.65
C TYR E 101 1.18 -13.36 -8.29
N ASN E 102 1.54 -14.57 -8.64
CA ASN E 102 2.85 -14.82 -9.23
C ASN E 102 3.03 -14.10 -10.56
N SER E 103 1.94 -13.95 -11.31
CA SER E 103 2.00 -13.29 -12.62
C SER E 103 1.83 -11.77 -12.56
N SER E 104 1.90 -11.21 -11.35
CA SER E 104 1.79 -9.78 -11.13
C SER E 104 0.56 -9.11 -11.76
N VAL E 105 -0.61 -9.69 -11.53
CA VAL E 105 -1.84 -9.13 -12.06
C VAL E 105 -2.30 -8.04 -11.09
N PRO E 106 -2.40 -6.78 -11.55
CA PRO E 106 -2.83 -5.68 -10.68
C PRO E 106 -4.19 -6.00 -10.06
N ILE E 107 -4.36 -5.63 -8.80
CA ILE E 107 -5.61 -5.90 -8.09
C ILE E 107 -6.77 -5.14 -8.72
N GLY E 108 -6.55 -3.87 -9.04
CA GLY E 108 -7.60 -3.08 -9.65
C GLY E 108 -8.69 -2.62 -8.70
N GLU E 109 -9.86 -2.32 -9.26
CA GLU E 109 -11.01 -1.85 -8.49
C GLU E 109 -12.26 -2.69 -8.79
N TRP E 110 -13.15 -2.81 -7.82
CA TRP E 110 -14.37 -3.59 -8.00
C TRP E 110 -15.38 -2.89 -8.90
N PHE E 111 -15.55 -1.58 -8.70
CA PHE E 111 -16.51 -0.79 -9.47
C PHE E 111 -15.97 0.57 -9.90
N THR E 112 -16.73 1.20 -10.78
CA THR E 112 -16.47 2.57 -11.21
C THR E 112 -17.82 3.16 -10.81
N GLU E 113 -17.90 4.47 -10.62
CA GLU E 113 -19.17 5.06 -10.24
C GLU E 113 -19.32 6.48 -10.75
N GLN E 114 -20.55 6.94 -10.83
CA GLN E 114 -20.84 8.29 -11.28
C GLN E 114 -22.27 8.65 -10.91
N GLU E 115 -22.53 9.94 -10.84
CA GLU E 115 -23.87 10.42 -10.50
C GLU E 115 -24.80 10.05 -11.65
N GLU E 116 -26.01 9.63 -11.30
CA GLU E 116 -26.99 9.26 -12.31
C GLU E 116 -28.37 9.72 -11.87
N GLN E 117 -29.25 9.90 -12.84
CA GLN E 117 -30.62 10.29 -12.55
C GLN E 117 -31.42 9.02 -12.48
N VAL E 118 -32.17 8.84 -11.40
CA VAL E 118 -32.97 7.63 -11.26
C VAL E 118 -34.30 7.92 -10.58
N LEU E 119 -35.31 7.16 -10.98
CA LEU E 119 -36.66 7.30 -10.44
C LEU E 119 -36.69 6.68 -9.04
N SER E 120 -37.17 7.45 -8.06
CA SER E 120 -37.23 6.98 -6.68
C SER E 120 -38.49 7.50 -5.99
N ALA E 121 -39.02 6.73 -5.05
CA ALA E 121 -40.22 7.14 -4.33
C ALA E 121 -40.33 6.43 -2.98
N HIS E 122 -40.49 7.21 -1.91
CA HIS E 122 -40.62 6.65 -0.57
C HIS E 122 -41.69 7.40 0.23
N GLY E 123 -42.94 7.29 -0.22
CA GLY E 123 -44.02 7.96 0.47
C GLY E 123 -44.73 9.00 -0.38
N GLU E 124 -43.97 9.67 -1.24
CA GLU E 124 -44.54 10.70 -2.12
C GLU E 124 -44.44 10.29 -3.59
N LYS E 126 -43.42 9.55 -7.15
CA LYS E 126 -42.11 9.23 -7.69
C LYS E 126 -41.53 10.43 -8.43
N LYS E 127 -40.23 10.64 -8.28
CA LYS E 127 -39.55 11.75 -8.95
C LYS E 127 -38.15 11.34 -9.36
N VAL E 129 -34.38 11.58 -9.26
CA VAL E 129 -33.42 12.07 -8.27
C VAL E 129 -31.99 11.73 -8.67
N THR E 130 -31.04 12.43 -8.06
CA THR E 130 -29.62 12.21 -8.35
C THR E 130 -29.01 11.27 -7.31
N ARG E 131 -28.44 10.16 -7.78
CA ARG E 131 -27.83 9.18 -6.90
C ARG E 131 -26.58 8.58 -7.56
N LYS E 132 -25.52 8.39 -6.78
CA LYS E 132 -24.32 7.79 -7.32
C LYS E 132 -24.65 6.36 -7.68
N LYS E 133 -24.21 5.93 -8.87
CA LYS E 133 -24.45 4.57 -9.33
C LYS E 133 -23.13 3.90 -9.61
N ARG E 134 -22.98 2.65 -9.18
CA ARG E 134 -21.74 1.92 -9.42
C ARG E 134 -21.95 0.87 -10.49
N THR E 135 -20.87 0.57 -11.22
CA THR E 135 -20.91 -0.41 -12.28
C THR E 135 -19.70 -1.32 -12.09
N PRO E 136 -19.91 -2.64 -12.09
CA PRO E 136 -18.79 -3.57 -11.91
C PRO E 136 -17.77 -3.40 -13.03
N VAL E 137 -16.49 -3.51 -12.69
CA VAL E 137 -15.45 -3.41 -13.71
C VAL E 137 -15.31 -4.79 -14.33
N THR E 139 -13.15 -6.45 -16.72
CA THR E 139 -11.92 -6.50 -17.50
C THR E 139 -11.04 -7.62 -16.98
N GLN E 140 -10.22 -8.19 -17.85
CA GLN E 140 -9.31 -9.24 -17.47
C GLN E 140 -7.96 -8.63 -17.11
N ASP E 141 -7.86 -7.32 -17.21
CA ASP E 141 -6.61 -6.62 -16.91
C ASP E 141 -6.29 -6.54 -15.43
N THR E 142 -7.29 -6.77 -14.58
CA THR E 142 -7.11 -6.70 -13.14
C THR E 142 -7.68 -7.93 -12.45
N TYR E 143 -7.24 -8.17 -11.22
CA TYR E 143 -7.69 -9.33 -10.45
C TYR E 143 -9.17 -9.22 -10.12
N ARG E 144 -9.57 -8.06 -9.58
CA ARG E 144 -10.97 -7.83 -9.24
C ARG E 144 -11.83 -7.89 -10.50
N GLY E 145 -11.27 -7.42 -11.61
CA GLY E 145 -11.99 -7.47 -12.87
C GLY E 145 -12.25 -8.91 -13.27
N ARG E 146 -11.24 -9.75 -13.11
CA ARG E 146 -11.35 -11.16 -13.47
C ARG E 146 -12.34 -11.86 -12.53
N ILE E 147 -12.31 -11.50 -11.25
CA ILE E 147 -13.23 -12.10 -10.30
C ILE E 147 -14.66 -11.67 -10.68
N ASN E 148 -14.84 -10.41 -11.03
CA ASN E 148 -16.16 -9.93 -11.42
C ASN E 148 -16.69 -10.74 -12.60
N ILE E 149 -15.85 -10.90 -13.63
CA ILE E 149 -16.22 -11.63 -14.82
C ILE E 149 -16.48 -13.10 -14.51
N GLY E 150 -15.60 -13.68 -13.71
CA GLY E 150 -15.70 -15.09 -13.35
C GLY E 150 -16.95 -15.44 -12.56
N ILE E 151 -17.23 -14.69 -11.50
CA ILE E 151 -18.41 -14.97 -10.69
C ILE E 151 -19.67 -14.72 -11.51
N THR E 152 -19.66 -13.69 -12.35
CA THR E 152 -20.82 -13.41 -13.19
C THR E 152 -21.12 -14.62 -14.08
N GLN E 153 -20.10 -15.13 -14.75
CA GLN E 153 -20.28 -16.28 -15.63
C GLN E 153 -20.72 -17.53 -14.87
N LEU E 154 -20.18 -17.70 -13.67
CA LEU E 154 -20.54 -18.85 -12.84
C LEU E 154 -22.02 -18.79 -12.48
N LYS E 155 -22.49 -17.61 -12.07
CA LYS E 155 -23.89 -17.43 -11.71
C LYS E 155 -24.84 -17.51 -12.89
N LYS E 156 -24.39 -17.05 -14.06
CA LYS E 156 -25.21 -17.09 -15.27
C LYS E 156 -25.38 -18.52 -15.75
N LEU E 157 -24.32 -19.32 -15.65
CA LEU E 157 -24.34 -20.71 -16.08
C LEU E 157 -25.00 -21.66 -15.09
N PHE E 158 -24.73 -21.45 -13.81
CA PHE E 158 -25.26 -22.29 -12.74
C PHE E 158 -25.99 -21.47 -11.69
N PRO E 159 -27.05 -20.75 -12.10
CA PRO E 159 -27.82 -19.91 -11.18
C PRO E 159 -28.48 -20.62 -9.99
N ASP E 160 -28.77 -21.91 -10.14
CA ASP E 160 -29.43 -22.65 -9.08
C ASP E 160 -28.53 -23.64 -8.35
N LYS E 161 -27.21 -23.50 -8.50
CA LYS E 161 -26.29 -24.42 -7.85
C LYS E 161 -25.55 -23.80 -6.67
N GLN E 162 -24.92 -24.67 -5.89
CA GLN E 162 -24.13 -24.23 -4.74
C GLN E 162 -22.72 -24.01 -5.30
N ILE E 163 -22.26 -22.76 -5.30
CA ILE E 163 -20.94 -22.42 -5.81
C ILE E 163 -20.15 -21.80 -4.66
N VAL E 164 -18.98 -22.36 -4.39
CA VAL E 164 -18.15 -21.89 -3.28
C VAL E 164 -16.74 -21.51 -3.70
N LEU E 165 -16.23 -20.41 -3.16
CA LEU E 165 -14.87 -19.97 -3.49
C LEU E 165 -13.93 -20.36 -2.37
N LEU E 166 -12.72 -20.76 -2.72
CA LEU E 166 -11.69 -21.10 -1.72
C LEU E 166 -10.54 -20.13 -1.90
N THR E 167 -10.02 -19.59 -0.80
CA THR E 167 -8.91 -18.65 -0.89
C THR E 167 -7.60 -19.40 -1.10
N PRO E 168 -6.64 -18.77 -1.79
CA PRO E 168 -5.33 -19.37 -2.06
C PRO E 168 -4.58 -19.73 -0.79
N LEU E 169 -3.76 -20.78 -0.85
CA LEU E 169 -2.98 -21.23 0.29
C LEU E 169 -1.72 -20.40 0.46
N HIS E 170 -1.14 -20.43 1.65
CA HIS E 170 0.11 -19.72 1.89
C HIS E 170 1.11 -20.41 0.97
N ARG E 171 2.18 -19.72 0.62
CA ARG E 171 3.16 -20.28 -0.30
C ARG E 171 4.57 -19.77 -0.06
N SER E 172 5.55 -20.63 -0.30
CA SER E 172 6.94 -20.24 -0.13
C SER E 172 7.63 -20.35 -1.49
N LEU E 173 8.97 -20.37 -1.49
CA LEU E 173 9.72 -20.42 -2.74
C LEU E 173 9.53 -21.63 -3.64
N ALA E 174 9.77 -21.42 -4.94
CA ALA E 174 9.66 -22.48 -5.94
C ALA E 174 10.67 -22.20 -7.05
N ASN E 175 11.35 -23.24 -7.50
CA ASN E 175 12.34 -23.12 -8.57
C ASN E 175 12.07 -24.21 -9.59
N PHE E 176 11.40 -23.86 -10.67
CA PHE E 176 11.04 -24.84 -11.68
C PHE E 176 11.92 -24.88 -12.92
N GLY E 177 12.76 -23.87 -13.09
CA GLY E 177 13.64 -23.83 -14.24
C GLY E 177 14.28 -22.47 -14.36
N ASP E 178 15.18 -22.32 -15.32
CA ASP E 178 15.88 -21.04 -15.53
C ASP E 178 14.97 -19.83 -15.70
N LYS E 179 13.80 -20.03 -16.29
CA LYS E 179 12.89 -18.92 -16.53
C LYS E 179 11.63 -18.92 -15.66
N ASN E 180 11.60 -19.80 -14.66
CA ASN E 180 10.45 -19.90 -13.77
C ASN E 180 10.91 -20.08 -12.33
N VAL E 181 11.15 -18.96 -11.65
CA VAL E 181 11.59 -18.96 -10.25
C VAL E 181 10.67 -18.01 -9.50
N GLN E 182 9.98 -18.54 -8.50
CA GLN E 182 9.00 -17.78 -7.74
C GLN E 182 9.40 -17.57 -6.27
N PRO E 183 9.72 -16.31 -5.89
CA PRO E 183 10.12 -15.98 -4.52
C PRO E 183 9.02 -16.31 -3.51
N ASP E 184 9.41 -16.55 -2.25
CA ASP E 184 8.42 -16.88 -1.23
C ASP E 184 7.49 -15.69 -0.98
N GLU E 185 6.47 -15.90 -0.16
CA GLU E 185 5.48 -14.85 0.11
C GLU E 185 5.88 -13.68 1.00
N SER E 186 7.15 -13.58 1.37
CA SER E 186 7.58 -12.44 2.19
C SER E 186 7.90 -11.32 1.20
N TYR E 187 7.87 -11.65 -0.08
CA TYR E 187 8.17 -10.68 -1.15
C TYR E 187 6.95 -10.27 -1.95
N GLN E 188 6.90 -8.99 -2.32
CA GLN E 188 5.81 -8.50 -3.15
C GLN E 188 6.09 -9.03 -4.55
N ASN E 189 5.08 -9.08 -5.40
CA ASN E 189 5.27 -9.54 -6.76
C ASN E 189 5.70 -8.35 -7.62
N GLY E 190 5.64 -8.54 -8.93
CA GLY E 190 6.03 -7.50 -9.87
C GLY E 190 5.19 -6.24 -9.91
N CYS E 191 3.96 -6.29 -9.41
CA CYS E 191 3.13 -5.09 -9.41
C CYS E 191 2.96 -4.51 -8.01
N GLY E 192 3.92 -4.84 -7.14
CA GLY E 192 3.92 -4.31 -5.78
C GLY E 192 2.86 -4.79 -4.81
N GLU E 193 2.47 -6.07 -4.91
CA GLU E 193 1.46 -6.61 -4.01
C GLU E 193 1.93 -7.91 -3.36
N TYR E 194 1.48 -8.11 -2.12
CA TYR E 194 1.79 -9.32 -1.38
C TYR E 194 0.67 -10.30 -1.74
N ILE E 195 0.88 -11.58 -1.48
CA ILE E 195 -0.13 -12.58 -1.77
C ILE E 195 -1.45 -12.21 -1.06
N ASP E 196 -1.32 -11.52 0.06
CA ASP E 196 -2.45 -11.08 0.88
C ASP E 196 -3.60 -10.46 0.09
N ALA E 197 -3.25 -9.54 -0.81
CA ALA E 197 -4.25 -8.84 -1.62
C ALA E 197 -5.08 -9.78 -2.46
N TYR E 198 -4.48 -10.88 -2.90
CA TYR E 198 -5.18 -11.86 -3.74
C TYR E 198 -6.07 -12.76 -2.89
N VAL E 199 -5.71 -12.91 -1.61
CA VAL E 199 -6.49 -13.72 -0.70
C VAL E 199 -7.69 -12.89 -0.25
N GLN E 200 -7.42 -11.66 0.16
CA GLN E 200 -8.45 -10.76 0.64
C GLN E 200 -9.51 -10.41 -0.40
N ALA E 201 -9.11 -10.23 -1.65
CA ALA E 201 -10.08 -9.89 -2.69
C ALA E 201 -11.11 -11.01 -2.85
N ILE E 202 -10.69 -12.26 -2.70
CA ILE E 202 -11.62 -13.38 -2.82
C ILE E 202 -12.58 -13.36 -1.63
N LYS E 203 -12.06 -13.06 -0.44
CA LYS E 203 -12.93 -12.99 0.74
C LYS E 203 -13.96 -11.89 0.55
N GLU E 204 -13.50 -10.74 0.06
CA GLU E 204 -14.38 -9.60 -0.18
C GLU E 204 -15.46 -9.91 -1.21
N ALA E 205 -15.15 -10.79 -2.15
CA ALA E 205 -16.12 -11.14 -3.19
C ALA E 205 -17.39 -11.75 -2.60
N GLY E 206 -17.27 -12.31 -1.40
CA GLY E 206 -18.41 -12.94 -0.76
C GLY E 206 -19.62 -12.01 -0.66
N ASN E 207 -19.40 -10.84 -0.07
CA ASN E 207 -20.48 -9.87 0.09
C ASN E 207 -20.73 -9.08 -1.18
N ILE E 208 -19.67 -8.85 -1.96
CA ILE E 208 -19.84 -8.08 -3.19
C ILE E 208 -20.73 -8.78 -4.20
N TRP E 209 -20.55 -10.09 -4.36
CA TRP E 209 -21.34 -10.85 -5.31
C TRP E 209 -22.41 -11.75 -4.72
N GLY E 210 -22.33 -11.99 -3.41
CA GLY E 210 -23.31 -12.85 -2.78
C GLY E 210 -22.95 -14.29 -3.06
N ILE E 211 -21.83 -14.73 -2.49
CA ILE E 211 -21.36 -16.09 -2.71
C ILE E 211 -20.56 -16.56 -1.50
N PRO E 212 -20.71 -17.84 -1.12
CA PRO E 212 -19.95 -18.29 0.05
C PRO E 212 -18.46 -18.43 -0.23
N VAL E 213 -17.66 -18.20 0.80
CA VAL E 213 -16.21 -18.30 0.69
C VAL E 213 -15.64 -19.06 1.85
N ILE E 214 -14.82 -20.06 1.57
CA ILE E 214 -14.17 -20.82 2.63
C ILE E 214 -12.74 -20.30 2.66
N ASP E 215 -12.35 -19.68 3.77
CA ASP E 215 -11.02 -19.12 3.90
C ASP E 215 -9.96 -20.20 4.11
N PHE E 216 -9.75 -20.98 3.05
CA PHE E 216 -8.81 -22.07 3.00
C PHE E 216 -7.41 -21.61 3.42
N ASN E 217 -7.07 -20.37 3.07
CA ASN E 217 -5.78 -19.79 3.42
C ASN E 217 -5.52 -19.89 4.92
N ALA E 218 -6.57 -19.76 5.73
CA ALA E 218 -6.42 -19.85 7.18
C ALA E 218 -6.77 -21.22 7.76
N VAL E 219 -7.98 -21.70 7.48
CA VAL E 219 -8.42 -22.96 8.07
C VAL E 219 -7.61 -24.22 7.82
N THR E 220 -6.87 -24.30 6.71
CA THR E 220 -6.07 -25.50 6.46
C THR E 220 -4.92 -25.59 7.48
N GLY E 221 -4.53 -24.44 8.02
CA GLY E 221 -3.45 -24.41 8.98
C GLY E 221 -2.09 -24.74 8.37
N ASN E 223 1.16 -23.52 6.48
CA ASN E 223 1.99 -22.37 6.13
C ASN E 223 3.42 -22.81 5.87
N PRO E 224 3.82 -22.89 4.59
CA PRO E 224 5.18 -23.30 4.22
C PRO E 224 6.28 -22.34 4.66
N VAL E 226 6.77 -21.65 7.58
CA VAL E 226 7.25 -22.26 8.82
C VAL E 226 7.82 -23.58 8.32
N GLU E 227 9.15 -23.67 8.30
CA GLU E 227 9.84 -24.83 7.78
C GLU E 227 9.33 -26.19 8.22
N GLU E 228 8.96 -26.31 9.49
CA GLU E 228 8.46 -27.58 9.99
C GLU E 228 7.19 -28.06 9.27
N GLN E 229 6.44 -27.12 8.69
CA GLN E 229 5.22 -27.49 7.99
C GLN E 229 5.45 -27.80 6.50
N LEU E 230 6.72 -27.85 6.10
CA LEU E 230 7.02 -28.17 4.71
C LEU E 230 6.74 -29.65 4.44
N ILE E 231 6.37 -30.38 5.49
CA ILE E 231 6.03 -31.79 5.35
C ILE E 231 4.76 -31.87 4.49
N TYR E 232 4.08 -30.74 4.33
CA TYR E 232 2.84 -30.70 3.54
C TYR E 232 3.04 -30.23 2.11
N PHE E 233 4.28 -29.98 1.74
CA PHE E 233 4.58 -29.52 0.40
C PHE E 233 5.50 -30.47 -0.35
N TYR E 234 5.44 -30.41 -1.67
CA TYR E 234 6.18 -31.34 -2.52
C TYR E 234 7.70 -31.43 -2.47
N ASP E 235 8.40 -30.31 -2.47
CA ASP E 235 9.86 -30.34 -2.49
C ASP E 235 10.46 -29.26 -1.59
N ALA E 236 11.02 -29.68 -0.47
CA ALA E 236 11.61 -28.75 0.49
C ALA E 236 12.69 -27.87 -0.12
N GLY E 237 13.32 -28.34 -1.19
CA GLY E 237 14.36 -27.56 -1.81
C GLY E 237 13.97 -26.76 -3.05
N TYR E 238 13.02 -27.26 -3.82
CA TYR E 238 12.62 -26.59 -5.07
C TYR E 238 11.13 -26.27 -5.28
N ASP E 239 10.26 -26.76 -4.40
CA ASP E 239 8.84 -26.49 -4.58
C ASP E 239 8.08 -26.45 -3.27
N ARG E 240 8.01 -25.25 -2.69
CA ARG E 240 7.30 -25.03 -1.43
C ARG E 240 5.99 -24.32 -1.78
N LEU E 241 5.52 -24.56 -3.01
CA LEU E 241 4.28 -23.97 -3.49
C LEU E 241 3.17 -25.01 -3.61
N HIS E 242 3.47 -26.13 -4.25
CA HIS E 242 2.49 -27.18 -4.44
C HIS E 242 2.47 -28.15 -3.27
N PRO E 243 1.29 -28.41 -2.69
CA PRO E 243 1.21 -29.34 -1.57
C PRO E 243 1.49 -30.76 -2.03
N ASP E 244 2.01 -31.60 -1.13
CA ASP E 244 2.22 -33.00 -1.50
C ASP E 244 0.96 -33.75 -1.11
N THR E 245 0.95 -35.06 -1.25
CA THR E 245 -0.24 -35.82 -0.89
C THR E 245 -0.66 -35.56 0.55
N LYS E 246 0.29 -35.55 1.47
CA LYS E 246 -0.03 -35.31 2.87
C LYS E 246 -0.74 -33.96 3.03
N GLY E 247 -0.32 -32.96 2.25
CA GLY E 247 -0.96 -31.66 2.33
C GLY E 247 -2.34 -31.66 1.68
N GLN E 248 -2.47 -32.43 0.60
CA GLN E 248 -3.74 -32.56 -0.11
C GLN E 248 -4.77 -33.24 0.79
N GLU E 249 -4.32 -34.20 1.59
CA GLU E 249 -5.23 -34.90 2.48
C GLU E 249 -5.68 -33.99 3.63
N ARG E 250 -4.75 -33.20 4.16
CA ARG E 250 -5.11 -32.26 5.23
C ARG E 250 -6.10 -31.26 4.65
N ALA E 252 -8.16 -31.80 2.09
CA ALA E 252 -9.41 -32.53 1.88
C ALA E 252 -10.21 -32.70 3.17
N ARG E 253 -9.53 -33.11 4.23
CA ARG E 253 -10.21 -33.31 5.51
C ARG E 253 -10.76 -31.98 6.02
N THR E 254 -10.01 -30.90 5.79
CA THR E 254 -10.45 -29.58 6.20
C THR E 254 -11.73 -29.22 5.44
N LEU E 255 -11.72 -29.44 4.13
CA LEU E 255 -12.87 -29.16 3.29
C LEU E 255 -14.08 -29.96 3.73
N TYR E 257 -15.15 -30.96 6.62
CA TYR E 257 -15.88 -30.37 7.72
C TYR E 257 -16.30 -28.92 7.50
N GLN E 258 -15.58 -28.19 6.66
CA GLN E 258 -15.92 -26.81 6.35
C GLN E 258 -17.17 -26.77 5.46
N LEU E 259 -17.31 -27.77 4.60
CA LEU E 259 -18.46 -27.84 3.69
C LEU E 259 -19.73 -28.30 4.40
N LEU E 260 -19.58 -28.74 5.64
CA LEU E 260 -20.71 -29.21 6.44
C LEU E 260 -21.72 -28.07 6.66
N ALA E 261 -21.23 -26.85 6.63
CA ALA E 261 -22.07 -25.67 6.85
C ALA E 261 -22.86 -25.18 5.63
N LEU E 262 -22.68 -25.85 4.49
CA LEU E 262 -23.35 -25.46 3.26
C LEU E 262 -24.13 -26.59 2.61
N PRO E 263 -25.38 -26.33 2.21
CA PRO E 263 -26.19 -27.36 1.57
C PRO E 263 -25.83 -27.50 0.09
N VAL E 264 -26.21 -28.62 -0.51
CA VAL E 264 -25.98 -28.83 -1.93
C VAL E 264 -27.36 -28.92 -2.55
N ALA E 265 -28.17 -29.84 -2.04
CA ALA E 265 -29.54 -30.01 -2.54
C ALA E 265 -30.42 -29.00 -1.81
N PHE E 266 -30.97 -28.05 -2.55
CA PHE E 266 -31.84 -27.04 -1.95
C PHE E 266 -33.28 -27.54 -1.87
N ILE F 20 -23.99 -37.33 15.74
CA ILE F 20 -24.38 -35.98 16.21
C ILE F 20 -25.77 -35.59 15.68
N GLN F 21 -26.51 -34.86 16.50
CA GLN F 21 -27.86 -34.42 16.12
C GLN F 21 -27.86 -32.91 15.93
N HIS F 22 -28.76 -32.41 15.08
CA HIS F 22 -28.83 -30.98 14.83
C HIS F 22 -29.26 -30.28 16.11
N PRO F 23 -28.44 -29.33 16.59
CA PRO F 23 -28.76 -28.59 17.82
C PRO F 23 -30.06 -27.80 17.82
N TRP F 24 -30.59 -27.50 16.64
CA TRP F 24 -31.84 -26.74 16.55
C TRP F 24 -33.08 -27.62 16.37
N GLN F 25 -32.86 -28.93 16.28
CA GLN F 25 -33.95 -29.88 16.12
C GLN F 25 -34.98 -29.77 17.25
N GLY F 26 -36.25 -29.69 16.88
CA GLY F 26 -37.32 -29.61 17.85
C GLY F 26 -37.35 -28.41 18.77
N LYS F 27 -36.62 -27.35 18.44
CA LYS F 27 -36.60 -26.18 19.30
C LYS F 27 -37.67 -25.17 18.90
N LYS F 28 -37.96 -24.24 19.80
CA LYS F 28 -38.94 -23.20 19.52
C LYS F 28 -38.12 -21.96 19.23
N VAL F 29 -38.37 -21.34 18.08
CA VAL F 29 -37.58 -20.18 17.66
C VAL F 29 -38.37 -18.93 17.31
N GLY F 30 -37.89 -17.80 17.80
CA GLY F 30 -38.53 -16.53 17.50
C GLY F 30 -37.88 -15.91 16.28
N TYR F 31 -38.68 -15.49 15.31
CA TYR F 31 -38.15 -14.88 14.09
C TYR F 31 -38.53 -13.41 14.00
N ILE F 32 -37.53 -12.55 14.06
CA ILE F 32 -37.72 -11.11 14.01
C ILE F 32 -37.24 -10.59 12.65
N GLY F 33 -38.03 -9.72 12.02
CA GLY F 33 -37.62 -9.19 10.73
C GLY F 33 -38.63 -8.34 9.99
N ASP F 34 -38.57 -8.40 8.65
CA ASP F 34 -39.47 -7.62 7.80
C ASP F 34 -40.39 -8.48 6.94
N SER F 35 -40.77 -7.98 5.77
CA SER F 35 -41.69 -8.73 4.91
C SER F 35 -41.14 -10.08 4.47
N ILE F 36 -39.83 -10.19 4.39
CA ILE F 36 -39.22 -11.44 3.96
C ILE F 36 -39.42 -12.52 5.03
N THR F 37 -39.82 -12.10 6.22
CA THR F 37 -40.08 -13.01 7.33
C THR F 37 -41.59 -13.04 7.63
N ASP F 38 -42.26 -11.93 7.35
CA ASP F 38 -43.69 -11.73 7.59
C ASP F 38 -44.56 -12.85 7.02
N PRO F 39 -45.37 -13.49 7.88
CA PRO F 39 -46.25 -14.58 7.45
C PRO F 39 -47.22 -14.10 6.37
N ASN F 40 -47.87 -12.97 6.64
CA ASN F 40 -48.83 -12.39 5.72
C ASN F 40 -48.15 -11.46 4.73
N ASN F 45 -48.89 -16.95 -1.32
CA ASN F 45 -48.16 -16.82 -2.57
C ASN F 45 -46.70 -17.23 -2.36
N ILE F 46 -46.21 -17.05 -1.14
CA ILE F 46 -44.83 -17.39 -0.80
C ILE F 46 -44.73 -18.15 0.51
N LYS F 47 -44.06 -19.30 0.48
CA LYS F 47 -43.86 -20.11 1.68
C LYS F 47 -42.53 -19.61 2.27
N LYS F 48 -42.57 -19.18 3.54
CA LYS F 48 -41.38 -18.62 4.20
C LYS F 48 -40.37 -19.64 4.73
N TYR F 49 -39.12 -19.19 4.85
CA TYR F 49 -38.04 -20.04 5.32
C TYR F 49 -38.32 -20.74 6.65
N TRP F 50 -38.94 -20.04 7.59
CA TRP F 50 -39.22 -20.64 8.89
C TRP F 50 -40.26 -21.75 8.79
N ASP F 51 -41.03 -21.74 7.72
CA ASP F 51 -42.05 -22.77 7.53
C ASP F 51 -41.38 -24.06 7.07
N PHE F 52 -40.31 -23.91 6.29
CA PHE F 52 -39.55 -25.06 5.81
C PHE F 52 -38.77 -25.66 6.99
N LEU F 53 -38.20 -24.81 7.82
CA LEU F 53 -37.44 -25.29 8.98
C LEU F 53 -38.37 -26.04 9.94
N LYS F 54 -39.61 -25.57 10.03
CA LYS F 54 -40.58 -26.22 10.90
C LYS F 54 -40.79 -27.66 10.42
N GLU F 55 -40.91 -27.82 9.11
CA GLU F 55 -41.12 -29.13 8.51
C GLU F 55 -39.89 -30.03 8.57
N TRP F 56 -38.73 -29.48 8.25
CA TRP F 56 -37.49 -30.25 8.24
C TRP F 56 -36.91 -30.59 9.60
N LEU F 57 -36.86 -29.60 10.50
CA LEU F 57 -36.28 -29.81 11.83
C LEU F 57 -37.26 -29.77 12.99
N GLY F 58 -38.54 -29.66 12.71
CA GLY F 58 -39.52 -29.61 13.79
C GLY F 58 -39.39 -28.38 14.66
N ILE F 59 -38.98 -27.27 14.05
CA ILE F 59 -38.81 -26.02 14.79
C ILE F 59 -40.10 -25.23 14.82
N THR F 60 -40.69 -25.10 16.00
CA THR F 60 -41.93 -24.34 16.18
C THR F 60 -41.59 -22.86 15.99
N PRO F 61 -42.21 -22.21 15.00
CA PRO F 61 -41.93 -20.79 14.76
C PRO F 61 -42.83 -19.77 15.44
N PHE F 62 -42.21 -18.73 16.00
CA PHE F 62 -42.91 -17.62 16.64
C PHE F 62 -42.46 -16.44 15.77
N VAL F 63 -43.25 -16.12 14.76
CA VAL F 63 -42.90 -15.08 13.79
C VAL F 63 -43.41 -13.66 14.04
N TYR F 64 -42.47 -12.73 14.23
CA TYR F 64 -42.84 -11.34 14.47
C TYR F 64 -42.45 -10.38 13.37
N GLY F 65 -41.82 -10.91 12.32
CA GLY F 65 -41.43 -10.06 11.21
C GLY F 65 -42.66 -9.40 10.59
N ILE F 66 -42.54 -8.11 10.26
CA ILE F 66 -43.64 -7.37 9.67
C ILE F 66 -43.15 -6.53 8.48
N SER F 67 -43.95 -6.50 7.43
CA SER F 67 -43.63 -5.78 6.20
C SER F 67 -43.13 -4.35 6.38
N GLY F 68 -42.06 -4.02 5.68
CA GLY F 68 -41.50 -2.68 5.71
C GLY F 68 -40.77 -2.25 6.97
N ARG F 69 -40.78 -3.08 8.01
CA ARG F 69 -40.12 -2.71 9.25
C ARG F 69 -38.60 -2.60 9.17
N GLN F 70 -38.04 -1.82 10.08
CA GLN F 70 -36.62 -1.57 10.11
C GLN F 70 -36.02 -1.95 11.47
N TRP F 71 -34.72 -1.73 11.63
CA TRP F 71 -34.06 -2.08 12.87
C TRP F 71 -34.63 -1.37 14.10
N ASP F 72 -35.32 -0.25 13.90
CA ASP F 72 -35.89 0.44 15.04
C ASP F 72 -37.08 -0.33 15.62
N ASP F 73 -37.55 -1.34 14.88
CA ASP F 73 -38.70 -2.15 15.33
C ASP F 73 -38.25 -3.40 16.07
N VAL F 74 -36.95 -3.63 16.19
CA VAL F 74 -36.46 -4.82 16.87
C VAL F 74 -36.88 -4.90 18.34
N PRO F 75 -36.77 -3.79 19.09
CA PRO F 75 -37.19 -3.85 20.50
C PRO F 75 -38.67 -4.24 20.64
N ARG F 76 -39.53 -3.64 19.83
CA ARG F 76 -40.96 -3.94 19.89
C ARG F 76 -41.25 -5.41 19.62
N GLN F 77 -40.63 -5.95 18.56
CA GLN F 77 -40.82 -7.36 18.21
C GLN F 77 -40.27 -8.27 19.31
N ALA F 78 -39.12 -7.92 19.86
CA ALA F 78 -38.53 -8.71 20.94
C ALA F 78 -39.44 -8.72 22.16
N GLU F 79 -40.00 -7.56 22.49
CA GLU F 79 -40.88 -7.42 23.63
C GLU F 79 -42.17 -8.24 23.49
N LYS F 80 -42.72 -8.25 22.28
CA LYS F 80 -43.95 -9.00 22.03
C LYS F 80 -43.63 -10.50 22.15
N LEU F 81 -42.48 -10.90 21.64
CA LEU F 81 -42.05 -12.30 21.72
C LEU F 81 -41.92 -12.72 23.17
N LYS F 82 -41.30 -11.85 23.98
CA LYS F 82 -41.11 -12.14 25.40
C LYS F 82 -42.47 -12.28 26.09
N LYS F 83 -43.36 -11.32 25.82
CA LYS F 83 -44.69 -11.34 26.44
C LYS F 83 -45.52 -12.57 26.09
N GLU F 84 -45.57 -12.92 24.81
CA GLU F 84 -46.38 -14.06 24.40
C GLU F 84 -45.73 -15.44 24.49
N HIS F 85 -44.40 -15.50 24.45
CA HIS F 85 -43.72 -16.81 24.49
C HIS F 85 -42.43 -16.83 25.31
N GLY F 86 -42.28 -15.90 26.23
CA GLY F 86 -41.07 -15.83 27.04
C GLY F 86 -40.63 -17.12 27.70
N GLY F 87 -41.57 -17.88 28.25
CA GLY F 87 -41.21 -19.11 28.92
C GLY F 87 -41.09 -20.32 28.01
N GLU F 88 -41.28 -20.11 26.71
CA GLU F 88 -41.22 -21.19 25.72
C GLU F 88 -40.06 -21.11 24.73
N VAL F 89 -39.78 -19.91 24.24
CA VAL F 89 -38.74 -19.71 23.24
C VAL F 89 -37.33 -20.17 23.65
N ASP F 90 -36.68 -20.88 22.74
CA ASP F 90 -35.33 -21.39 22.97
C ASP F 90 -34.26 -20.55 22.28
N ALA F 91 -34.60 -19.98 21.13
CA ALA F 91 -33.65 -19.18 20.38
C ALA F 91 -34.33 -18.08 19.56
N ILE F 92 -33.54 -17.11 19.12
CA ILE F 92 -34.06 -16.00 18.35
C ILE F 92 -33.17 -15.64 17.17
N LEU F 93 -33.78 -15.45 16.01
CA LEU F 93 -33.05 -15.05 14.81
C LEU F 93 -33.55 -13.67 14.41
N VAL F 94 -32.62 -12.78 14.09
CA VAL F 94 -32.95 -11.42 13.69
C VAL F 94 -32.47 -11.21 12.27
N PHE F 95 -33.41 -11.00 11.36
CA PHE F 95 -33.15 -10.83 9.93
C PHE F 95 -33.77 -9.47 9.58
N GLY F 97 -32.88 -5.03 8.30
CA GLY F 97 -31.94 -4.06 7.78
C GLY F 97 -32.11 -3.56 6.35
N THR F 98 -32.64 -4.40 5.46
CA THR F 98 -32.80 -3.97 4.08
C THR F 98 -33.69 -2.73 3.96
N ASN F 99 -34.68 -2.60 4.84
CA ASN F 99 -35.56 -1.44 4.82
C ASN F 99 -34.88 -0.18 5.38
N ASP F 100 -33.89 -0.37 6.25
CA ASP F 100 -33.17 0.77 6.80
C ASP F 100 -32.41 1.41 5.64
N TYR F 101 -31.88 0.56 4.77
CA TYR F 101 -31.16 1.04 3.60
C TYR F 101 -32.13 1.80 2.69
N ASN F 102 -33.27 1.17 2.40
CA ASN F 102 -34.24 1.79 1.52
C ASN F 102 -34.80 3.10 2.05
N SER F 103 -34.91 3.21 3.37
CA SER F 103 -35.45 4.42 4.00
C SER F 103 -34.39 5.47 4.27
N SER F 104 -33.20 5.27 3.72
CA SER F 104 -32.11 6.22 3.88
C SER F 104 -31.79 6.57 5.33
N VAL F 105 -31.69 5.55 6.18
CA VAL F 105 -31.36 5.75 7.59
C VAL F 105 -29.85 5.96 7.69
N PRO F 106 -29.41 7.13 8.17
CA PRO F 106 -27.98 7.41 8.30
C PRO F 106 -27.27 6.37 9.16
N ILE F 107 -26.09 5.93 8.74
CA ILE F 107 -25.33 4.92 9.49
C ILE F 107 -25.00 5.37 10.92
N GLY F 108 -24.53 6.61 11.07
CA GLY F 108 -24.21 7.13 12.39
C GLY F 108 -22.93 6.64 13.04
N GLU F 109 -22.95 6.56 14.38
CA GLU F 109 -21.79 6.15 15.16
C GLU F 109 -22.12 5.10 16.20
N TRP F 110 -21.19 4.18 16.46
CA TRP F 110 -21.40 3.14 17.46
C TRP F 110 -21.28 3.73 18.87
N PHE F 111 -20.25 4.56 19.07
CA PHE F 111 -19.99 5.18 20.37
C PHE F 111 -19.62 6.66 20.27
N THR F 112 -19.55 7.29 21.44
CA THR F 112 -19.09 8.67 21.58
C THR F 112 -18.01 8.44 22.64
N GLU F 113 -16.96 9.25 22.65
CA GLU F 113 -15.93 9.03 23.64
C GLU F 113 -15.36 10.31 24.22
N GLN F 114 -14.75 10.17 25.39
CA GLN F 114 -14.16 11.30 26.07
C GLN F 114 -13.29 10.83 27.23
N GLU F 115 -12.42 11.73 27.68
CA GLU F 115 -11.52 11.41 28.78
C GLU F 115 -12.30 11.31 30.09
N GLU F 116 -11.92 10.34 30.92
CA GLU F 116 -12.55 10.16 32.21
C GLU F 116 -11.46 9.74 33.19
N GLN F 117 -11.77 9.77 34.48
CA GLN F 117 -10.82 9.36 35.51
C GLN F 117 -11.43 8.12 36.14
N VAL F 118 -10.61 7.09 36.33
CA VAL F 118 -11.10 5.84 36.90
C VAL F 118 -10.03 5.15 37.74
N LEU F 119 -10.44 4.42 38.76
CA LEU F 119 -9.48 3.70 39.61
C LEU F 119 -8.92 2.53 38.84
N SER F 120 -7.60 2.36 38.90
CA SER F 120 -6.92 1.28 38.20
C SER F 120 -5.71 0.86 39.01
N ALA F 121 -5.38 -0.43 38.95
CA ALA F 121 -4.25 -0.94 39.69
C ALA F 121 -3.70 -2.20 39.03
N HIS F 122 -2.40 -2.23 38.85
CA HIS F 122 -1.74 -3.38 38.23
C HIS F 122 -0.39 -3.64 38.89
N GLY F 123 -0.43 -4.07 40.15
CA GLY F 123 0.79 -4.38 40.86
C GLY F 123 1.06 -3.43 42.02
N GLU F 124 0.59 -2.20 41.90
CA GLU F 124 0.78 -1.21 42.95
C GLU F 124 -0.57 -0.64 43.41
N LYS F 126 -3.91 1.09 44.03
CA LYS F 126 -4.87 1.65 43.10
C LYS F 126 -4.89 3.17 43.18
N LYS F 127 -5.14 3.82 42.05
CA LYS F 127 -5.20 5.27 42.01
C LYS F 127 -5.99 5.74 40.79
N VAL F 129 -6.70 7.32 37.40
CA VAL F 129 -5.93 7.51 36.18
C VAL F 129 -6.82 7.95 35.04
N THR F 130 -6.25 8.67 34.09
CA THR F 130 -7.00 9.15 32.94
C THR F 130 -7.07 8.06 31.88
N ARG F 131 -8.30 7.75 31.47
CA ARG F 131 -8.51 6.72 30.45
C ARG F 131 -9.70 7.14 29.59
N LYS F 132 -9.52 7.04 28.28
CA LYS F 132 -10.58 7.40 27.34
C LYS F 132 -11.70 6.37 27.52
N LYS F 133 -12.93 6.84 27.68
CA LYS F 133 -14.07 5.95 27.88
C LYS F 133 -15.09 6.13 26.77
N ARG F 134 -15.61 5.03 26.26
CA ARG F 134 -16.62 5.09 25.19
C ARG F 134 -18.01 4.80 25.74
N THR F 135 -19.02 5.41 25.13
CA THR F 135 -20.40 5.22 25.55
C THR F 135 -21.24 4.93 24.31
N PRO F 136 -21.99 3.82 24.30
CA PRO F 136 -22.83 3.49 23.14
C PRO F 136 -23.84 4.58 22.83
N VAL F 137 -24.03 4.86 21.54
CA VAL F 137 -25.01 5.85 21.14
C VAL F 137 -26.36 5.15 21.03
N THR F 139 -29.71 5.70 19.93
CA THR F 139 -30.65 6.55 19.21
C THR F 139 -31.31 5.82 18.05
N GLN F 140 -32.57 6.17 17.79
CA GLN F 140 -33.32 5.57 16.70
C GLN F 140 -33.05 6.36 15.41
N ASP F 141 -32.29 7.44 15.52
CA ASP F 141 -31.97 8.30 14.38
C ASP F 141 -30.97 7.70 13.40
N THR F 142 -30.17 6.75 13.86
CA THR F 142 -29.15 6.14 13.01
C THR F 142 -29.23 4.61 13.00
N TYR F 143 -28.60 4.00 12.01
CA TYR F 143 -28.61 2.55 11.90
C TYR F 143 -27.79 1.92 13.02
N ARG F 144 -26.60 2.46 13.28
CA ARG F 144 -25.77 1.92 14.35
C ARG F 144 -26.48 2.14 15.69
N GLY F 145 -27.14 3.27 15.83
CA GLY F 145 -27.87 3.55 17.06
C GLY F 145 -28.98 2.54 17.25
N ARG F 146 -29.69 2.22 16.18
CA ARG F 146 -30.79 1.26 16.23
C ARG F 146 -30.29 -0.13 16.59
N ILE F 147 -29.11 -0.48 16.08
CA ILE F 147 -28.52 -1.79 16.36
C ILE F 147 -28.10 -1.85 17.84
N ASN F 148 -27.57 -0.74 18.37
CA ASN F 148 -27.18 -0.71 19.78
C ASN F 148 -28.42 -0.93 20.66
N ILE F 149 -29.49 -0.22 20.34
CA ILE F 149 -30.73 -0.32 21.10
C ILE F 149 -31.36 -1.71 20.97
N GLY F 150 -31.38 -2.22 19.74
CA GLY F 150 -31.95 -3.53 19.47
C GLY F 150 -31.23 -4.68 20.15
N ILE F 151 -29.91 -4.74 19.98
CA ILE F 151 -29.17 -5.82 20.63
C ILE F 151 -29.23 -5.69 22.14
N THR F 152 -29.22 -4.46 22.66
CA THR F 152 -29.30 -4.27 24.10
C THR F 152 -30.61 -4.86 24.61
N GLN F 153 -31.72 -4.53 23.96
CA GLN F 153 -33.02 -5.06 24.36
C GLN F 153 -33.08 -6.57 24.26
N LEU F 154 -32.53 -7.13 23.18
CA LEU F 154 -32.52 -8.58 22.99
C LEU F 154 -31.81 -9.29 24.15
N LYS F 155 -30.64 -8.78 24.51
CA LYS F 155 -29.87 -9.38 25.60
C LYS F 155 -30.51 -9.15 26.96
N LYS F 156 -31.16 -8.01 27.14
CA LYS F 156 -31.82 -7.74 28.42
C LYS F 156 -33.01 -8.67 28.64
N LEU F 157 -33.77 -8.90 27.57
CA LEU F 157 -34.96 -9.75 27.63
C LEU F 157 -34.68 -11.25 27.55
N PHE F 158 -33.64 -11.61 26.80
CA PHE F 158 -33.27 -13.01 26.61
C PHE F 158 -31.79 -13.24 26.85
N PRO F 159 -31.30 -12.89 28.05
CA PRO F 159 -29.88 -13.04 28.38
C PRO F 159 -29.31 -14.45 28.33
N ASP F 160 -30.15 -15.46 28.54
CA ASP F 160 -29.70 -16.84 28.56
C ASP F 160 -30.01 -17.65 27.30
N LYS F 161 -30.44 -16.97 26.24
CA LYS F 161 -30.79 -17.66 25.00
C LYS F 161 -29.79 -17.42 23.86
N GLN F 162 -29.89 -18.28 22.85
CA GLN F 162 -29.06 -18.19 21.66
C GLN F 162 -29.73 -17.18 20.74
N ILE F 163 -29.06 -16.05 20.51
CA ILE F 163 -29.62 -15.01 19.63
C ILE F 163 -28.65 -14.83 18.48
N VAL F 164 -29.17 -14.89 17.26
CA VAL F 164 -28.33 -14.78 16.06
C VAL F 164 -28.82 -13.73 15.07
N LEU F 165 -27.89 -12.99 14.49
CA LEU F 165 -28.25 -11.97 13.51
C LEU F 165 -27.92 -12.48 12.11
N LEU F 166 -28.77 -12.16 11.14
CA LEU F 166 -28.55 -12.54 9.76
C LEU F 166 -28.42 -11.26 8.96
N THR F 167 -27.43 -11.20 8.07
CA THR F 167 -27.25 -10.00 7.26
C THR F 167 -28.28 -9.97 6.13
N PRO F 168 -28.69 -8.75 5.70
CA PRO F 168 -29.66 -8.55 4.63
C PRO F 168 -29.19 -9.15 3.31
N LEU F 169 -30.14 -9.60 2.50
CA LEU F 169 -29.85 -10.21 1.21
C LEU F 169 -29.58 -9.17 0.15
N HIS F 170 -28.91 -9.60 -0.92
CA HIS F 170 -28.65 -8.72 -2.04
C HIS F 170 -30.04 -8.38 -2.58
N ARG F 171 -30.17 -7.22 -3.22
CA ARG F 171 -31.45 -6.77 -3.71
C ARG F 171 -31.36 -5.95 -5.00
N SER F 172 -32.41 -6.01 -5.80
CA SER F 172 -32.47 -5.27 -7.05
C SER F 172 -33.72 -4.39 -7.03
N LEU F 173 -34.15 -3.93 -8.20
CA LEU F 173 -35.30 -3.03 -8.30
C LEU F 173 -36.62 -3.58 -7.74
N ALA F 174 -37.44 -2.67 -7.22
CA ALA F 174 -38.75 -3.03 -6.67
C ALA F 174 -39.69 -1.84 -6.83
N ASN F 175 -40.74 -2.01 -7.62
CA ASN F 175 -41.70 -0.95 -7.87
C ASN F 175 -43.11 -1.35 -7.46
N PHE F 176 -43.64 -0.71 -6.42
CA PHE F 176 -44.99 -1.01 -5.93
C PHE F 176 -45.85 0.26 -5.92
N GLY F 177 -46.14 0.81 -7.09
CA GLY F 177 -46.94 2.02 -7.15
C GLY F 177 -46.11 3.27 -7.30
N ASP F 178 -46.76 4.38 -7.60
CA ASP F 178 -46.08 5.65 -7.80
C ASP F 178 -45.44 6.27 -6.56
N LYS F 179 -45.73 5.73 -5.38
CA LYS F 179 -45.15 6.27 -4.15
C LYS F 179 -44.17 5.29 -3.50
N ASN F 180 -43.90 4.18 -4.18
CA ASN F 180 -42.97 3.17 -3.66
C ASN F 180 -42.11 2.65 -4.81
N VAL F 181 -41.01 3.34 -5.07
CA VAL F 181 -40.10 2.96 -6.14
C VAL F 181 -38.70 2.86 -5.55
N GLN F 182 -38.15 1.65 -5.57
CA GLN F 182 -36.84 1.40 -5.00
C GLN F 182 -35.81 0.98 -6.05
N PRO F 183 -34.80 1.82 -6.29
CA PRO F 183 -33.75 1.53 -7.28
C PRO F 183 -32.91 0.34 -6.81
N ASP F 184 -32.32 -0.40 -7.75
CA ASP F 184 -31.51 -1.57 -7.41
C ASP F 184 -30.29 -1.18 -6.55
N GLU F 185 -29.59 -2.19 -6.03
CA GLU F 185 -28.44 -1.93 -5.16
C GLU F 185 -27.20 -1.33 -5.78
N SER F 186 -27.24 -0.95 -7.05
CA SER F 186 -26.07 -0.34 -7.67
C SER F 186 -26.13 1.16 -7.34
N TYR F 187 -27.23 1.57 -6.71
CA TYR F 187 -27.42 2.98 -6.34
C TYR F 187 -27.29 3.21 -4.85
N GLN F 188 -26.72 4.35 -4.47
CA GLN F 188 -26.63 4.69 -3.06
C GLN F 188 -28.05 5.16 -2.75
N ASN F 189 -28.42 5.16 -1.47
CA ASN F 189 -29.73 5.62 -1.08
C ASN F 189 -29.71 7.13 -0.91
N GLY F 190 -30.75 7.66 -0.27
CA GLY F 190 -30.87 9.09 -0.05
C GLY F 190 -29.88 9.74 0.91
N CYS F 191 -29.15 8.94 1.67
CA CYS F 191 -28.17 9.52 2.58
C CYS F 191 -26.76 9.15 2.15
N GLY F 192 -26.63 8.83 0.86
CA GLY F 192 -25.34 8.50 0.27
C GLY F 192 -24.66 7.21 0.69
N GLU F 193 -25.43 6.17 0.94
CA GLU F 193 -24.87 4.89 1.36
C GLU F 193 -25.35 3.74 0.47
N TYR F 194 -24.44 2.81 0.20
CA TYR F 194 -24.77 1.62 -0.59
C TYR F 194 -25.30 0.61 0.43
N ILE F 195 -26.01 -0.41 -0.04
CA ILE F 195 -26.54 -1.43 0.85
C ILE F 195 -25.41 -2.06 1.68
N ASP F 196 -24.20 -2.01 1.12
CA ASP F 196 -23.02 -2.58 1.79
C ASP F 196 -22.86 -2.10 3.24
N ALA F 197 -23.09 -0.82 3.47
CA ALA F 197 -22.93 -0.28 4.83
C ALA F 197 -23.90 -0.90 5.83
N TYR F 198 -25.11 -1.25 5.35
CA TYR F 198 -26.12 -1.84 6.22
C TYR F 198 -25.83 -3.31 6.49
N VAL F 199 -25.08 -3.94 5.59
CA VAL F 199 -24.70 -5.33 5.73
C VAL F 199 -23.51 -5.39 6.69
N GLN F 200 -22.50 -4.57 6.41
CA GLN F 200 -21.30 -4.55 7.23
C GLN F 200 -21.53 -4.14 8.70
N ALA F 201 -22.48 -3.25 8.95
CA ALA F 201 -22.75 -2.83 10.32
C ALA F 201 -23.20 -4.02 11.17
N ILE F 202 -24.00 -4.90 10.57
CA ILE F 202 -24.49 -6.07 11.27
C ILE F 202 -23.33 -7.04 11.53
N LYS F 203 -22.47 -7.23 10.54
CA LYS F 203 -21.32 -8.11 10.70
C LYS F 203 -20.40 -7.60 11.81
N GLU F 204 -20.21 -6.28 11.84
CA GLU F 204 -19.35 -5.65 12.86
C GLU F 204 -19.96 -5.71 14.25
N ALA F 205 -21.29 -5.77 14.30
CA ALA F 205 -21.99 -5.84 15.58
C ALA F 205 -21.64 -7.12 16.34
N GLY F 206 -21.17 -8.13 15.59
CA GLY F 206 -20.79 -9.39 16.21
C GLY F 206 -19.77 -9.22 17.31
N ASN F 207 -18.66 -8.55 17.01
CA ASN F 207 -17.62 -8.31 18.01
C ASN F 207 -17.97 -7.13 18.91
N ILE F 208 -18.63 -6.12 18.36
CA ILE F 208 -18.99 -4.95 19.15
C ILE F 208 -19.90 -5.30 20.33
N TRP F 209 -20.90 -6.13 20.09
CA TRP F 209 -21.85 -6.53 21.13
C TRP F 209 -21.70 -7.95 21.67
N GLY F 210 -20.92 -8.78 20.99
CA GLY F 210 -20.75 -10.16 21.44
C GLY F 210 -21.97 -10.98 21.08
N ILE F 211 -22.15 -11.22 19.79
CA ILE F 211 -23.30 -11.99 19.32
C ILE F 211 -22.96 -12.65 17.99
N PRO F 212 -23.44 -13.88 17.76
CA PRO F 212 -23.13 -14.54 16.49
C PRO F 212 -23.85 -13.92 15.30
N VAL F 213 -23.17 -13.93 14.17
CA VAL F 213 -23.72 -13.37 12.94
C VAL F 213 -23.55 -14.36 11.79
N ILE F 214 -24.64 -14.65 11.09
CA ILE F 214 -24.58 -15.53 9.93
C ILE F 214 -24.63 -14.56 8.75
N ASP F 215 -23.58 -14.58 7.92
CA ASP F 215 -23.53 -13.67 6.79
C ASP F 215 -24.38 -14.16 5.62
N PHE F 216 -25.69 -14.14 5.85
CA PHE F 216 -26.70 -14.57 4.90
C PHE F 216 -26.51 -13.89 3.53
N ASN F 217 -26.15 -12.62 3.57
CA ASN F 217 -25.91 -11.84 2.36
C ASN F 217 -25.01 -12.59 1.40
N ALA F 218 -24.01 -13.28 1.95
CA ALA F 218 -23.07 -14.03 1.14
C ALA F 218 -23.39 -15.53 1.01
N VAL F 219 -23.58 -16.21 2.14
CA VAL F 219 -23.81 -17.66 2.09
C VAL F 219 -25.03 -18.19 1.34
N THR F 220 -26.08 -17.40 1.19
CA THR F 220 -27.26 -17.87 0.46
C THR F 220 -26.92 -18.00 -1.03
N GLY F 221 -25.92 -17.25 -1.47
CA GLY F 221 -25.52 -17.29 -2.87
C GLY F 221 -26.58 -16.74 -3.80
N ASN F 223 -28.16 -13.56 -5.60
CA ASN F 223 -27.93 -12.17 -6.01
C ASN F 223 -28.82 -11.80 -7.20
N PRO F 224 -29.90 -11.05 -6.95
CA PRO F 224 -30.82 -10.63 -8.02
C PRO F 224 -30.19 -9.71 -9.06
N VAL F 226 -27.86 -10.47 -10.77
CA VAL F 226 -27.54 -11.37 -11.86
C VAL F 226 -28.92 -11.91 -12.25
N GLU F 227 -29.43 -11.45 -13.39
CA GLU F 227 -30.76 -11.83 -13.83
C GLU F 227 -31.08 -13.33 -13.83
N GLU F 228 -30.10 -14.17 -14.17
CA GLU F 228 -30.33 -15.61 -14.17
C GLU F 228 -30.74 -16.13 -12.79
N GLN F 229 -30.37 -15.40 -11.74
CA GLN F 229 -30.72 -15.83 -10.40
C GLN F 229 -32.07 -15.27 -9.94
N LEU F 230 -32.77 -14.56 -10.83
CA LEU F 230 -34.07 -14.02 -10.47
C LEU F 230 -35.10 -15.12 -10.29
N ILE F 231 -34.67 -16.36 -10.53
CA ILE F 231 -35.53 -17.52 -10.35
C ILE F 231 -35.85 -17.63 -8.87
N TYR F 232 -35.10 -16.91 -8.04
CA TYR F 232 -35.28 -16.93 -6.60
C TYR F 232 -36.03 -15.72 -6.07
N PHE F 233 -36.53 -14.87 -6.96
CA PHE F 233 -37.25 -13.68 -6.53
C PHE F 233 -38.67 -13.61 -7.10
N TYR F 234 -39.52 -12.80 -6.48
CA TYR F 234 -40.92 -12.72 -6.85
C TYR F 234 -41.35 -12.43 -8.30
N ASP F 235 -40.92 -11.29 -8.84
CA ASP F 235 -41.31 -10.94 -10.20
C ASP F 235 -40.24 -10.09 -10.86
N ALA F 236 -39.60 -10.63 -11.91
CA ALA F 236 -38.55 -9.91 -12.61
C ALA F 236 -39.01 -8.54 -13.13
N GLY F 237 -40.30 -8.38 -13.33
CA GLY F 237 -40.82 -7.13 -13.85
C GLY F 237 -40.93 -5.97 -12.86
N TYR F 238 -41.27 -6.26 -11.61
CA TYR F 238 -41.42 -5.19 -10.64
C TYR F 238 -40.94 -5.52 -9.22
N ASP F 239 -40.54 -6.76 -8.96
CA ASP F 239 -40.09 -7.11 -7.62
C ASP F 239 -38.88 -8.04 -7.61
N ARG F 240 -37.69 -7.45 -7.58
CA ARG F 240 -36.46 -8.23 -7.54
C ARG F 240 -35.86 -8.02 -6.16
N LEU F 241 -36.74 -7.76 -5.19
CA LEU F 241 -36.37 -7.54 -3.80
C LEU F 241 -36.80 -8.71 -2.91
N HIS F 242 -38.08 -9.08 -3.00
CA HIS F 242 -38.60 -10.18 -2.20
C HIS F 242 -38.39 -11.54 -2.86
N PRO F 243 -37.81 -12.49 -2.11
CA PRO F 243 -37.58 -13.82 -2.68
C PRO F 243 -38.91 -14.53 -2.89
N ASP F 244 -38.97 -15.44 -3.87
CA ASP F 244 -40.18 -16.20 -4.08
C ASP F 244 -40.01 -17.48 -3.24
N THR F 245 -40.94 -18.41 -3.32
CA THR F 245 -40.83 -19.63 -2.53
C THR F 245 -39.51 -20.38 -2.78
N LYS F 246 -39.10 -20.45 -4.05
CA LYS F 246 -37.86 -21.13 -4.39
C LYS F 246 -36.69 -20.49 -3.65
N GLY F 247 -36.70 -19.16 -3.58
CA GLY F 247 -35.63 -18.46 -2.89
C GLY F 247 -35.72 -18.69 -1.39
N GLN F 248 -36.95 -18.68 -0.87
CA GLN F 248 -37.18 -18.92 0.55
C GLN F 248 -36.68 -20.31 0.95
N GLU F 249 -36.84 -21.28 0.05
CA GLU F 249 -36.40 -22.63 0.35
C GLU F 249 -34.87 -22.73 0.35
N ARG F 250 -34.22 -22.02 -0.57
CA ARG F 250 -32.77 -22.03 -0.62
C ARG F 250 -32.24 -21.34 0.64
N ALA F 252 -33.78 -21.26 3.55
CA ALA F 252 -34.03 -22.20 4.64
C ALA F 252 -32.97 -23.29 4.68
N ARG F 253 -32.67 -23.88 3.54
CA ARG F 253 -31.66 -24.93 3.48
C ARG F 253 -30.30 -24.38 3.88
N THR F 254 -30.01 -23.15 3.48
CA THR F 254 -28.75 -22.53 3.83
C THR F 254 -28.69 -22.36 5.35
N LEU F 255 -29.75 -21.80 5.91
CA LEU F 255 -29.82 -21.56 7.34
C LEU F 255 -29.68 -22.87 8.12
N TYR F 257 -27.90 -25.59 7.58
CA TYR F 257 -26.52 -26.02 7.80
C TYR F 257 -25.64 -24.96 8.47
N GLN F 258 -26.01 -23.69 8.33
CA GLN F 258 -25.24 -22.63 8.96
C GLN F 258 -25.49 -22.63 10.47
N LEU F 259 -26.69 -23.03 10.88
CA LEU F 259 -27.04 -23.07 12.30
C LEU F 259 -26.45 -24.28 13.02
N LEU F 260 -25.93 -25.22 12.25
CA LEU F 260 -25.32 -26.42 12.81
C LEU F 260 -24.15 -26.05 13.71
N ALA F 261 -23.54 -24.89 13.45
CA ALA F 261 -22.39 -24.42 14.22
C ALA F 261 -22.72 -23.73 15.54
N LEU F 262 -24.01 -23.56 15.84
CA LEU F 262 -24.43 -22.89 17.07
C LEU F 262 -25.40 -23.71 17.91
N PRO F 263 -25.11 -23.83 19.22
CA PRO F 263 -26.00 -24.61 20.08
C PRO F 263 -27.24 -23.82 20.46
N VAL F 264 -28.27 -24.52 20.94
CA VAL F 264 -29.49 -23.87 21.40
C VAL F 264 -29.58 -24.17 22.90
N ALA F 265 -29.54 -25.44 23.25
CA ALA F 265 -29.58 -25.85 24.65
C ALA F 265 -28.14 -25.77 25.17
N PHE F 266 -27.91 -24.97 26.20
CA PHE F 266 -26.57 -24.84 26.76
C PHE F 266 -26.34 -25.78 27.94
#